data_6Z5U
#
_entry.id   6Z5U
#
_cell.length_a   1.00
_cell.length_b   1.00
_cell.length_c   1.00
_cell.angle_alpha   90.00
_cell.angle_beta   90.00
_cell.angle_gamma   90.00
#
_symmetry.space_group_name_H-M   'P 1'
#
loop_
_entity.id
_entity.type
_entity.pdbx_description
1 polymer 'ABC transporter permease'
2 polymer 'Anti-sigma factor antagonist'
3 polymer 'MCE family protein'
4 polymer 'ABC transporter ATP-binding protein'
5 non-polymer 'PHOSPHOAMINOPHOSPHONIC ACID-ADENYLATE ESTER'
6 non-polymer 'MAGNESIUM ION'
#
loop_
_entity_poly.entity_id
_entity_poly.type
_entity_poly.pdbx_seq_one_letter_code
_entity_poly.pdbx_strand_id
1 'polypeptide(L)'
;MNTIAWLGRLVIERIRGIGVAALMLLQIIFSLPSAGGFGRFVYQMHRVGVMSLLIITVSGLFIGLVLGLQGYSILVNVGS
ESMLGTMVSLTLLRELAPVVAALLFAGRAGSALTAEIGSMKQSEQLASMEMIGVDPLKQIVSPRLWAGIVSLPMLTVIFA
AIGIVGGKLVGVDFLGVDEGSFWSGMQNNVQFGHDVVNGIIKSIVFALLCTWIAVFQGYACDPTPEGIATAMTRTVVYSS
LCVLGFDFVLTAVMFGGI
;
A,B
2 'polypeptide(L)'
;MVQYLNQELVVSGKIDFENAEQQYQAGLAIIKKQTSFPLIVDLKQLEHGNTLALAVLVQWLRQTPQKSGLHFKNVPEKML
KIIQACHLQEDLHLV
;
C,D
3 'polypeptide(L)'
;MKSRTSELAVGIFVIIFGIALFFLAMKVSGLVGTNLSDGYTMKAQFDNVNGLKPRAKVTMSGVTIGRVDSITLDPVTRLA
TVTFDLDGKLTSFNAEQLKEVQKNALDELRYSSDYTQATPAQQKTMEQQLISNMNSITSIDEDAYIMVATNGLLGEKYLK
IVPGGGLNYLKRGDTISNTQGTMDLEDLISKFITGGGAGKVAAGSSSAEEKAPASTDSSAQPSFVE
;
E,G,H,I,J,F
4 'polypeptide(L)'
;MIAIMNNKTPLSTQSLIEVKNLSFNRGERVIYDNISLNIRRGQITAIMGPSGTGKTTLLRLIGGQLVPDQGEVLLDGKDI
AQMSRQELFAARARMGMLFQSGALFTDMSVYENVAFPIRAHTKLSENLIAELVALKLESVGLRGTEQLMPTELSGGMNRR
VALARAIALDPDLIMYDEPFAGQDPIVKGVLTRLIRSLREALDLTTIIVSHDVPETLSIADYIYVVAEGKIQGEGTPEEL
QAYASPFVKQFLTGSAEGPVEYQFSHQAYLDNEVRP
;
K,L
#
loop_
_chem_comp.id
_chem_comp.type
_chem_comp.name
_chem_comp.formula
ANP non-polymer 'PHOSPHOAMINOPHOSPHONIC ACID-ADENYLATE ESTER' 'C10 H17 N6 O12 P3'
MG non-polymer 'MAGNESIUM ION' 'Mg 2'
#
# COMPACT_ATOMS: atom_id res chain seq x y z
N THR A 3 -34.13 -11.62 -11.42
CA THR A 3 -33.63 -12.02 -10.09
C THR A 3 -32.10 -12.36 -10.13
N ILE A 4 -31.75 -13.62 -10.46
CA ILE A 4 -30.38 -14.19 -10.53
C ILE A 4 -29.63 -13.81 -11.81
N ALA A 5 -30.38 -13.77 -12.90
CA ALA A 5 -29.87 -13.52 -14.24
C ALA A 5 -29.22 -12.15 -14.30
N TRP A 6 -29.57 -11.28 -13.37
CA TRP A 6 -29.02 -9.96 -13.30
C TRP A 6 -27.53 -10.03 -13.18
N LEU A 7 -27.05 -10.94 -12.35
CA LEU A 7 -25.64 -11.06 -12.17
C LEU A 7 -25.09 -11.60 -13.42
N GLY A 8 -25.79 -12.56 -13.99
CA GLY A 8 -25.25 -13.17 -15.16
C GLY A 8 -25.06 -12.15 -16.27
N ARG A 9 -26.00 -11.24 -16.44
CA ARG A 9 -25.84 -10.24 -17.45
C ARG A 9 -24.65 -9.33 -17.14
N LEU A 10 -24.46 -8.99 -15.87
CA LEU A 10 -23.33 -8.15 -15.49
C LEU A 10 -22.00 -8.78 -15.81
N VAL A 11 -21.86 -10.07 -15.53
CA VAL A 11 -20.59 -10.71 -15.78
C VAL A 11 -20.30 -10.75 -17.27
N ILE A 12 -21.32 -11.09 -18.04
CA ILE A 12 -21.14 -11.18 -19.46
C ILE A 12 -20.76 -9.84 -20.05
N GLU A 13 -21.41 -8.77 -19.63
CA GLU A 13 -21.00 -7.52 -20.22
C GLU A 13 -19.61 -7.10 -19.78
N ARG A 14 -19.20 -7.36 -18.55
CA ARG A 14 -17.88 -6.90 -18.22
C ARG A 14 -16.83 -7.66 -19.00
N ILE A 15 -17.05 -8.93 -19.25
CA ILE A 15 -16.00 -9.60 -19.97
C ILE A 15 -15.99 -9.14 -21.41
N ARG A 16 -17.15 -8.86 -22.01
CA ARG A 16 -17.13 -8.39 -23.37
C ARG A 16 -16.29 -7.12 -23.46
N GLY A 17 -16.46 -6.25 -22.48
CA GLY A 17 -15.72 -5.01 -22.45
C GLY A 17 -14.22 -5.26 -22.45
N ILE A 18 -13.76 -6.32 -21.79
CA ILE A 18 -12.34 -6.61 -21.78
C ILE A 18 -11.87 -6.89 -23.15
N GLY A 19 -12.67 -7.62 -23.89
CA GLY A 19 -12.25 -7.93 -25.25
C GLY A 19 -12.09 -6.64 -26.04
N VAL A 20 -12.96 -5.67 -25.80
CA VAL A 20 -12.84 -4.43 -26.53
C VAL A 20 -11.57 -3.74 -26.12
N ALA A 21 -11.27 -3.72 -24.82
CA ALA A 21 -10.08 -3.06 -24.36
C ALA A 21 -8.84 -3.67 -24.97
N ALA A 22 -8.83 -4.98 -25.10
CA ALA A 22 -7.69 -5.63 -25.69
C ALA A 22 -7.54 -5.20 -27.13
N LEU A 23 -8.66 -5.04 -27.83
CA LEU A 23 -8.59 -4.65 -29.21
C LEU A 23 -8.06 -3.23 -29.33
N MET A 24 -8.51 -2.35 -28.45
CA MET A 24 -8.05 -0.98 -28.49
C MET A 24 -6.56 -0.92 -28.25
N LEU A 25 -6.05 -1.72 -27.32
CA LEU A 25 -4.63 -1.67 -27.04
C LEU A 25 -3.87 -2.07 -28.27
N LEU A 26 -4.34 -3.09 -28.96
CA LEU A 26 -3.64 -3.46 -30.15
C LEU A 26 -3.66 -2.36 -31.17
N GLN A 27 -4.79 -1.70 -31.35
CA GLN A 27 -4.79 -0.66 -32.34
C GLN A 27 -3.89 0.53 -32.02
N ILE A 28 -3.81 0.92 -30.76
CA ILE A 28 -2.99 2.07 -30.36
C ILE A 28 -1.50 1.80 -30.30
N ILE A 29 -1.10 0.59 -29.92
CA ILE A 29 0.31 0.28 -29.71
C ILE A 29 1.19 0.31 -30.94
N PHE A 30 0.67 0.10 -32.13
CA PHE A 30 1.58 0.12 -33.26
C PHE A 30 2.25 1.47 -33.29
N SER A 31 3.56 1.53 -33.55
CA SER A 31 4.25 2.82 -33.51
C SER A 31 4.04 3.65 -34.78
N LEU A 32 2.85 4.20 -34.83
CA LEU A 32 2.28 5.03 -35.87
C LEU A 32 2.39 6.56 -35.59
N PRO A 33 2.42 7.05 -34.30
CA PRO A 33 2.41 8.45 -33.88
C PRO A 33 3.52 9.29 -34.43
N SER A 34 4.55 8.65 -34.98
CA SER A 34 5.72 9.29 -35.57
C SER A 34 5.32 10.16 -36.75
N ALA A 35 4.09 9.96 -37.22
CA ALA A 35 3.50 10.75 -38.27
C ALA A 35 3.43 12.23 -37.91
N GLY A 36 3.26 12.57 -36.62
CA GLY A 36 3.18 13.97 -36.21
C GLY A 36 4.39 14.34 -35.36
N GLY A 37 4.35 15.48 -34.67
CA GLY A 37 5.49 15.84 -33.85
C GLY A 37 5.37 15.15 -32.50
N PHE A 38 6.43 15.16 -31.69
CA PHE A 38 6.32 14.53 -30.38
C PHE A 38 6.33 15.59 -29.32
N GLY A 39 6.26 16.86 -29.72
CA GLY A 39 6.27 17.95 -28.74
C GLY A 39 5.11 17.74 -27.77
N ARG A 40 4.04 17.16 -28.31
CA ARG A 40 2.85 16.80 -27.60
C ARG A 40 3.17 15.81 -26.49
N PHE A 41 4.09 14.87 -26.72
CA PHE A 41 4.48 13.89 -25.74
C PHE A 41 5.16 14.58 -24.60
N VAL A 42 6.09 15.46 -24.92
CA VAL A 42 6.81 16.11 -23.86
C VAL A 42 5.85 16.87 -23.03
N TYR A 43 4.94 17.57 -23.67
CA TYR A 43 3.93 18.28 -22.94
C TYR A 43 3.08 17.36 -22.08
N GLN A 44 2.61 16.25 -22.62
CA GLN A 44 1.73 15.37 -21.89
C GLN A 44 2.37 14.82 -20.65
N MET A 45 3.67 14.61 -20.72
CA MET A 45 4.42 14.10 -19.59
C MET A 45 4.35 15.01 -18.40
N HIS A 46 4.06 16.27 -18.63
CA HIS A 46 3.95 17.25 -17.60
C HIS A 46 2.85 16.86 -16.65
N ARG A 47 1.72 16.39 -17.21
CA ARG A 47 0.56 16.11 -16.38
C ARG A 47 0.57 14.74 -15.74
N VAL A 48 1.15 13.77 -16.41
CA VAL A 48 1.12 12.44 -15.84
C VAL A 48 2.29 12.23 -14.88
N GLY A 49 3.44 12.79 -15.18
CA GLY A 49 4.65 12.62 -14.40
C GLY A 49 5.03 13.78 -13.51
N VAL A 50 5.41 14.90 -14.08
CA VAL A 50 5.98 15.96 -13.28
C VAL A 50 5.05 16.43 -12.20
N MET A 51 3.79 16.60 -12.51
CA MET A 51 2.83 17.07 -11.52
C MET A 51 2.63 16.13 -10.35
N SER A 52 3.04 14.86 -10.45
CA SER A 52 2.84 13.92 -9.37
C SER A 52 4.07 13.74 -8.49
N LEU A 53 5.18 14.43 -8.78
CA LEU A 53 6.36 14.20 -7.95
C LEU A 53 6.16 14.54 -6.51
N LEU A 54 5.39 15.56 -6.21
CA LEU A 54 5.23 15.90 -4.81
C LEU A 54 4.56 14.80 -4.02
N ILE A 55 3.57 14.16 -4.59
CA ILE A 55 2.84 13.18 -3.82
C ILE A 55 3.67 11.96 -3.61
N ILE A 56 4.36 11.50 -4.64
CA ILE A 56 5.13 10.30 -4.47
C ILE A 56 6.32 10.55 -3.54
N THR A 57 6.91 11.73 -3.56
CA THR A 57 8.03 12.03 -2.67
C THR A 57 7.60 12.03 -1.23
N VAL A 58 6.47 12.66 -0.90
CA VAL A 58 6.08 12.69 0.48
C VAL A 58 5.77 11.29 0.94
N SER A 59 5.09 10.51 0.12
CA SER A 59 4.80 9.16 0.52
C SER A 59 6.08 8.38 0.78
N GLY A 60 7.06 8.49 -0.11
CA GLY A 60 8.29 7.75 0.08
C GLY A 60 8.97 8.09 1.39
N LEU A 61 8.95 9.35 1.79
CA LEU A 61 9.58 9.68 3.05
C LEU A 61 8.86 9.06 4.21
N PHE A 62 7.54 9.08 4.23
CA PHE A 62 6.89 8.47 5.37
C PHE A 62 7.08 6.98 5.39
N ILE A 63 7.05 6.32 4.25
CA ILE A 63 7.26 4.87 4.28
C ILE A 63 8.65 4.54 4.79
N GLY A 64 9.64 5.27 4.36
CA GLY A 64 11.00 5.02 4.80
C GLY A 64 11.09 5.12 6.32
N LEU A 65 10.56 6.20 6.88
CA LEU A 65 10.65 6.39 8.32
C LEU A 65 9.87 5.31 9.07
N VAL A 66 8.72 4.89 8.56
CA VAL A 66 8.00 3.83 9.23
C VAL A 66 8.76 2.54 9.21
N LEU A 67 9.34 2.17 8.08
CA LEU A 67 10.07 0.93 8.05
C LEU A 67 11.20 0.99 9.02
N GLY A 68 11.84 2.15 9.12
CA GLY A 68 12.95 2.29 10.03
C GLY A 68 12.51 1.98 11.46
N LEU A 69 11.45 2.62 11.92
CA LEU A 69 11.03 2.38 13.29
C LEU A 69 10.52 0.96 13.53
N GLN A 70 9.80 0.37 12.58
CA GLN A 70 9.32 -0.98 12.84
C GLN A 70 10.43 -1.99 12.78
N GLY A 71 11.37 -1.79 11.88
CA GLY A 71 12.47 -2.72 11.79
C GLY A 71 13.23 -2.70 13.09
N TYR A 72 13.58 -1.50 13.54
CA TYR A 72 14.35 -1.33 14.74
C TYR A 72 13.71 -1.98 15.97
N SER A 73 12.41 -1.74 16.20
CA SER A 73 11.78 -2.32 17.39
C SER A 73 11.65 -3.84 17.35
N ILE A 74 11.95 -4.46 16.21
CA ILE A 74 11.98 -5.90 16.12
C ILE A 74 13.44 -6.34 16.30
N LEU A 75 14.36 -5.65 15.62
CA LEU A 75 15.77 -6.00 15.63
C LEU A 75 16.43 -5.90 16.98
N VAL A 76 15.96 -4.99 17.81
CA VAL A 76 16.54 -4.87 19.15
C VAL A 76 16.30 -6.15 19.98
N ASN A 77 15.31 -6.98 19.62
CA ASN A 77 15.09 -8.29 20.25
C ASN A 77 15.94 -9.40 19.61
N VAL A 78 16.49 -9.21 18.40
CA VAL A 78 17.53 -10.09 17.84
C VAL A 78 18.93 -9.68 18.34
N GLY A 79 19.15 -8.40 18.62
CA GLY A 79 20.45 -7.80 18.91
C GLY A 79 21.37 -7.64 17.69
N SER A 80 20.81 -7.58 16.49
CA SER A 80 21.53 -7.59 15.20
C SER A 80 21.11 -6.41 14.30
N GLU A 81 21.73 -5.25 14.51
CA GLU A 81 21.25 -3.98 13.91
C GLU A 81 21.66 -3.77 12.45
N SER A 82 22.52 -4.65 11.91
CA SER A 82 23.08 -4.61 10.55
C SER A 82 21.98 -4.91 9.55
N MET A 83 20.92 -5.45 10.10
CA MET A 83 19.76 -5.82 9.37
C MET A 83 19.00 -4.58 8.91
N LEU A 84 19.22 -3.40 9.52
CA LEU A 84 18.45 -2.29 9.00
C LEU A 84 18.84 -2.05 7.58
N GLY A 85 20.11 -2.15 7.27
CA GLY A 85 20.52 -1.92 5.90
C GLY A 85 19.93 -2.97 4.99
N THR A 86 20.10 -4.23 5.38
CA THR A 86 19.65 -5.29 4.52
C THR A 86 18.14 -5.28 4.28
N MET A 87 17.34 -5.05 5.34
CA MET A 87 15.88 -5.04 5.20
C MET A 87 15.29 -3.77 4.66
N VAL A 88 15.86 -2.60 4.95
CA VAL A 88 15.23 -1.43 4.37
C VAL A 88 15.39 -1.55 2.87
N SER A 89 16.58 -1.92 2.41
CA SER A 89 16.79 -2.05 0.99
C SER A 89 15.94 -3.14 0.36
N LEU A 90 15.94 -4.36 0.89
CA LEU A 90 15.12 -5.35 0.23
C LEU A 90 13.63 -5.05 0.25
N THR A 91 13.13 -4.52 1.34
CA THR A 91 11.71 -4.28 1.38
C THR A 91 11.32 -3.28 0.32
N LEU A 92 12.03 -2.17 0.24
CA LEU A 92 11.66 -1.17 -0.73
C LEU A 92 11.92 -1.60 -2.16
N LEU A 93 13.02 -2.28 -2.43
CA LEU A 93 13.26 -2.60 -3.80
C LEU A 93 12.42 -3.72 -4.32
N ARG A 94 12.11 -4.72 -3.49
CA ARG A 94 11.33 -5.79 -4.04
C ARG A 94 9.84 -5.63 -3.91
N GLU A 95 9.32 -5.12 -2.79
CA GLU A 95 7.88 -5.11 -2.66
C GLU A 95 7.22 -3.77 -2.55
N LEU A 96 7.81 -2.82 -1.85
CA LEU A 96 7.02 -1.62 -1.72
C LEU A 96 7.18 -0.59 -2.81
N ALA A 97 8.37 -0.33 -3.33
CA ALA A 97 8.34 0.73 -4.31
C ALA A 97 7.45 0.36 -5.47
N PRO A 98 7.47 -0.85 -6.02
CA PRO A 98 6.62 -1.25 -7.11
C PRO A 98 5.12 -1.30 -6.78
N VAL A 99 4.74 -1.27 -5.52
CA VAL A 99 3.33 -1.36 -5.19
C VAL A 99 2.81 -0.05 -4.67
N VAL A 100 3.52 0.58 -3.77
CA VAL A 100 3.04 1.83 -3.27
C VAL A 100 3.06 2.83 -4.39
N ALA A 101 4.13 2.87 -5.18
CA ALA A 101 4.14 3.83 -6.25
C ALA A 101 3.05 3.53 -7.24
N ALA A 102 2.80 2.26 -7.53
CA ALA A 102 1.79 1.99 -8.52
C ALA A 102 0.41 2.40 -8.04
N LEU A 103 0.12 2.18 -6.76
CA LEU A 103 -1.19 2.53 -6.26
C LEU A 103 -1.37 4.02 -6.04
N LEU A 104 -0.34 4.76 -5.69
CA LEU A 104 -0.56 6.18 -5.56
C LEU A 104 -0.61 6.81 -6.92
N PHE A 105 0.12 6.24 -7.87
CA PHE A 105 0.12 6.72 -9.21
C PHE A 105 -1.21 6.58 -9.90
N ALA A 106 -1.84 5.42 -9.81
CA ALA A 106 -3.11 5.28 -10.51
C ALA A 106 -4.18 4.60 -9.70
N GLY A 107 -4.63 5.19 -8.59
CA GLY A 107 -4.12 6.42 -7.99
C GLY A 107 -4.46 7.70 -8.71
N ARG A 108 -3.70 8.75 -8.43
CA ARG A 108 -3.94 10.08 -8.93
C ARG A 108 -3.89 10.25 -10.43
N ALA A 109 -2.82 9.84 -11.06
CA ALA A 109 -2.71 10.06 -12.49
C ALA A 109 -3.75 9.25 -13.19
N GLY A 110 -4.00 8.09 -12.64
CA GLY A 110 -4.96 7.16 -13.23
C GLY A 110 -6.31 7.81 -13.28
N SER A 111 -6.74 8.33 -12.15
CA SER A 111 -8.04 8.95 -12.09
C SER A 111 -8.13 10.17 -12.96
N ALA A 112 -7.14 11.05 -12.89
CA ALA A 112 -7.20 12.26 -13.67
C ALA A 112 -7.19 12.00 -15.15
N LEU A 113 -6.42 11.03 -15.59
CA LEU A 113 -6.35 10.74 -17.01
C LEU A 113 -7.71 10.21 -17.45
N THR A 114 -8.31 9.33 -16.66
CA THR A 114 -9.60 8.78 -17.06
C THR A 114 -10.59 9.87 -17.22
N ALA A 115 -10.62 10.78 -16.28
CA ALA A 115 -11.57 11.86 -16.36
C ALA A 115 -11.35 12.73 -17.56
N GLU A 116 -10.10 13.00 -17.89
CA GLU A 116 -9.83 13.88 -18.99
C GLU A 116 -10.20 13.30 -20.33
N ILE A 117 -9.91 12.04 -20.56
CA ILE A 117 -10.29 11.52 -21.86
C ILE A 117 -11.78 11.40 -21.91
N GLY A 118 -12.38 10.87 -20.85
CA GLY A 118 -13.81 10.71 -20.87
C GLY A 118 -14.50 12.04 -21.10
N SER A 119 -13.99 13.10 -20.51
CA SER A 119 -14.60 14.39 -20.72
C SER A 119 -14.55 14.73 -22.19
N MET A 120 -13.43 14.46 -22.84
CA MET A 120 -13.39 14.78 -24.24
C MET A 120 -14.40 13.97 -25.05
N LYS A 121 -14.78 12.79 -24.58
CA LYS A 121 -15.81 12.09 -25.31
C LYS A 121 -17.17 12.74 -25.06
N GLN A 122 -17.44 13.08 -23.83
CA GLN A 122 -18.75 13.61 -23.44
C GLN A 122 -19.04 14.96 -24.05
N SER A 123 -18.01 15.73 -24.22
CA SER A 123 -18.07 17.07 -24.74
C SER A 123 -18.22 17.17 -26.24
N GLU A 124 -18.13 16.06 -26.97
CA GLU A 124 -18.12 16.02 -28.42
C GLU A 124 -16.82 16.48 -29.07
N GLN A 125 -15.78 16.77 -28.30
CA GLN A 125 -14.54 17.16 -28.91
C GLN A 125 -13.97 16.04 -29.75
N LEU A 126 -14.06 14.82 -29.27
CA LEU A 126 -13.49 13.76 -30.07
C LEU A 126 -14.28 13.55 -31.34
N ALA A 127 -15.59 13.68 -31.25
CA ALA A 127 -16.37 13.46 -32.46
C ALA A 127 -15.97 14.45 -33.52
N SER A 128 -15.72 15.68 -33.12
CA SER A 128 -15.33 16.67 -34.10
C SER A 128 -14.05 16.28 -34.76
N MET A 129 -13.08 15.80 -34.02
CA MET A 129 -11.86 15.48 -34.70
C MET A 129 -12.05 14.47 -35.81
N GLU A 130 -12.85 13.44 -35.59
CA GLU A 130 -13.03 12.49 -36.70
C GLU A 130 -13.73 13.13 -37.87
N MET A 131 -14.63 14.07 -37.62
CA MET A 131 -15.35 14.78 -38.67
C MET A 131 -14.40 15.62 -39.50
N ILE A 132 -13.36 16.14 -38.86
CA ILE A 132 -12.34 16.92 -39.53
C ILE A 132 -11.44 16.03 -40.34
N GLY A 133 -11.08 14.89 -39.76
CA GLY A 133 -10.21 13.95 -40.44
C GLY A 133 -8.93 13.61 -39.71
N VAL A 134 -8.82 13.98 -38.46
CA VAL A 134 -7.62 13.63 -37.72
C VAL A 134 -7.98 12.53 -36.77
N ASP A 135 -7.40 11.37 -36.98
CA ASP A 135 -7.75 10.22 -36.18
C ASP A 135 -7.36 10.45 -34.73
N PRO A 136 -8.31 10.49 -33.78
CA PRO A 136 -8.09 10.85 -32.40
C PRO A 136 -7.14 9.93 -31.69
N LEU A 137 -6.96 8.73 -32.17
CA LEU A 137 -6.05 7.91 -31.42
C LEU A 137 -4.63 8.42 -31.55
N LYS A 138 -4.33 9.12 -32.63
CA LYS A 138 -2.99 9.56 -32.82
C LYS A 138 -2.73 10.93 -32.20
N GLN A 139 -3.76 11.54 -31.64
CA GLN A 139 -3.61 12.87 -31.03
C GLN A 139 -3.94 12.89 -29.58
N ILE A 140 -5.00 12.21 -29.21
CA ILE A 140 -5.45 12.27 -27.86
C ILE A 140 -4.99 11.10 -27.07
N VAL A 141 -5.08 9.91 -27.64
CA VAL A 141 -4.70 8.77 -26.84
C VAL A 141 -3.21 8.45 -26.86
N SER A 142 -2.58 8.39 -28.00
CA SER A 142 -1.20 8.00 -28.06
C SER A 142 -0.25 8.60 -27.05
N PRO A 143 -0.03 9.91 -26.96
CA PRO A 143 0.90 10.48 -26.03
C PRO A 143 0.46 10.30 -24.59
N ARG A 144 -0.78 9.96 -24.36
CA ARG A 144 -1.17 9.78 -22.99
C ARG A 144 -0.78 8.40 -22.54
N LEU A 145 -0.92 7.43 -23.42
CA LEU A 145 -0.57 6.10 -23.01
C LEU A 145 0.94 6.00 -22.83
N TRP A 146 1.70 6.55 -23.77
CA TRP A 146 3.12 6.46 -23.56
C TRP A 146 3.64 7.33 -22.46
N ALA A 147 3.09 8.51 -22.23
CA ALA A 147 3.68 9.27 -21.16
C ALA A 147 3.52 8.50 -19.87
N GLY A 148 2.40 7.79 -19.70
CA GLY A 148 2.22 7.00 -18.49
C GLY A 148 3.25 5.88 -18.38
N ILE A 149 3.63 5.24 -19.50
CA ILE A 149 4.60 4.17 -19.43
C ILE A 149 5.93 4.65 -18.97
N VAL A 150 6.40 5.76 -19.47
CA VAL A 150 7.69 6.22 -19.02
C VAL A 150 7.64 6.74 -17.59
N SER A 151 6.62 7.51 -17.27
CA SER A 151 6.57 8.10 -15.97
C SER A 151 6.49 7.15 -14.78
N LEU A 152 5.62 6.14 -14.79
CA LEU A 152 5.58 5.39 -13.54
C LEU A 152 6.92 4.74 -13.17
N PRO A 153 7.62 3.98 -14.01
CA PRO A 153 8.88 3.38 -13.67
C PRO A 153 9.84 4.40 -13.14
N MET A 154 9.86 5.60 -13.71
CA MET A 154 10.78 6.58 -13.19
C MET A 154 10.39 7.01 -11.79
N LEU A 155 9.10 7.08 -11.52
CA LEU A 155 8.67 7.50 -10.21
C LEU A 155 8.94 6.40 -9.21
N THR A 156 8.90 5.15 -9.64
CA THR A 156 9.13 4.03 -8.74
C THR A 156 10.51 4.15 -8.17
N VAL A 157 11.48 4.48 -9.02
CA VAL A 157 12.84 4.62 -8.54
C VAL A 157 12.96 5.74 -7.55
N ILE A 158 12.32 6.86 -7.81
CA ILE A 158 12.46 7.93 -6.88
C ILE A 158 11.84 7.53 -5.57
N PHE A 159 10.68 6.88 -5.60
CA PHE A 159 10.06 6.48 -4.37
C PHE A 159 11.01 5.65 -3.53
N ALA A 160 11.62 4.62 -4.13
CA ALA A 160 12.51 3.80 -3.33
C ALA A 160 13.67 4.60 -2.82
N ALA A 161 14.20 5.49 -3.64
CA ALA A 161 15.33 6.25 -3.20
C ALA A 161 15.02 7.09 -1.99
N ILE A 162 13.84 7.68 -1.97
CA ILE A 162 13.47 8.48 -0.83
C ILE A 162 13.27 7.57 0.34
N GLY A 163 12.62 6.43 0.11
CA GLY A 163 12.36 5.50 1.19
C GLY A 163 13.64 5.02 1.88
N ILE A 164 14.68 4.71 1.11
CA ILE A 164 15.92 4.25 1.72
C ILE A 164 16.52 5.34 2.54
N VAL A 165 16.53 6.55 2.02
CA VAL A 165 17.10 7.63 2.76
C VAL A 165 16.30 7.87 4.03
N GLY A 166 14.97 7.84 3.96
CA GLY A 166 14.17 8.02 5.16
C GLY A 166 14.47 6.94 6.18
N GLY A 167 14.67 5.71 5.70
CA GLY A 167 14.97 4.59 6.56
C GLY A 167 16.24 4.86 7.35
N LYS A 168 17.30 5.22 6.64
CA LYS A 168 18.56 5.49 7.32
C LYS A 168 18.41 6.65 8.29
N LEU A 169 17.67 7.69 7.88
CA LEU A 169 17.57 8.85 8.71
C LEU A 169 17.07 8.50 10.09
N VAL A 170 16.13 7.57 10.24
CA VAL A 170 15.80 7.27 11.62
C VAL A 170 16.61 6.09 12.15
N GLY A 171 16.72 5.03 11.34
CA GLY A 171 17.33 3.78 11.75
C GLY A 171 18.78 3.88 12.20
N VAL A 172 19.54 4.74 11.56
CA VAL A 172 20.92 4.92 11.87
C VAL A 172 21.21 6.20 12.64
N ASP A 173 20.64 7.32 12.18
CA ASP A 173 20.99 8.61 12.75
C ASP A 173 20.26 9.00 14.03
N PHE A 174 19.04 8.53 14.31
CA PHE A 174 18.43 8.90 15.59
C PHE A 174 18.53 7.78 16.59
N LEU A 175 18.52 6.56 16.09
CA LEU A 175 18.47 5.37 16.91
C LEU A 175 19.78 4.67 17.32
N GLY A 176 20.93 5.29 17.00
CA GLY A 176 22.24 4.76 17.42
C GLY A 176 22.84 3.54 16.72
N VAL A 177 22.66 3.39 15.41
CA VAL A 177 23.24 2.21 14.76
C VAL A 177 24.52 2.57 14.03
N ASP A 178 25.53 1.74 14.16
CA ASP A 178 26.77 2.07 13.50
C ASP A 178 26.56 2.02 12.00
N GLU A 179 26.81 3.17 11.36
CA GLU A 179 26.56 3.40 9.95
C GLU A 179 27.23 2.43 9.01
N GLY A 180 28.44 2.03 9.33
CA GLY A 180 29.14 1.13 8.44
C GLY A 180 28.37 -0.16 8.20
N SER A 181 27.63 -0.63 9.20
CA SER A 181 26.92 -1.89 9.01
C SER A 181 25.69 -1.71 8.15
N PHE A 182 25.24 -0.47 8.02
CA PHE A 182 24.06 -0.20 7.25
C PHE A 182 24.44 -0.33 5.80
N TRP A 183 25.51 0.35 5.42
CA TRP A 183 25.85 0.32 4.02
C TRP A 183 26.37 -1.04 3.64
N SER A 184 27.04 -1.70 4.58
CA SER A 184 27.57 -3.01 4.27
C SER A 184 26.41 -3.97 4.15
N GLY A 185 25.41 -3.84 5.03
CA GLY A 185 24.25 -4.70 5.02
C GLY A 185 23.51 -4.59 3.72
N MET A 186 23.47 -3.41 3.14
CA MET A 186 22.82 -3.25 1.86
C MET A 186 23.61 -4.05 0.81
N GLN A 187 24.92 -3.89 0.80
CA GLN A 187 25.67 -4.66 -0.19
C GLN A 187 25.59 -6.16 0.05
N ASN A 188 25.48 -6.55 1.31
CA ASN A 188 25.36 -7.93 1.75
C ASN A 188 23.90 -8.34 2.00
N ASN A 189 23.18 -8.94 1.05
CA ASN A 189 23.55 -9.33 -0.30
C ASN A 189 22.56 -8.93 -1.37
N VAL A 190 22.11 -7.68 -1.41
CA VAL A 190 21.12 -7.29 -2.42
C VAL A 190 21.85 -6.51 -3.50
N GLN A 191 21.62 -6.85 -4.77
CA GLN A 191 22.42 -6.17 -5.80
C GLN A 191 21.71 -5.36 -6.85
N PHE A 192 22.44 -4.34 -7.29
CA PHE A 192 22.02 -3.45 -8.35
C PHE A 192 21.66 -4.20 -9.62
N GLY A 193 22.44 -5.22 -9.93
CA GLY A 193 22.24 -5.97 -11.16
C GLY A 193 21.16 -7.06 -11.09
N HIS A 194 20.49 -7.20 -9.96
CA HIS A 194 19.46 -8.22 -9.85
C HIS A 194 18.17 -7.73 -9.22
N ASP A 195 18.26 -7.20 -8.02
CA ASP A 195 17.07 -6.87 -7.28
C ASP A 195 16.54 -5.53 -7.73
N VAL A 196 17.44 -4.63 -8.09
CA VAL A 196 16.99 -3.34 -8.59
C VAL A 196 16.31 -3.59 -9.93
N VAL A 197 16.89 -4.50 -10.71
CA VAL A 197 16.36 -4.81 -12.01
C VAL A 197 14.98 -5.41 -11.90
N ASN A 198 14.76 -6.33 -10.97
CA ASN A 198 13.43 -6.87 -10.84
C ASN A 198 12.42 -5.83 -10.38
N GLY A 199 12.83 -4.88 -9.55
CA GLY A 199 11.89 -3.84 -9.14
C GLY A 199 11.41 -3.07 -10.38
N ILE A 200 12.33 -2.74 -11.27
CA ILE A 200 11.98 -2.02 -12.48
C ILE A 200 11.08 -2.84 -13.38
N ILE A 201 11.38 -4.11 -13.55
CA ILE A 201 10.54 -4.89 -14.44
C ILE A 201 9.12 -4.89 -13.93
N LYS A 202 8.93 -5.09 -12.64
CA LYS A 202 7.56 -5.09 -12.19
C LYS A 202 6.90 -3.75 -12.48
N SER A 203 7.62 -2.63 -12.33
CA SER A 203 6.99 -1.37 -12.64
C SER A 203 6.68 -1.16 -14.10
N ILE A 204 7.41 -1.80 -15.01
CA ILE A 204 7.00 -1.65 -16.40
C ILE A 204 5.66 -2.32 -16.56
N VAL A 205 5.51 -3.50 -15.98
CA VAL A 205 4.25 -4.19 -16.11
C VAL A 205 3.12 -3.41 -15.49
N PHE A 206 3.34 -2.86 -14.32
CA PHE A 206 2.28 -2.13 -13.70
C PHE A 206 1.97 -0.88 -14.49
N ALA A 207 2.99 -0.21 -15.02
CA ALA A 207 2.69 1.00 -15.77
C ALA A 207 1.79 0.70 -16.92
N LEU A 208 1.98 -0.42 -17.59
CA LEU A 208 1.09 -0.69 -18.67
C LEU A 208 -0.29 -1.02 -18.16
N LEU A 209 -0.42 -1.81 -17.11
CA LEU A 209 -1.77 -2.12 -16.67
C LEU A 209 -2.52 -0.88 -16.24
N CYS A 210 -1.87 -0.02 -15.49
CA CYS A 210 -2.57 1.15 -15.01
C CYS A 210 -2.94 2.13 -16.08
N THR A 211 -2.04 2.43 -16.98
CA THR A 211 -2.39 3.43 -17.93
C THR A 211 -3.35 2.84 -18.93
N TRP A 212 -3.13 1.61 -19.36
CA TRP A 212 -4.03 1.02 -20.32
C TRP A 212 -5.44 1.06 -19.77
N ILE A 213 -5.66 0.68 -18.52
CA ILE A 213 -7.00 0.75 -18.03
C ILE A 213 -7.49 2.17 -18.00
N ALA A 214 -6.70 3.12 -17.52
CA ALA A 214 -7.22 4.49 -17.44
C ALA A 214 -7.65 5.02 -18.80
N VAL A 215 -6.92 4.71 -19.86
CA VAL A 215 -7.36 5.19 -21.15
C VAL A 215 -8.62 4.54 -21.53
N PHE A 216 -8.69 3.25 -21.38
CA PHE A 216 -9.88 2.56 -21.80
C PHE A 216 -11.11 3.07 -21.09
N GLN A 217 -11.05 3.21 -19.78
CA GLN A 217 -12.23 3.63 -19.06
C GLN A 217 -12.72 4.99 -19.45
N GLY A 218 -11.83 5.89 -19.74
CA GLY A 218 -12.29 7.18 -20.15
C GLY A 218 -12.93 7.09 -21.53
N TYR A 219 -12.15 6.65 -22.49
CA TYR A 219 -12.54 6.65 -23.89
C TYR A 219 -13.72 5.77 -24.33
N ALA A 220 -13.70 4.52 -23.96
CA ALA A 220 -14.64 3.56 -24.55
C ALA A 220 -15.99 3.50 -23.89
N CYS A 221 -16.74 4.55 -23.96
CA CYS A 221 -18.04 4.51 -23.34
C CYS A 221 -19.09 5.37 -23.98
N ASP A 222 -20.25 4.80 -24.18
CA ASP A 222 -21.37 5.53 -24.73
C ASP A 222 -21.62 6.70 -23.76
N PRO A 223 -22.04 7.89 -24.24
CA PRO A 223 -22.14 9.16 -23.51
C PRO A 223 -23.26 9.35 -22.50
N THR A 224 -23.22 8.54 -21.46
CA THR A 224 -24.17 8.65 -20.37
C THR A 224 -23.65 9.74 -19.41
N PRO A 225 -24.39 10.81 -19.06
CA PRO A 225 -23.97 11.92 -18.18
C PRO A 225 -23.38 11.53 -16.81
N GLU A 226 -23.84 10.43 -16.21
CA GLU A 226 -23.35 9.97 -14.93
C GLU A 226 -22.07 9.15 -15.08
N GLY A 227 -21.75 8.86 -16.33
CA GLY A 227 -20.66 8.00 -16.71
C GLY A 227 -19.29 8.48 -16.28
N ILE A 228 -19.06 9.78 -16.22
CA ILE A 228 -17.71 10.15 -15.87
C ILE A 228 -17.41 9.80 -14.45
N ALA A 229 -18.29 10.13 -13.52
CA ALA A 229 -17.94 9.78 -12.15
C ALA A 229 -17.86 8.28 -11.99
N THR A 230 -18.72 7.54 -12.65
CA THR A 230 -18.59 6.13 -12.45
C THR A 230 -17.28 5.63 -13.01
N ALA A 231 -16.88 6.09 -14.18
CA ALA A 231 -15.65 5.62 -14.74
C ALA A 231 -14.49 5.96 -13.86
N MET A 232 -14.48 7.12 -13.25
CA MET A 232 -13.33 7.41 -12.42
C MET A 232 -13.19 6.43 -11.28
N THR A 233 -14.30 6.08 -10.64
CA THR A 233 -14.20 5.12 -9.55
C THR A 233 -13.75 3.79 -10.08
N ARG A 234 -14.31 3.38 -11.20
CA ARG A 234 -13.97 2.09 -11.74
C ARG A 234 -12.48 1.98 -12.06
N THR A 235 -11.87 3.01 -12.63
CA THR A 235 -10.45 2.91 -12.92
C THR A 235 -9.68 2.68 -11.66
N VAL A 236 -10.00 3.37 -10.60
CA VAL A 236 -9.19 3.12 -9.41
C VAL A 236 -9.31 1.68 -8.95
N VAL A 237 -10.51 1.14 -8.95
CA VAL A 237 -10.65 -0.24 -8.49
C VAL A 237 -9.97 -1.27 -9.36
N TYR A 238 -10.09 -1.18 -10.67
CA TYR A 238 -9.46 -2.16 -11.52
C TYR A 238 -7.98 -2.00 -11.61
N SER A 239 -7.49 -0.78 -11.54
CA SER A 239 -6.07 -0.58 -11.58
C SER A 239 -5.50 -1.24 -10.36
N SER A 240 -6.11 -1.02 -9.22
CA SER A 240 -5.61 -1.59 -8.00
C SER A 240 -5.62 -3.11 -7.97
N LEU A 241 -6.72 -3.75 -8.36
CA LEU A 241 -6.64 -5.20 -8.30
C LEU A 241 -5.66 -5.74 -9.31
N CYS A 242 -5.56 -5.14 -10.49
CA CYS A 242 -4.63 -5.70 -11.44
C CYS A 242 -3.22 -5.60 -10.93
N VAL A 243 -2.86 -4.50 -10.28
CA VAL A 243 -1.52 -4.44 -9.77
C VAL A 243 -1.29 -5.50 -8.74
N LEU A 244 -2.20 -5.71 -7.80
CA LEU A 244 -1.88 -6.72 -6.80
C LEU A 244 -1.87 -8.14 -7.35
N GLY A 245 -2.76 -8.45 -8.27
CA GLY A 245 -2.80 -9.79 -8.82
C GLY A 245 -1.50 -10.10 -9.57
N PHE A 246 -1.04 -9.13 -10.35
CA PHE A 246 0.19 -9.35 -11.07
C PHE A 246 1.38 -9.31 -10.18
N ASP A 247 1.34 -8.51 -9.13
CA ASP A 247 2.49 -8.48 -8.28
C ASP A 247 2.73 -9.86 -7.71
N PHE A 248 1.67 -10.54 -7.31
CA PHE A 248 1.89 -11.87 -6.80
C PHE A 248 2.52 -12.80 -7.80
N VAL A 249 1.98 -12.89 -9.01
CA VAL A 249 2.58 -13.86 -9.90
C VAL A 249 4.00 -13.50 -10.28
N LEU A 250 4.32 -12.22 -10.42
CA LEU A 250 5.67 -11.90 -10.81
C LEU A 250 6.67 -12.11 -9.69
N THR A 251 6.32 -11.78 -8.46
CA THR A 251 7.29 -11.91 -7.38
C THR A 251 7.56 -13.38 -7.14
N ALA A 252 6.56 -14.19 -7.38
CA ALA A 252 6.61 -15.63 -7.22
C ALA A 252 7.59 -16.28 -8.17
N VAL A 253 7.96 -15.59 -9.22
CA VAL A 253 8.88 -16.12 -10.18
C VAL A 253 10.23 -15.49 -9.99
N MET A 254 10.26 -14.18 -9.91
CA MET A 254 11.52 -13.46 -9.80
C MET A 254 12.34 -13.90 -8.63
N PHE A 255 11.70 -14.14 -7.51
CA PHE A 255 12.43 -14.56 -6.34
C PHE A 255 12.04 -15.98 -5.83
N GLY A 256 11.56 -16.87 -6.74
CA GLY A 256 11.11 -18.23 -6.44
C GLY A 256 12.01 -19.27 -7.08
N THR B 3 2.74 35.94 -11.63
CA THR B 3 3.88 35.01 -11.78
C THR B 3 4.04 34.09 -10.52
N ILE B 4 4.77 34.57 -9.49
CA ILE B 4 5.08 33.88 -8.22
C ILE B 4 3.95 33.91 -7.19
N ALA B 5 3.24 35.03 -7.13
CA ALA B 5 2.16 35.27 -6.18
C ALA B 5 1.04 34.28 -6.39
N TRP B 6 1.03 33.65 -7.55
CA TRP B 6 0.07 32.64 -7.92
C TRP B 6 0.12 31.50 -6.94
N LEU B 7 1.33 31.09 -6.56
CA LEU B 7 1.46 29.99 -5.65
C LEU B 7 0.96 30.47 -4.34
N GLY B 8 1.30 31.72 -4.05
CA GLY B 8 0.89 32.30 -2.79
C GLY B 8 -0.61 32.17 -2.64
N ARG B 9 -1.34 32.64 -3.63
CA ARG B 9 -2.78 32.59 -3.56
C ARG B 9 -3.30 31.16 -3.46
N LEU B 10 -2.70 30.22 -4.20
CA LEU B 10 -3.16 28.84 -4.14
C LEU B 10 -3.08 28.30 -2.74
N VAL B 11 -1.95 28.51 -2.08
CA VAL B 11 -1.76 27.99 -0.76
C VAL B 11 -2.70 28.61 0.22
N ILE B 12 -2.88 29.90 0.13
CA ILE B 12 -3.75 30.60 1.04
C ILE B 12 -5.15 30.06 0.93
N GLU B 13 -5.65 29.90 -0.27
CA GLU B 13 -6.99 29.39 -0.35
C GLU B 13 -7.12 27.94 0.05
N ARG B 14 -6.15 27.10 -0.26
CA ARG B 14 -6.38 25.73 0.13
C ARG B 14 -6.42 25.64 1.63
N ILE B 15 -5.58 26.39 2.30
CA ILE B 15 -5.61 26.28 3.70
C ILE B 15 -6.91 26.85 4.25
N ARG B 16 -7.46 27.92 3.68
CA ARG B 16 -8.74 28.41 4.21
C ARG B 16 -9.76 27.31 4.18
N GLY B 17 -9.75 26.54 3.11
CA GLY B 17 -10.66 25.44 2.99
C GLY B 17 -10.54 24.44 4.15
N ILE B 18 -9.33 24.23 4.71
CA ILE B 18 -9.27 23.25 5.78
C ILE B 18 -9.99 23.81 6.97
N GLY B 19 -9.93 25.12 7.13
CA GLY B 19 -10.64 25.71 8.24
C GLY B 19 -12.13 25.43 8.09
N VAL B 20 -12.61 25.53 6.86
CA VAL B 20 -14.02 25.31 6.63
C VAL B 20 -14.37 23.89 6.96
N ALA B 21 -13.52 22.96 6.53
CA ALA B 21 -13.78 21.56 6.77
C ALA B 21 -13.88 21.28 8.25
N ALA B 22 -13.04 21.93 9.03
CA ALA B 22 -13.11 21.70 10.45
C ALA B 22 -14.43 22.17 11.00
N LEU B 23 -14.94 23.28 10.49
CA LEU B 23 -16.21 23.79 10.99
C LEU B 23 -17.35 22.87 10.61
N MET B 24 -17.29 22.31 9.41
CA MET B 24 -18.33 21.40 8.98
C MET B 24 -18.33 20.16 9.85
N LEU B 25 -17.14 19.65 10.16
CA LEU B 25 -17.07 18.45 10.95
C LEU B 25 -17.66 18.70 12.28
N LEU B 26 -17.36 19.86 12.86
CA LEU B 26 -17.92 20.10 14.14
C LEU B 26 -19.43 20.07 14.08
N GLN B 27 -20.04 20.70 13.10
CA GLN B 27 -21.49 20.67 13.15
C GLN B 27 -22.08 19.29 12.96
N ILE B 28 -21.51 18.49 12.10
CA ILE B 28 -22.13 17.21 11.90
C ILE B 28 -22.00 16.29 13.08
N ILE B 29 -20.86 16.32 13.78
CA ILE B 29 -20.71 15.43 14.91
C ILE B 29 -21.35 15.97 16.18
N PHE B 30 -21.26 17.28 16.37
CA PHE B 30 -21.73 17.96 17.57
C PHE B 30 -23.21 17.82 17.81
N SER B 31 -24.04 18.06 16.79
CA SER B 31 -25.47 17.99 17.06
C SER B 31 -26.27 17.15 16.10
N LEU B 32 -26.74 16.01 16.61
CA LEU B 32 -27.53 15.04 15.87
C LEU B 32 -28.70 14.50 16.69
N PRO B 33 -29.70 15.31 17.04
CA PRO B 33 -30.85 14.91 17.82
C PRO B 33 -31.92 14.09 17.08
N SER B 34 -31.89 14.04 15.75
CA SER B 34 -32.96 13.41 15.00
C SER B 34 -32.85 11.90 14.90
N ALA B 35 -32.94 11.25 16.05
CA ALA B 35 -32.73 9.80 16.17
C ALA B 35 -33.68 9.01 15.29
N GLY B 36 -34.90 9.50 15.10
CA GLY B 36 -35.89 8.78 14.30
C GLY B 36 -35.45 8.56 12.86
N GLY B 37 -34.62 9.46 12.33
CA GLY B 37 -34.18 9.31 10.95
C GLY B 37 -32.85 8.61 10.86
N PHE B 38 -32.28 8.18 11.96
CA PHE B 38 -30.96 7.60 11.86
C PHE B 38 -31.09 6.11 11.75
N GLY B 39 -32.32 5.67 11.74
CA GLY B 39 -32.62 4.26 11.60
C GLY B 39 -32.29 3.83 10.18
N ARG B 40 -32.08 4.79 9.29
CA ARG B 40 -31.74 4.45 7.93
C ARG B 40 -30.24 4.30 7.71
N PHE B 41 -29.36 4.59 8.70
CA PHE B 41 -27.96 4.54 8.29
C PHE B 41 -27.60 3.12 7.94
N VAL B 42 -28.32 2.15 8.47
CA VAL B 42 -28.08 0.79 8.11
C VAL B 42 -28.23 0.58 6.62
N TYR B 43 -29.10 1.35 5.98
CA TYR B 43 -29.21 1.29 4.54
C TYR B 43 -27.96 1.85 3.93
N GLN B 44 -27.54 3.01 4.42
CA GLN B 44 -26.40 3.70 3.85
C GLN B 44 -25.17 2.84 3.87
N MET B 45 -25.03 2.04 4.90
CA MET B 45 -23.91 1.16 5.07
C MET B 45 -23.78 0.18 3.94
N HIS B 46 -24.86 -0.08 3.24
CA HIS B 46 -24.84 -1.00 2.14
C HIS B 46 -23.80 -0.58 1.13
N ARG B 47 -23.69 0.72 0.88
CA ARG B 47 -22.81 1.21 -0.17
C ARG B 47 -21.41 1.51 0.25
N VAL B 48 -21.09 1.32 1.51
CA VAL B 48 -19.77 1.63 1.97
C VAL B 48 -19.11 0.34 2.42
N GLY B 49 -19.82 -0.40 3.23
CA GLY B 49 -19.37 -1.65 3.80
C GLY B 49 -19.71 -2.85 2.96
N VAL B 50 -20.98 -3.09 2.72
CA VAL B 50 -21.29 -4.34 2.05
C VAL B 50 -20.69 -4.41 0.67
N MET B 51 -20.82 -3.35 -0.08
CA MET B 51 -20.31 -3.34 -1.42
C MET B 51 -18.80 -3.30 -1.53
N SER B 52 -18.07 -3.19 -0.43
CA SER B 52 -16.64 -3.16 -0.55
C SER B 52 -15.94 -4.46 -0.12
N LEU B 53 -16.67 -5.49 0.35
CA LEU B 53 -15.91 -6.68 0.77
C LEU B 53 -15.18 -7.34 -0.35
N LEU B 54 -15.70 -7.33 -1.56
CA LEU B 54 -14.99 -8.06 -2.58
C LEU B 54 -13.59 -7.52 -2.78
N ILE B 55 -13.42 -6.22 -2.77
CA ILE B 55 -12.10 -5.71 -3.02
C ILE B 55 -11.19 -5.94 -1.85
N ILE B 56 -11.67 -5.72 -0.64
CA ILE B 56 -10.78 -5.91 0.49
C ILE B 56 -10.38 -7.36 0.60
N THR B 57 -11.31 -8.29 0.39
CA THR B 57 -11.00 -9.69 0.48
C THR B 57 -9.98 -10.14 -0.55
N VAL B 58 -10.14 -9.75 -1.79
CA VAL B 58 -9.18 -10.20 -2.77
C VAL B 58 -7.82 -9.62 -2.49
N SER B 59 -7.73 -8.35 -2.14
CA SER B 59 -6.43 -7.83 -1.86
C SER B 59 -5.81 -8.49 -0.65
N GLY B 60 -6.61 -8.78 0.39
CA GLY B 60 -6.04 -9.41 1.57
C GLY B 60 -5.40 -10.74 1.20
N LEU B 61 -6.03 -11.50 0.31
CA LEU B 61 -5.43 -12.77 -0.04
C LEU B 61 -4.14 -12.59 -0.80
N PHE B 62 -4.08 -11.65 -1.74
CA PHE B 62 -2.83 -11.51 -2.45
C PHE B 62 -1.74 -11.02 -1.54
N ILE B 63 -2.03 -10.11 -0.64
CA ILE B 63 -0.98 -9.64 0.24
C ILE B 63 -0.48 -10.75 1.13
N GLY B 64 -1.37 -11.57 1.66
CA GLY B 64 -0.92 -12.66 2.52
C GLY B 64 0.00 -13.59 1.74
N LEU B 65 -0.37 -13.96 0.52
CA LEU B 65 0.46 -14.87 -0.23
C LEU B 65 1.81 -14.25 -0.57
N VAL B 66 1.84 -12.96 -0.89
CA VAL B 66 3.11 -12.34 -1.17
C VAL B 66 3.98 -12.30 0.04
N LEU B 67 3.43 -11.97 1.20
CA LEU B 67 4.27 -11.92 2.38
C LEU B 67 4.81 -13.29 2.63
N GLY B 68 4.00 -14.32 2.42
CA GLY B 68 4.45 -15.67 2.63
C GLY B 68 5.67 -15.96 1.78
N LEU B 69 5.59 -15.70 0.48
CA LEU B 69 6.72 -16.02 -0.38
C LEU B 69 7.96 -15.20 -0.12
N GLN B 70 7.82 -13.90 0.19
CA GLN B 70 9.03 -13.13 0.42
C GLN B 70 9.63 -13.41 1.76
N GLY B 71 8.78 -13.63 2.74
CA GLY B 71 9.25 -13.93 4.05
C GLY B 71 10.07 -15.17 3.92
N TYR B 72 9.48 -16.21 3.37
CA TYR B 72 10.13 -17.50 3.24
C TYR B 72 11.50 -17.42 2.55
N SER B 73 11.60 -16.77 1.38
CA SER B 73 12.92 -16.75 0.74
C SER B 73 13.98 -16.02 1.53
N ILE B 74 13.61 -15.15 2.47
CA ILE B 74 14.61 -14.51 3.31
C ILE B 74 14.85 -15.36 4.56
N LEU B 75 13.77 -15.86 5.13
CA LEU B 75 13.74 -16.58 6.38
C LEU B 75 14.30 -17.97 6.33
N VAL B 76 14.45 -18.56 5.14
CA VAL B 76 15.11 -19.86 5.12
C VAL B 76 16.55 -19.74 5.66
N ASN B 77 17.17 -18.54 5.59
CA ASN B 77 18.51 -18.26 6.12
C ASN B 77 18.49 -17.80 7.59
N VAL B 78 17.32 -17.75 8.22
CA VAL B 78 17.27 -17.27 9.60
C VAL B 78 16.34 -17.98 10.59
N GLY B 79 15.22 -18.53 10.12
CA GLY B 79 14.31 -19.17 11.06
C GLY B 79 12.86 -19.20 10.61
N SER B 80 12.59 -19.78 9.45
CA SER B 80 11.24 -19.86 8.92
C SER B 80 10.30 -20.62 9.86
N GLU B 81 10.79 -21.70 10.46
CA GLU B 81 10.00 -22.50 11.39
C GLU B 81 9.36 -21.64 12.48
N SER B 82 10.11 -20.65 12.95
CA SER B 82 9.61 -19.72 13.98
C SER B 82 9.18 -18.36 13.40
N MET B 83 9.80 -17.93 12.29
CA MET B 83 9.62 -16.60 11.77
C MET B 83 8.45 -16.43 10.82
N LEU B 84 7.99 -17.46 10.09
CA LEU B 84 6.86 -17.14 9.22
C LEU B 84 5.70 -16.77 10.09
N GLY B 85 5.51 -17.48 11.18
CA GLY B 85 4.39 -17.17 12.03
C GLY B 85 4.51 -15.77 12.56
N THR B 86 5.63 -15.46 13.21
CA THR B 86 5.72 -14.15 13.81
C THR B 86 5.67 -13.00 12.80
N MET B 87 6.37 -13.11 11.67
CA MET B 87 6.35 -12.00 10.74
C MET B 87 5.05 -11.85 9.98
N VAL B 88 4.38 -12.93 9.61
CA VAL B 88 3.16 -12.70 8.88
C VAL B 88 2.16 -12.03 9.79
N SER B 89 2.01 -12.51 11.02
CA SER B 89 1.01 -11.88 11.86
C SER B 89 1.35 -10.51 12.35
N LEU B 90 2.62 -10.22 12.63
CA LEU B 90 2.86 -8.86 13.08
C LEU B 90 2.76 -7.89 11.93
N THR B 91 3.19 -8.29 10.75
CA THR B 91 3.13 -7.36 9.65
C THR B 91 1.69 -7.00 9.36
N LEU B 92 0.83 -7.99 9.27
CA LEU B 92 -0.54 -7.68 8.96
C LEU B 92 -1.24 -6.91 10.06
N LEU B 93 -1.00 -7.26 11.32
CA LEU B 93 -1.70 -6.54 12.36
C LEU B 93 -1.19 -5.14 12.57
N ARG B 94 0.12 -4.93 12.45
CA ARG B 94 0.62 -3.61 12.73
C ARG B 94 0.67 -2.66 11.57
N GLU B 95 1.11 -3.11 10.39
CA GLU B 95 1.30 -2.15 9.33
C GLU B 95 0.44 -2.32 8.11
N LEU B 96 0.12 -3.54 7.72
CA LEU B 96 -0.60 -3.57 6.46
C LEU B 96 -2.11 -3.56 6.57
N ALA B 97 -2.75 -4.24 7.50
CA ALA B 97 -4.19 -4.13 7.40
C ALA B 97 -4.60 -2.68 7.55
N PRO B 98 -4.07 -1.89 8.50
CA PRO B 98 -4.40 -0.49 8.67
C PRO B 98 -4.01 0.43 7.52
N VAL B 99 -3.17 -0.01 6.58
CA VAL B 99 -2.78 0.88 5.51
C VAL B 99 -3.31 0.39 4.19
N VAL B 100 -3.17 -0.87 3.89
CA VAL B 100 -3.65 -1.33 2.62
C VAL B 100 -5.15 -1.26 2.62
N ALA B 101 -5.83 -1.70 3.68
CA ALA B 101 -7.26 -1.60 3.63
C ALA B 101 -7.65 -0.15 3.62
N ALA B 102 -6.91 0.68 4.34
CA ALA B 102 -7.29 2.08 4.40
C ALA B 102 -7.19 2.74 3.04
N LEU B 103 -6.19 2.39 2.25
CA LEU B 103 -6.09 3.04 0.95
C LEU B 103 -7.03 2.42 -0.06
N LEU B 104 -7.29 1.12 0.00
CA LEU B 104 -8.22 0.57 -0.98
C LEU B 104 -9.57 1.14 -0.73
N PHE B 105 -9.89 1.33 0.54
CA PHE B 105 -11.13 1.91 0.97
C PHE B 105 -11.21 3.36 0.52
N ALA B 106 -10.13 4.11 0.73
CA ALA B 106 -10.15 5.50 0.31
C ALA B 106 -10.45 5.57 -1.17
N GLY B 107 -9.97 4.61 -1.92
CA GLY B 107 -10.26 4.58 -3.33
C GLY B 107 -11.72 4.20 -3.56
N ARG B 108 -12.06 2.93 -3.39
CA ARG B 108 -13.41 2.47 -3.67
C ARG B 108 -14.56 3.14 -2.95
N ALA B 109 -14.46 3.42 -1.68
CA ALA B 109 -15.58 4.05 -1.03
C ALA B 109 -15.44 5.54 -1.13
N GLY B 110 -14.21 6.01 -1.00
CA GLY B 110 -13.96 7.44 -0.97
C GLY B 110 -14.35 8.16 -2.24
N SER B 111 -13.95 7.68 -3.41
CA SER B 111 -14.31 8.47 -4.57
C SER B 111 -15.77 8.31 -4.86
N ALA B 112 -16.34 7.17 -4.55
CA ALA B 112 -17.74 7.00 -4.85
C ALA B 112 -18.58 7.88 -3.97
N LEU B 113 -18.20 7.98 -2.71
CA LEU B 113 -18.96 8.79 -1.81
C LEU B 113 -18.82 10.24 -2.20
N THR B 114 -17.63 10.71 -2.53
CA THR B 114 -17.55 12.11 -2.81
C THR B 114 -18.30 12.42 -4.06
N ALA B 115 -18.29 11.52 -5.02
CA ALA B 115 -19.00 11.78 -6.23
C ALA B 115 -20.48 11.89 -5.96
N GLU B 116 -20.97 11.07 -5.04
CA GLU B 116 -22.38 11.10 -4.77
C GLU B 116 -22.79 12.39 -4.10
N ILE B 117 -22.03 12.89 -3.14
CA ILE B 117 -22.43 14.14 -2.53
C ILE B 117 -22.31 15.21 -3.58
N GLY B 118 -21.26 15.15 -4.37
CA GLY B 118 -21.05 16.12 -5.40
C GLY B 118 -22.29 16.23 -6.26
N SER B 119 -22.80 15.12 -6.77
CA SER B 119 -23.97 15.22 -7.60
C SER B 119 -25.15 15.76 -6.83
N MET B 120 -25.29 15.40 -5.57
CA MET B 120 -26.42 15.89 -4.82
C MET B 120 -26.38 17.42 -4.85
N LYS B 121 -25.19 17.99 -4.75
CA LYS B 121 -25.06 19.43 -4.80
C LYS B 121 -25.22 20.00 -6.20
N GLN B 122 -24.62 19.38 -7.20
CA GLN B 122 -24.59 19.92 -8.55
C GLN B 122 -25.94 19.97 -9.21
N SER B 123 -26.77 19.01 -8.92
CA SER B 123 -28.08 18.93 -9.53
C SER B 123 -29.03 19.89 -8.89
N GLU B 124 -28.61 20.50 -7.80
CA GLU B 124 -29.41 21.40 -6.98
C GLU B 124 -30.43 20.64 -6.13
N GLN B 125 -30.43 19.32 -6.24
CA GLN B 125 -31.34 18.52 -5.47
C GLN B 125 -31.18 18.76 -4.01
N LEU B 126 -29.96 18.78 -3.55
CA LEU B 126 -29.71 18.98 -2.14
C LEU B 126 -30.23 20.32 -1.71
N ALA B 127 -29.95 21.34 -2.48
CA ALA B 127 -30.36 22.68 -2.09
C ALA B 127 -31.86 22.79 -1.88
N SER B 128 -32.66 22.04 -2.63
CA SER B 128 -34.11 22.16 -2.51
C SER B 128 -34.61 21.73 -1.15
N MET B 129 -33.80 21.03 -0.39
CA MET B 129 -34.24 20.61 0.91
C MET B 129 -34.26 21.76 1.90
N GLU B 130 -33.49 22.80 1.67
CA GLU B 130 -33.45 23.86 2.66
C GLU B 130 -34.81 24.48 2.80
N MET B 131 -35.54 24.57 1.72
CA MET B 131 -36.83 25.21 1.77
C MET B 131 -37.92 24.32 2.29
N ILE B 132 -37.60 23.08 2.58
CA ILE B 132 -38.59 22.19 3.07
C ILE B 132 -38.36 22.07 4.54
N GLY B 133 -37.33 22.74 5.03
CA GLY B 133 -37.04 22.69 6.45
C GLY B 133 -36.29 21.46 6.87
N VAL B 134 -35.67 20.74 5.95
CA VAL B 134 -34.98 19.55 6.38
C VAL B 134 -33.52 19.81 6.22
N ASP B 135 -32.85 19.89 7.33
CA ASP B 135 -31.46 20.22 7.32
C ASP B 135 -30.66 19.10 6.67
N PRO B 136 -30.01 19.32 5.51
CA PRO B 136 -29.34 18.31 4.75
C PRO B 136 -28.21 17.68 5.51
N LEU B 137 -27.70 18.34 6.53
CA LEU B 137 -26.62 17.68 7.21
C LEU B 137 -27.15 16.55 8.04
N LYS B 138 -28.38 16.68 8.52
CA LYS B 138 -28.88 15.66 9.39
C LYS B 138 -29.52 14.56 8.58
N GLN B 139 -29.98 14.90 7.38
CA GLN B 139 -30.63 13.94 6.51
C GLN B 139 -29.73 13.25 5.47
N ILE B 140 -28.75 13.94 4.92
CA ILE B 140 -27.90 13.40 3.88
C ILE B 140 -26.52 13.05 4.36
N VAL B 141 -25.90 13.97 5.07
CA VAL B 141 -24.51 13.72 5.48
C VAL B 141 -24.36 12.79 6.68
N SER B 142 -25.12 12.98 7.74
CA SER B 142 -24.96 12.17 8.93
C SER B 142 -24.82 10.68 8.69
N PRO B 143 -25.73 9.96 8.06
CA PRO B 143 -25.60 8.54 7.88
C PRO B 143 -24.44 8.17 6.97
N ARG B 144 -23.91 9.08 6.19
CA ARG B 144 -22.80 8.68 5.36
C ARG B 144 -21.53 8.71 6.15
N LEU B 145 -21.39 9.70 7.00
CA LEU B 145 -20.18 9.76 7.77
C LEU B 145 -20.15 8.59 8.73
N TRP B 146 -21.30 8.26 9.33
CA TRP B 146 -21.28 7.16 10.25
C TRP B 146 -21.04 5.83 9.56
N ALA B 147 -21.59 5.62 8.37
CA ALA B 147 -21.30 4.35 7.76
C ALA B 147 -19.81 4.20 7.56
N GLY B 148 -19.12 5.28 7.22
CA GLY B 148 -17.67 5.20 7.03
C GLY B 148 -16.95 4.81 8.32
N ILE B 149 -17.37 5.37 9.46
CA ILE B 149 -16.68 5.04 10.70
C ILE B 149 -16.80 3.59 11.06
N VAL B 150 -17.97 3.02 10.94
CA VAL B 150 -18.09 1.62 11.29
C VAL B 150 -17.49 0.70 10.26
N SER B 151 -17.71 0.97 9.00
CA SER B 151 -17.25 0.08 7.97
C SER B 151 -15.75 -0.09 7.88
N LEU B 152 -14.96 0.97 7.89
CA LEU B 152 -13.55 0.66 7.67
C LEU B 152 -12.97 -0.28 8.75
N PRO B 153 -13.11 -0.07 10.05
CA PRO B 153 -12.63 -0.97 11.07
C PRO B 153 -13.09 -2.39 10.88
N MET B 154 -14.33 -2.62 10.46
CA MET B 154 -14.66 -4.03 10.31
C MET B 154 -13.92 -4.60 9.11
N LEU B 155 -13.75 -3.80 8.06
CA LEU B 155 -13.03 -4.29 6.91
C LEU B 155 -11.58 -4.54 7.24
N THR B 156 -10.99 -3.70 8.08
CA THR B 156 -9.59 -3.82 8.44
C THR B 156 -9.35 -5.17 9.05
N VAL B 157 -10.25 -5.60 9.94
CA VAL B 157 -10.09 -6.90 10.56
C VAL B 157 -10.18 -8.00 9.52
N ILE B 158 -11.13 -7.91 8.60
CA ILE B 158 -11.21 -8.95 7.60
C ILE B 158 -9.98 -8.98 6.76
N PHE B 159 -9.44 -7.84 6.38
CA PHE B 159 -8.26 -7.87 5.55
C PHE B 159 -7.21 -8.72 6.23
N ALA B 160 -6.95 -8.46 7.52
CA ALA B 160 -5.94 -9.25 8.21
C ALA B 160 -6.33 -10.72 8.28
N ALA B 161 -7.61 -11.02 8.52
CA ALA B 161 -7.98 -12.42 8.64
C ALA B 161 -7.67 -13.17 7.37
N ILE B 162 -7.88 -12.53 6.25
CA ILE B 162 -7.58 -13.16 4.99
C ILE B 162 -6.10 -13.22 4.82
N GLY B 163 -5.39 -12.16 5.17
CA GLY B 163 -3.94 -12.18 5.04
C GLY B 163 -3.30 -13.34 5.81
N ILE B 164 -3.84 -13.71 6.97
CA ILE B 164 -3.32 -14.84 7.73
C ILE B 164 -3.55 -16.09 6.93
N VAL B 165 -4.73 -16.25 6.33
CA VAL B 165 -4.99 -17.43 5.54
C VAL B 165 -4.00 -17.51 4.40
N GLY B 166 -3.76 -16.38 3.75
CA GLY B 166 -2.84 -16.34 2.63
C GLY B 166 -1.43 -16.75 3.05
N GLY B 167 -0.95 -16.17 4.15
CA GLY B 167 0.39 -16.46 4.62
C GLY B 167 0.55 -17.94 4.89
N LYS B 168 -0.36 -18.51 5.68
CA LYS B 168 -0.27 -19.93 5.98
C LYS B 168 -0.38 -20.77 4.73
N LEU B 169 -1.30 -20.43 3.84
CA LEU B 169 -1.51 -21.27 2.69
C LEU B 169 -0.25 -21.48 1.91
N VAL B 170 0.60 -20.47 1.77
CA VAL B 170 1.81 -20.81 1.05
C VAL B 170 2.95 -21.18 1.99
N GLY B 171 3.16 -20.39 3.04
CA GLY B 171 4.29 -20.55 3.94
C GLY B 171 4.37 -21.88 4.66
N VAL B 172 3.22 -22.43 5.04
CA VAL B 172 3.18 -23.66 5.77
C VAL B 172 2.79 -24.82 4.89
N ASP B 173 1.73 -24.66 4.11
CA ASP B 173 1.22 -25.77 3.31
C ASP B 173 1.91 -26.10 2.00
N PHE B 174 2.54 -25.15 1.31
CA PHE B 174 3.21 -25.54 0.07
C PHE B 174 4.72 -25.57 0.24
N LEU B 175 5.23 -24.75 1.13
CA LEU B 175 6.65 -24.59 1.29
C LEU B 175 7.38 -25.38 2.40
N GLY B 176 6.65 -26.29 3.07
CA GLY B 176 7.28 -27.16 4.09
C GLY B 176 7.52 -26.66 5.52
N VAL B 177 6.54 -26.05 6.17
CA VAL B 177 6.77 -25.59 7.55
C VAL B 177 5.74 -26.18 8.52
N ASP B 178 6.15 -26.37 9.78
CA ASP B 178 5.30 -26.93 10.84
C ASP B 178 4.14 -26.05 11.32
N GLU B 179 2.94 -26.63 11.37
CA GLU B 179 1.76 -25.91 11.84
C GLU B 179 1.94 -25.55 13.30
N GLY B 180 2.59 -26.44 14.04
CA GLY B 180 2.77 -26.27 15.48
C GLY B 180 3.44 -24.97 15.81
N SER B 181 4.69 -24.81 15.35
CA SER B 181 5.49 -23.63 15.61
C SER B 181 4.95 -22.40 14.89
N PHE B 182 4.19 -22.56 13.79
CA PHE B 182 3.62 -21.39 13.17
C PHE B 182 2.61 -20.77 14.13
N TRP B 183 1.69 -21.60 14.62
CA TRP B 183 0.66 -21.11 15.50
C TRP B 183 1.17 -20.70 16.86
N SER B 184 2.07 -21.48 17.45
CA SER B 184 2.54 -21.09 18.76
C SER B 184 3.41 -19.87 18.70
N GLY B 185 4.15 -19.70 17.60
CA GLY B 185 5.03 -18.56 17.46
C GLY B 185 4.20 -17.31 17.46
N MET B 186 3.08 -17.37 16.74
CA MET B 186 2.21 -16.22 16.70
C MET B 186 1.68 -15.92 18.08
N GLN B 187 1.31 -16.95 18.83
CA GLN B 187 0.77 -16.67 20.16
C GLN B 187 1.85 -16.14 21.10
N ASN B 188 3.07 -16.57 20.91
CA ASN B 188 4.11 -16.13 21.80
C ASN B 188 4.44 -14.66 21.59
N ASN B 189 4.43 -14.22 20.33
CA ASN B 189 4.79 -12.84 20.06
C ASN B 189 3.66 -11.86 19.83
N VAL B 190 2.47 -12.31 19.49
CA VAL B 190 1.38 -11.39 19.23
C VAL B 190 0.54 -11.23 20.46
N GLN B 191 0.50 -10.04 20.98
CA GLN B 191 -0.29 -9.87 22.16
C GLN B 191 -1.59 -9.22 21.77
N PHE B 192 -2.69 -9.59 22.40
CA PHE B 192 -3.87 -8.84 22.07
C PHE B 192 -3.57 -7.40 22.43
N GLY B 193 -3.10 -7.22 23.66
CA GLY B 193 -2.66 -5.95 24.19
C GLY B 193 -1.14 -5.81 23.90
N HIS B 194 -0.69 -5.04 22.89
CA HIS B 194 -1.49 -4.25 22.00
C HIS B 194 -1.18 -4.43 20.53
N ASP B 195 -0.97 -5.66 20.06
CA ASP B 195 -0.72 -5.83 18.64
C ASP B 195 -2.02 -5.90 17.88
N VAL B 196 -3.07 -6.45 18.50
CA VAL B 196 -4.34 -6.47 17.80
C VAL B 196 -4.99 -5.13 18.03
N VAL B 197 -4.94 -4.68 19.27
CA VAL B 197 -5.58 -3.44 19.63
C VAL B 197 -5.01 -2.25 18.88
N ASN B 198 -3.70 -2.16 18.69
CA ASN B 198 -3.23 -1.00 17.96
C ASN B 198 -3.65 -1.01 16.51
N GLY B 199 -3.86 -2.18 15.91
CA GLY B 199 -4.31 -2.18 14.53
C GLY B 199 -5.68 -1.50 14.48
N ILE B 200 -6.53 -1.84 15.44
CA ILE B 200 -7.86 -1.27 15.51
C ILE B 200 -7.82 0.22 15.79
N ILE B 201 -6.96 0.67 16.69
CA ILE B 201 -6.93 2.09 16.96
C ILE B 201 -6.53 2.85 15.73
N LYS B 202 -5.50 2.39 15.02
CA LYS B 202 -5.13 3.14 13.85
C LYS B 202 -6.27 3.14 12.85
N SER B 203 -6.99 2.02 12.75
CA SER B 203 -8.10 1.94 11.82
C SER B 203 -9.16 2.97 12.13
N ILE B 204 -9.51 3.18 13.40
CA ILE B 204 -10.51 4.21 13.71
C ILE B 204 -10.01 5.57 13.30
N VAL B 205 -8.76 5.86 13.55
CA VAL B 205 -8.28 7.18 13.19
C VAL B 205 -8.38 7.37 11.70
N PHE B 206 -8.00 6.39 10.94
CA PHE B 206 -8.06 6.54 9.51
C PHE B 206 -9.50 6.61 9.05
N ALA B 207 -10.40 5.84 9.65
CA ALA B 207 -11.76 5.88 9.19
C ALA B 207 -12.35 7.24 9.32
N LEU B 208 -12.07 7.91 10.43
CA LEU B 208 -12.61 9.24 10.57
C LEU B 208 -11.96 10.21 9.67
N LEU B 209 -10.65 10.20 9.59
CA LEU B 209 -10.03 11.20 8.78
C LEU B 209 -10.41 11.02 7.33
N CYS B 210 -10.32 9.81 6.84
CA CYS B 210 -10.59 9.59 5.44
C CYS B 210 -12.01 9.90 5.06
N THR B 211 -13.00 9.45 5.82
CA THR B 211 -14.35 9.74 5.41
C THR B 211 -14.62 11.21 5.54
N TRP B 212 -14.12 11.85 6.60
CA TRP B 212 -14.34 13.27 6.75
C TRP B 212 -13.92 13.98 5.49
N ILE B 213 -12.74 13.68 4.96
CA ILE B 213 -12.36 14.37 3.75
C ILE B 213 -13.32 14.09 2.63
N ALA B 214 -13.69 12.83 2.41
CA ALA B 214 -14.58 12.57 1.27
C ALA B 214 -15.88 13.37 1.34
N VAL B 215 -16.45 13.52 2.52
CA VAL B 215 -17.66 14.30 2.58
C VAL B 215 -17.37 15.73 2.30
N PHE B 216 -16.36 16.25 2.90
CA PHE B 216 -16.06 17.65 2.72
C PHE B 216 -15.84 18.04 1.29
N GLN B 217 -15.04 17.29 0.56
CA GLN B 217 -14.81 17.72 -0.80
C GLN B 217 -16.00 17.55 -1.68
N GLY B 218 -16.81 16.52 -1.44
CA GLY B 218 -17.97 16.35 -2.29
C GLY B 218 -18.90 17.54 -2.14
N TYR B 219 -19.00 18.05 -0.93
CA TYR B 219 -19.85 19.20 -0.64
C TYR B 219 -19.10 20.49 -0.95
N ALA B 220 -18.76 20.64 -2.23
CA ALA B 220 -17.95 21.71 -2.78
C ALA B 220 -18.69 23.02 -2.97
N CYS B 221 -17.94 24.10 -2.94
CA CYS B 221 -18.47 25.44 -3.16
C CYS B 221 -18.92 25.77 -4.57
N ASP B 222 -18.08 25.48 -5.54
CA ASP B 222 -18.27 25.87 -6.94
C ASP B 222 -19.13 24.90 -7.78
N PRO B 223 -20.36 25.27 -8.19
CA PRO B 223 -21.30 24.41 -8.92
C PRO B 223 -20.99 24.30 -10.42
N THR B 224 -19.79 23.84 -10.76
CA THR B 224 -19.37 23.69 -12.14
C THR B 224 -19.08 22.21 -12.40
N PRO B 225 -19.62 21.56 -13.46
CA PRO B 225 -19.42 20.13 -13.78
C PRO B 225 -17.98 19.65 -13.78
N GLU B 226 -17.05 20.53 -14.11
CA GLU B 226 -15.63 20.19 -14.13
C GLU B 226 -15.14 19.82 -12.74
N GLY B 227 -15.83 20.38 -11.75
CA GLY B 227 -15.51 20.25 -10.37
C GLY B 227 -15.81 18.87 -9.84
N ILE B 228 -16.64 18.08 -10.50
CA ILE B 228 -16.88 16.80 -9.89
C ILE B 228 -15.65 15.98 -10.10
N ALA B 229 -15.12 15.98 -11.31
CA ALA B 229 -13.93 15.19 -11.54
C ALA B 229 -12.80 15.71 -10.67
N THR B 230 -12.70 17.01 -10.50
CA THR B 230 -11.63 17.47 -9.67
C THR B 230 -11.82 16.98 -8.25
N ALA B 231 -13.04 17.04 -7.72
CA ALA B 231 -13.23 16.58 -6.37
C ALA B 231 -12.88 15.12 -6.24
N MET B 232 -13.21 14.31 -7.22
CA MET B 232 -12.88 12.92 -7.05
C MET B 232 -11.39 12.69 -6.98
N THR B 233 -10.63 13.36 -7.83
CA THR B 233 -9.20 13.14 -7.77
C THR B 233 -8.67 13.59 -6.45
N ARG B 234 -9.11 14.75 -5.98
CA ARG B 234 -8.56 15.22 -4.75
C ARG B 234 -8.93 14.35 -3.56
N THR B 235 -10.11 13.77 -3.48
CA THR B 235 -10.32 13.00 -2.27
C THR B 235 -9.37 11.84 -2.22
N VAL B 236 -9.03 11.24 -3.36
CA VAL B 236 -8.09 10.16 -3.27
C VAL B 236 -6.72 10.66 -2.83
N VAL B 237 -6.26 11.76 -3.40
CA VAL B 237 -4.93 12.23 -3.02
C VAL B 237 -4.82 12.70 -1.59
N TYR B 238 -5.77 13.45 -1.10
CA TYR B 238 -5.63 13.94 0.25
C TYR B 238 -5.83 12.91 1.31
N SER B 239 -6.75 11.97 1.14
CA SER B 239 -6.84 11.06 2.24
C SER B 239 -5.67 10.14 2.16
N SER B 240 -5.12 9.92 0.98
CA SER B 240 -4.01 9.04 0.90
C SER B 240 -2.81 9.57 1.63
N LEU B 241 -2.45 10.85 1.41
CA LEU B 241 -1.32 11.34 2.16
C LEU B 241 -1.62 11.42 3.63
N CYS B 242 -2.83 11.77 4.01
CA CYS B 242 -3.08 11.87 5.43
C CYS B 242 -2.97 10.54 6.11
N VAL B 243 -3.40 9.46 5.47
CA VAL B 243 -3.24 8.19 6.12
C VAL B 243 -1.78 7.92 6.31
N LEU B 244 -0.94 8.15 5.33
CA LEU B 244 0.45 7.82 5.56
C LEU B 244 1.12 8.70 6.62
N GLY B 245 0.76 9.97 6.66
CA GLY B 245 1.34 10.89 7.63
C GLY B 245 0.96 10.49 9.06
N PHE B 246 -0.32 10.23 9.28
CA PHE B 246 -0.76 9.86 10.61
C PHE B 246 -0.33 8.48 10.97
N ASP B 247 -0.19 7.60 10.00
CA ASP B 247 0.25 6.27 10.31
C ASP B 247 1.63 6.35 10.89
N PHE B 248 2.49 7.18 10.31
CA PHE B 248 3.81 7.31 10.87
C PHE B 248 3.79 7.74 12.30
N VAL B 249 3.06 8.78 12.62
CA VAL B 249 3.13 9.20 14.00
C VAL B 249 2.56 8.16 14.94
N LEU B 250 1.42 7.56 14.60
CA LEU B 250 0.84 6.63 15.52
C LEU B 250 1.68 5.40 15.73
N THR B 251 2.31 4.87 14.68
CA THR B 251 3.10 3.67 14.88
C THR B 251 4.33 4.00 15.70
N ALA B 252 4.84 5.22 15.53
CA ALA B 252 6.01 5.66 16.25
C ALA B 252 5.77 5.65 17.74
N VAL B 253 4.56 5.95 18.15
CA VAL B 253 4.23 5.95 19.55
C VAL B 253 3.92 4.55 20.03
N MET B 254 3.06 3.87 19.32
CA MET B 254 2.57 2.58 19.73
C MET B 254 3.64 1.55 19.94
N PHE B 255 4.65 1.54 19.08
CA PHE B 255 5.70 0.56 19.22
C PHE B 255 7.12 1.14 19.49
N GLY B 256 7.20 2.36 20.11
CA GLY B 256 8.43 3.07 20.41
C GLY B 256 8.57 3.39 21.89
N GLU C 8 -0.50 45.71 -63.72
CA GLU C 8 0.45 45.37 -64.80
C GLU C 8 0.90 43.88 -64.71
N LEU C 9 1.60 43.48 -63.61
CA LEU C 9 2.06 42.10 -63.38
C LEU C 9 1.04 41.42 -62.49
N VAL C 10 0.33 40.47 -63.08
CA VAL C 10 -0.80 39.83 -62.44
C VAL C 10 -0.61 38.36 -62.19
N VAL C 11 -0.76 37.96 -60.95
CA VAL C 11 -0.65 36.55 -60.64
C VAL C 11 -2.02 35.96 -60.91
N SER C 12 -2.22 35.53 -62.14
CA SER C 12 -3.48 35.02 -62.65
C SER C 12 -3.68 33.54 -62.40
N GLY C 13 -4.91 33.05 -62.59
CA GLY C 13 -5.19 31.62 -62.46
C GLY C 13 -5.78 31.24 -61.11
N LYS C 14 -5.76 29.96 -60.82
CA LYS C 14 -6.39 29.45 -59.61
C LYS C 14 -5.45 29.36 -58.44
N ILE C 15 -5.85 29.95 -57.34
CA ILE C 15 -5.08 29.82 -56.12
C ILE C 15 -5.84 28.81 -55.30
N ASP C 16 -5.22 27.68 -55.06
CA ASP C 16 -5.82 26.61 -54.29
C ASP C 16 -4.93 26.47 -53.09
N PHE C 17 -5.22 25.54 -52.21
CA PHE C 17 -4.36 25.40 -51.07
C PHE C 17 -3.04 24.80 -51.49
N GLU C 18 -3.11 23.87 -52.44
CA GLU C 18 -1.96 23.10 -52.87
C GLU C 18 -0.81 23.92 -53.46
N ASN C 19 -1.12 24.99 -54.19
CA ASN C 19 -0.11 25.81 -54.81
C ASN C 19 -0.05 27.19 -54.20
N ALA C 20 -0.63 27.37 -53.02
CA ALA C 20 -0.69 28.70 -52.43
C ALA C 20 0.67 29.27 -52.21
N GLU C 21 1.61 28.42 -51.89
CA GLU C 21 2.96 28.82 -51.57
C GLU C 21 3.66 29.43 -52.76
N GLN C 22 3.38 28.92 -53.96
CA GLN C 22 4.12 29.38 -55.11
C GLN C 22 3.47 30.60 -55.68
N GLN C 23 2.15 30.68 -55.53
CA GLN C 23 1.49 31.85 -56.06
C GLN C 23 1.88 33.00 -55.18
N TYR C 24 2.01 32.72 -53.88
CA TYR C 24 2.41 33.68 -52.88
C TYR C 24 3.79 34.24 -53.19
N GLN C 25 4.77 33.36 -53.46
CA GLN C 25 6.11 33.84 -53.76
C GLN C 25 6.15 34.61 -55.07
N ALA C 26 5.34 34.24 -56.07
CA ALA C 26 5.37 34.98 -57.32
C ALA C 26 4.96 36.44 -57.07
N GLY C 27 3.94 36.62 -56.24
CA GLY C 27 3.52 37.97 -55.93
C GLY C 27 4.58 38.71 -55.17
N LEU C 28 5.29 38.02 -54.29
CA LEU C 28 6.30 38.71 -53.54
C LEU C 28 7.39 39.21 -54.48
N ALA C 29 7.73 38.42 -55.50
CA ALA C 29 8.75 38.85 -56.45
C ALA C 29 8.31 40.14 -57.17
N ILE C 30 7.01 40.23 -57.47
CA ILE C 30 6.46 41.41 -58.11
C ILE C 30 6.61 42.61 -57.18
N ILE C 31 6.34 42.40 -55.90
CA ILE C 31 6.50 43.44 -54.88
C ILE C 31 7.95 43.85 -54.72
N LYS C 32 8.88 42.89 -54.74
CA LYS C 32 10.29 43.24 -54.61
C LYS C 32 10.62 44.25 -55.69
N LYS C 33 10.10 44.05 -56.90
CA LYS C 33 10.24 45.05 -57.97
C LYS C 33 9.13 46.10 -57.79
N GLN C 34 9.23 46.82 -56.69
CA GLN C 34 8.23 47.76 -56.21
C GLN C 34 8.13 49.04 -56.99
N THR C 35 6.89 49.48 -57.16
CA THR C 35 6.60 50.75 -57.77
C THR C 35 5.74 51.53 -56.78
N SER C 36 5.64 52.83 -56.99
CA SER C 36 4.79 53.70 -56.20
C SER C 36 4.22 54.76 -57.14
N PHE C 37 2.90 54.79 -57.44
CA PHE C 37 1.82 53.92 -56.96
C PHE C 37 2.11 52.45 -57.29
N PRO C 38 1.82 51.48 -56.37
CA PRO C 38 2.00 50.05 -56.56
C PRO C 38 1.26 49.55 -57.78
N LEU C 39 1.80 48.55 -58.44
CA LEU C 39 1.15 48.09 -59.66
C LEU C 39 -0.24 47.57 -59.35
N ILE C 40 -1.15 47.89 -60.25
CA ILE C 40 -2.52 47.46 -60.18
C ILE C 40 -2.67 46.06 -60.73
N VAL C 41 -3.33 45.21 -59.95
CA VAL C 41 -3.53 43.84 -60.34
C VAL C 41 -4.97 43.51 -60.70
N ASP C 42 -5.18 42.94 -61.88
CA ASP C 42 -6.52 42.57 -62.28
C ASP C 42 -6.87 41.24 -61.63
N LEU C 43 -7.73 41.25 -60.64
CA LEU C 43 -7.99 40.06 -59.85
C LEU C 43 -9.10 39.26 -60.49
N LYS C 44 -9.61 39.76 -61.61
CA LYS C 44 -10.68 39.12 -62.33
C LYS C 44 -10.06 38.06 -63.21
N GLN C 45 -8.73 37.96 -63.16
CA GLN C 45 -8.02 36.94 -63.87
C GLN C 45 -7.85 35.71 -62.96
N LEU C 46 -8.36 35.79 -61.71
CA LEU C 46 -8.28 34.68 -60.75
C LEU C 46 -9.51 33.80 -60.76
N GLU C 47 -9.31 32.53 -60.48
CA GLU C 47 -10.45 31.62 -60.32
C GLU C 47 -11.15 31.89 -58.99
N HIS C 48 -12.46 31.87 -59.03
CA HIS C 48 -13.30 32.13 -57.87
C HIS C 48 -13.41 31.01 -56.84
N GLY C 49 -14.04 31.34 -55.71
CA GLY C 49 -14.34 30.37 -54.65
C GLY C 49 -13.17 30.04 -53.75
N ASN C 50 -12.20 30.94 -53.63
CA ASN C 50 -11.03 30.64 -52.81
C ASN C 50 -10.74 31.72 -51.78
N THR C 51 -11.09 31.49 -50.51
CA THR C 51 -10.84 32.55 -49.53
C THR C 51 -9.36 32.75 -49.37
N LEU C 52 -8.58 31.69 -49.48
CA LEU C 52 -7.15 31.85 -49.28
C LEU C 52 -6.55 32.73 -50.35
N ALA C 53 -7.22 32.91 -51.48
CA ALA C 53 -6.67 33.80 -52.47
C ALA C 53 -6.59 35.18 -51.82
N LEU C 54 -7.60 35.50 -50.98
CA LEU C 54 -7.64 36.78 -50.31
C LEU C 54 -6.52 36.79 -49.31
N ALA C 55 -6.33 35.69 -48.59
CA ALA C 55 -5.27 35.71 -47.59
C ALA C 55 -3.94 36.04 -48.26
N VAL C 56 -3.73 35.50 -49.45
CA VAL C 56 -2.53 35.79 -50.21
C VAL C 56 -2.48 37.26 -50.62
N LEU C 57 -3.57 37.79 -51.13
CA LEU C 57 -3.62 39.17 -51.57
C LEU C 57 -3.41 40.16 -50.43
N VAL C 58 -3.95 39.85 -49.26
CA VAL C 58 -3.82 40.71 -48.10
C VAL C 58 -2.38 40.73 -47.65
N GLN C 59 -1.74 39.58 -47.59
CA GLN C 59 -0.36 39.56 -47.19
C GLN C 59 0.50 40.29 -48.18
N TRP C 60 0.16 40.25 -49.46
CA TRP C 60 0.96 40.97 -50.42
C TRP C 60 0.90 42.47 -50.19
N LEU C 61 -0.29 43.00 -49.96
CA LEU C 61 -0.40 44.44 -49.76
C LEU C 61 0.34 44.86 -48.51
N ARG C 62 0.28 44.01 -47.50
CA ARG C 62 0.89 44.29 -46.21
C ARG C 62 2.40 44.23 -46.21
N GLN C 63 3.02 43.87 -47.36
CA GLN C 63 4.48 43.87 -47.39
C GLN C 63 4.95 45.30 -47.60
N THR C 64 4.04 46.16 -48.06
CA THR C 64 4.31 47.56 -48.28
C THR C 64 3.10 48.32 -47.71
N PRO C 65 2.83 48.23 -46.38
CA PRO C 65 1.63 48.71 -45.71
C PRO C 65 1.46 50.22 -45.74
N GLN C 66 2.57 50.92 -46.01
CA GLN C 66 2.58 52.37 -46.07
C GLN C 66 2.06 52.86 -47.42
N LYS C 67 1.89 51.94 -48.37
CA LYS C 67 1.45 52.30 -49.71
C LYS C 67 0.00 51.93 -49.94
N SER C 68 -0.76 52.88 -50.42
CA SER C 68 -2.18 52.66 -50.68
C SER C 68 -2.39 51.98 -52.03
N GLY C 69 -1.92 50.74 -52.15
CA GLY C 69 -1.98 49.95 -53.38
C GLY C 69 -3.35 49.33 -53.60
N LEU C 70 -4.39 50.15 -53.59
CA LEU C 70 -5.76 49.65 -53.72
C LEU C 70 -6.36 49.67 -55.13
N HIS C 71 -6.91 48.54 -55.54
CA HIS C 71 -7.56 48.38 -56.84
C HIS C 71 -8.91 47.67 -56.67
N PHE C 72 -9.87 48.40 -56.09
CA PHE C 72 -11.21 47.86 -55.83
C PHE C 72 -12.02 47.56 -57.08
N LYS C 73 -11.74 48.30 -58.16
CA LYS C 73 -12.45 48.10 -59.41
C LYS C 73 -12.20 46.71 -59.99
N ASN C 74 -10.97 46.23 -59.86
CA ASN C 74 -10.60 44.92 -60.38
C ASN C 74 -10.93 43.74 -59.47
N VAL C 75 -11.76 43.96 -58.45
CA VAL C 75 -12.11 42.86 -57.57
C VAL C 75 -13.32 42.08 -58.12
N PRO C 76 -13.27 40.74 -58.25
CA PRO C 76 -14.35 39.86 -58.67
C PRO C 76 -15.55 40.03 -57.76
N GLU C 77 -16.74 39.85 -58.29
CA GLU C 77 -17.94 40.02 -57.47
C GLU C 77 -17.97 39.09 -56.28
N LYS C 78 -17.52 37.86 -56.46
CA LYS C 78 -17.55 36.95 -55.32
C LYS C 78 -16.58 37.38 -54.24
N MET C 79 -15.47 37.95 -54.66
CA MET C 79 -14.47 38.38 -53.72
C MET C 79 -14.98 39.61 -52.98
N LEU C 80 -15.64 40.52 -53.66
CA LEU C 80 -16.09 41.68 -52.93
C LEU C 80 -17.23 41.30 -52.00
N LYS C 81 -18.05 40.31 -52.38
CA LYS C 81 -19.14 39.92 -51.50
C LYS C 81 -18.61 39.33 -50.19
N ILE C 82 -17.53 38.52 -50.24
CA ILE C 82 -17.02 38.00 -48.98
C ILE C 82 -16.39 39.12 -48.16
N ILE C 83 -15.75 40.09 -48.82
CA ILE C 83 -15.16 41.21 -48.13
C ILE C 83 -16.21 42.03 -47.42
N GLN C 84 -17.30 42.33 -48.10
CA GLN C 84 -18.33 43.13 -47.46
C GLN C 84 -19.04 42.38 -46.34
N ALA C 85 -19.32 41.09 -46.56
CA ALA C 85 -20.02 40.29 -45.57
C ALA C 85 -19.23 40.18 -44.29
N CYS C 86 -17.93 40.16 -44.41
CA CYS C 86 -17.03 39.99 -43.29
C CYS C 86 -16.49 41.29 -42.72
N HIS C 87 -17.08 42.44 -43.05
CA HIS C 87 -16.62 43.72 -42.51
C HIS C 87 -15.17 44.04 -42.84
N LEU C 88 -14.69 43.65 -44.01
CA LEU C 88 -13.33 43.94 -44.42
C LEU C 88 -13.35 45.09 -45.42
N GLN C 89 -14.54 45.65 -45.58
CA GLN C 89 -14.79 46.75 -46.48
C GLN C 89 -14.05 47.98 -46.00
N GLU C 90 -13.33 48.58 -46.92
CA GLU C 90 -12.51 49.75 -46.71
C GLU C 90 -12.60 50.59 -47.97
N ASP C 91 -12.34 51.88 -47.88
CA ASP C 91 -12.46 52.64 -49.11
C ASP C 91 -11.23 52.43 -49.97
N LEU C 92 -11.39 51.48 -50.86
CA LEU C 92 -10.39 51.01 -51.77
C LEU C 92 -10.73 51.43 -53.19
N HIS C 93 -11.60 52.43 -53.35
CA HIS C 93 -11.98 52.85 -54.69
C HIS C 93 -10.88 53.66 -55.39
N LEU C 94 -10.80 53.53 -56.74
CA LEU C 94 -9.83 54.19 -57.63
C LEU C 94 -10.21 54.00 -59.10
N GLU D 8 -79.29 13.88 9.68
CA GLU D 8 -78.10 13.24 9.09
C GLU D 8 -76.87 13.56 9.96
N LEU D 9 -75.84 12.66 9.95
CA LEU D 9 -74.58 12.82 10.68
C LEU D 9 -73.48 13.14 9.72
N VAL D 10 -72.87 14.30 9.90
CA VAL D 10 -71.79 14.74 9.04
C VAL D 10 -70.63 15.29 9.88
N VAL D 11 -69.45 15.33 9.28
CA VAL D 11 -68.28 15.94 9.89
C VAL D 11 -68.22 17.37 9.34
N SER D 12 -67.99 18.35 10.21
CA SER D 12 -67.98 19.75 9.77
C SER D 12 -66.98 20.59 10.53
N GLY D 13 -66.68 21.78 10.00
CA GLY D 13 -65.75 22.71 10.61
C GLY D 13 -64.42 22.79 9.85
N LYS D 14 -63.39 23.30 10.49
CA LYS D 14 -62.12 23.45 9.81
C LYS D 14 -61.30 22.16 9.87
N ILE D 15 -60.87 21.69 8.72
CA ILE D 15 -60.01 20.53 8.66
C ILE D 15 -58.65 21.03 8.29
N ASP D 16 -57.67 20.71 9.12
CA ASP D 16 -56.31 21.15 8.89
C ASP D 16 -55.39 20.01 9.24
N PHE D 17 -54.10 20.20 9.09
CA PHE D 17 -53.18 19.11 9.34
C PHE D 17 -53.12 18.74 10.80
N GLU D 18 -53.39 19.70 11.65
CA GLU D 18 -53.34 19.53 13.08
C GLU D 18 -54.44 18.64 13.66
N ASN D 19 -55.60 18.51 12.99
CA ASN D 19 -56.68 17.70 13.52
C ASN D 19 -57.18 16.70 12.51
N ALA D 20 -56.37 16.47 11.49
CA ALA D 20 -56.78 15.62 10.40
C ALA D 20 -57.11 14.22 10.82
N GLU D 21 -56.36 13.72 11.79
CA GLU D 21 -56.53 12.36 12.21
C GLU D 21 -57.86 12.17 12.90
N GLN D 22 -58.27 13.18 13.65
CA GLN D 22 -59.47 13.12 14.44
C GLN D 22 -60.69 13.35 13.59
N GLN D 23 -60.59 14.24 12.62
CA GLN D 23 -61.74 14.48 11.79
C GLN D 23 -61.98 13.23 10.96
N TYR D 24 -60.88 12.61 10.54
CA TYR D 24 -60.96 11.40 9.76
C TYR D 24 -61.64 10.29 10.53
N GLN D 25 -61.22 10.06 11.79
CA GLN D 25 -61.83 9.01 12.59
C GLN D 25 -63.28 9.32 12.92
N ALA D 26 -63.64 10.59 13.10
CA ALA D 26 -65.03 10.91 13.38
C ALA D 26 -65.89 10.46 12.22
N GLY D 27 -65.40 10.70 11.00
CA GLY D 27 -66.16 10.29 9.84
C GLY D 27 -66.27 8.79 9.77
N LEU D 28 -65.20 8.09 10.16
CA LEU D 28 -65.28 6.65 10.12
C LEU D 28 -66.31 6.15 11.09
N ALA D 29 -66.40 6.78 12.27
CA ALA D 29 -67.39 6.35 13.25
C ALA D 29 -68.79 6.49 12.67
N ILE D 30 -69.02 7.56 11.92
CA ILE D 30 -70.32 7.76 11.30
C ILE D 30 -70.57 6.65 10.30
N ILE D 31 -69.57 6.30 9.50
CA ILE D 31 -69.70 5.22 8.52
C ILE D 31 -70.01 3.89 9.21
N LYS D 32 -69.33 3.60 10.31
CA LYS D 32 -69.56 2.35 11.04
C LYS D 32 -71.02 2.22 11.45
N LYS D 33 -71.64 3.35 11.79
CA LYS D 33 -73.03 3.42 12.21
C LYS D 33 -73.99 3.68 11.03
N GLN D 34 -73.47 3.77 9.82
CA GLN D 34 -74.28 4.11 8.67
C GLN D 34 -74.92 2.87 8.09
N THR D 35 -75.98 2.45 8.74
CA THR D 35 -76.71 1.24 8.40
C THR D 35 -77.82 1.56 7.41
N SER D 36 -78.01 2.84 7.18
CA SER D 36 -79.01 3.38 6.28
C SER D 36 -78.40 4.51 5.46
N PHE D 37 -78.59 4.40 4.17
CA PHE D 37 -78.05 5.31 3.18
C PHE D 37 -78.85 5.15 1.88
N PRO D 38 -78.73 6.07 0.91
CA PRO D 38 -77.91 7.27 0.76
C PRO D 38 -78.14 8.33 1.82
N LEU D 39 -77.06 9.03 2.14
CA LEU D 39 -76.99 10.16 3.05
C LEU D 39 -76.20 11.13 2.23
N ILE D 40 -76.64 12.37 2.18
CA ILE D 40 -75.89 13.29 1.36
C ILE D 40 -75.19 14.23 2.33
N VAL D 41 -73.88 14.29 2.26
CA VAL D 41 -73.12 15.04 3.22
C VAL D 41 -72.99 16.50 2.85
N ASP D 42 -73.51 17.36 3.71
CA ASP D 42 -73.50 18.80 3.49
C ASP D 42 -72.19 19.41 3.95
N LEU D 43 -71.40 19.87 3.00
CA LEU D 43 -70.07 20.41 3.27
C LEU D 43 -70.05 21.92 3.29
N LYS D 44 -71.22 22.57 3.35
CA LYS D 44 -71.18 24.03 3.34
C LYS D 44 -70.42 24.56 4.55
N GLN D 45 -70.51 23.85 5.67
CA GLN D 45 -69.80 24.27 6.87
C GLN D 45 -68.44 23.63 6.89
N LEU D 46 -67.62 24.04 5.94
CA LEU D 46 -66.27 23.53 5.77
C LEU D 46 -65.33 24.67 5.45
N GLU D 47 -64.26 24.79 6.21
CA GLU D 47 -63.35 25.90 5.88
C GLU D 47 -62.63 25.60 4.59
N HIS D 48 -62.54 26.61 3.75
CA HIS D 48 -61.94 26.55 2.43
C HIS D 48 -60.43 26.54 2.32
N GLY D 49 -59.96 26.01 1.19
CA GLY D 49 -58.55 26.09 0.82
C GLY D 49 -57.66 25.00 1.37
N ASN D 50 -58.23 23.88 1.79
CA ASN D 50 -57.40 22.85 2.36
C ASN D 50 -57.63 21.52 1.66
N THR D 51 -56.67 21.08 0.85
CA THR D 51 -56.87 19.87 0.06
C THR D 51 -56.90 18.63 0.91
N LEU D 52 -56.31 18.65 2.11
CA LEU D 52 -56.37 17.44 2.90
C LEU D 52 -57.80 17.14 3.26
N ALA D 53 -58.70 18.14 3.22
CA ALA D 53 -60.08 17.85 3.54
C ALA D 53 -60.57 16.86 2.51
N LEU D 54 -60.12 17.00 1.25
CA LEU D 54 -60.53 16.14 0.17
C LEU D 54 -59.91 14.79 0.42
N ALA D 55 -58.66 14.75 0.85
CA ALA D 55 -58.05 13.45 1.10
C ALA D 55 -58.88 12.70 2.14
N VAL D 56 -59.39 13.43 3.12
CA VAL D 56 -60.24 12.86 4.14
C VAL D 56 -61.56 12.40 3.54
N LEU D 57 -62.17 13.22 2.68
CA LEU D 57 -63.45 12.84 2.11
C LEU D 57 -63.30 11.59 1.24
N VAL D 58 -62.19 11.49 0.52
CA VAL D 58 -61.94 10.37 -0.36
C VAL D 58 -61.69 9.11 0.43
N GLN D 59 -60.92 9.18 1.50
CA GLN D 59 -60.75 7.97 2.27
C GLN D 59 -62.08 7.51 2.83
N TRP D 60 -62.99 8.41 3.16
CA TRP D 60 -64.31 7.97 3.60
C TRP D 60 -65.02 7.25 2.46
N LEU D 61 -64.90 7.79 1.23
CA LEU D 61 -65.54 7.22 0.05
C LEU D 61 -65.02 5.83 -0.20
N ARG D 62 -63.75 5.65 0.09
CA ARG D 62 -63.05 4.42 -0.11
C ARG D 62 -63.49 3.30 0.85
N GLN D 63 -64.21 3.63 1.92
CA GLN D 63 -64.58 2.58 2.86
C GLN D 63 -65.99 2.09 2.59
N THR D 64 -66.90 3.01 2.30
CA THR D 64 -68.30 2.68 2.09
C THR D 64 -69.01 3.28 0.83
N PRO D 65 -69.12 4.62 0.67
CA PRO D 65 -69.82 5.33 -0.40
C PRO D 65 -69.55 4.93 -1.83
N GLN D 66 -68.32 4.49 -2.13
CA GLN D 66 -67.98 4.10 -3.49
C GLN D 66 -68.81 2.91 -3.98
N LYS D 67 -69.31 2.08 -3.05
CA LYS D 67 -70.16 0.95 -3.45
C LYS D 67 -71.57 1.17 -2.94
N SER D 68 -71.69 1.91 -1.84
CA SER D 68 -72.95 2.09 -1.13
C SER D 68 -73.87 3.18 -1.67
N GLY D 69 -73.35 4.15 -2.43
CA GLY D 69 -74.23 5.20 -2.94
C GLY D 69 -74.37 6.40 -2.01
N LEU D 70 -73.26 6.84 -1.45
CA LEU D 70 -73.28 8.03 -0.60
C LEU D 70 -72.69 9.18 -1.41
N HIS D 71 -73.12 10.41 -1.10
CA HIS D 71 -72.70 11.57 -1.90
C HIS D 71 -72.54 12.81 -1.03
N PHE D 72 -72.12 13.92 -1.65
CA PHE D 72 -71.94 15.20 -0.96
C PHE D 72 -72.82 16.24 -1.61
N LYS D 73 -73.25 17.24 -0.83
CA LYS D 73 -74.04 18.38 -1.29
C LYS D 73 -73.53 19.69 -0.74
N ASN D 74 -73.90 20.79 -1.40
CA ASN D 74 -73.53 22.13 -0.95
C ASN D 74 -72.02 22.21 -0.76
N VAL D 75 -71.33 21.63 -1.72
CA VAL D 75 -69.90 21.54 -1.76
C VAL D 75 -69.35 22.89 -2.18
N PRO D 76 -68.40 23.48 -1.45
CA PRO D 76 -67.81 24.77 -1.77
C PRO D 76 -67.26 24.74 -3.19
N GLU D 77 -67.41 25.86 -3.89
CA GLU D 77 -66.97 25.96 -5.28
C GLU D 77 -65.50 25.69 -5.40
N LYS D 78 -64.74 26.10 -4.38
CA LYS D 78 -63.32 25.89 -4.39
C LYS D 78 -62.99 24.40 -4.38
N MET D 79 -63.76 23.60 -3.64
CA MET D 79 -63.43 22.18 -3.57
C MET D 79 -63.62 21.63 -4.95
N LEU D 80 -64.65 22.12 -5.64
CA LEU D 80 -64.88 21.63 -6.98
C LEU D 80 -63.75 22.05 -7.90
N LYS D 81 -63.26 23.29 -7.79
CA LYS D 81 -62.17 23.71 -8.66
C LYS D 81 -60.94 22.83 -8.48
N ILE D 82 -60.69 22.39 -7.25
CA ILE D 82 -59.55 21.52 -7.01
C ILE D 82 -59.80 20.18 -7.73
N ILE D 83 -61.00 19.63 -7.60
CA ILE D 83 -61.33 18.35 -8.21
C ILE D 83 -61.20 18.38 -9.72
N GLN D 84 -61.69 19.47 -10.31
CA GLN D 84 -61.76 19.64 -11.75
C GLN D 84 -60.42 19.96 -12.38
N ALA D 85 -59.34 19.94 -11.60
CA ALA D 85 -58.03 20.07 -12.16
C ALA D 85 -57.81 18.93 -13.16
N CYS D 86 -58.43 17.77 -12.89
CA CYS D 86 -58.30 16.61 -13.77
C CYS D 86 -59.41 15.59 -13.63
N HIS D 87 -60.06 15.47 -12.46
CA HIS D 87 -61.07 14.42 -12.32
C HIS D 87 -62.38 14.88 -12.91
N LEU D 88 -62.43 14.84 -14.22
CA LEU D 88 -63.54 15.40 -14.97
C LEU D 88 -64.64 14.36 -15.13
N GLN D 89 -64.35 13.18 -14.64
CA GLN D 89 -65.21 12.03 -14.62
C GLN D 89 -65.90 11.89 -13.28
N GLU D 90 -65.75 12.88 -12.40
CA GLU D 90 -66.38 12.80 -11.09
C GLU D 90 -67.90 12.78 -11.22
N ASP D 91 -68.55 12.18 -10.23
CA ASP D 91 -70.00 12.10 -10.24
C ASP D 91 -70.60 13.41 -9.79
N LEU D 92 -70.65 14.36 -10.71
CA LEU D 92 -71.12 15.70 -10.38
C LEU D 92 -72.64 15.77 -10.48
N HIS D 93 -73.28 15.15 -9.50
CA HIS D 93 -74.73 15.01 -9.44
C HIS D 93 -75.26 14.94 -8.00
N LEU D 94 -76.43 15.58 -7.74
CA LEU D 94 -77.13 15.58 -6.44
C LEU D 94 -78.52 14.93 -6.60
N THR E 5 -4.46 40.65 -0.85
CA THR E 5 -3.43 41.53 -1.47
C THR E 5 -2.17 40.69 -1.80
N SER E 6 -1.27 41.25 -2.66
CA SER E 6 0.00 40.63 -3.07
C SER E 6 0.99 40.64 -1.92
N GLU E 7 0.72 41.46 -0.93
CA GLU E 7 1.62 41.56 0.19
C GLU E 7 1.75 40.21 0.86
N LEU E 8 0.60 39.56 1.02
CA LEU E 8 0.57 38.26 1.65
C LEU E 8 0.90 37.21 0.64
N ALA E 9 0.35 37.30 -0.56
CA ALA E 9 0.62 36.23 -1.51
C ALA E 9 2.12 36.11 -1.77
N VAL E 10 2.85 37.21 -1.79
CA VAL E 10 4.27 37.11 -2.03
C VAL E 10 4.97 36.46 -0.86
N GLY E 11 4.63 36.86 0.37
CA GLY E 11 5.28 36.23 1.51
C GLY E 11 5.00 34.72 1.54
N ILE E 12 3.78 34.34 1.18
CA ILE E 12 3.39 32.95 1.18
C ILE E 12 4.12 32.20 0.09
N PHE E 13 4.28 32.82 -1.07
CA PHE E 13 5.06 32.19 -2.12
C PHE E 13 6.47 31.86 -1.65
N VAL E 14 7.14 32.81 -1.05
CA VAL E 14 8.52 32.53 -0.72
C VAL E 14 8.66 31.44 0.33
N ILE E 15 7.85 31.48 1.38
CA ILE E 15 7.98 30.47 2.42
C ILE E 15 7.59 29.15 1.83
N ILE E 16 8.33 28.12 2.20
CA ILE E 16 8.16 26.75 1.75
C ILE E 16 8.68 26.61 0.35
N PHE E 17 8.23 27.39 -0.61
CA PHE E 17 8.76 27.20 -1.95
C PHE E 17 10.29 27.26 -1.95
N GLY E 18 10.84 28.29 -1.29
CA GLY E 18 12.27 28.51 -1.25
C GLY E 18 12.98 27.61 -0.23
N ILE E 19 12.23 26.81 0.49
CA ILE E 19 12.80 25.93 1.47
C ILE E 19 12.86 24.55 0.90
N ALA E 20 11.73 24.12 0.36
CA ALA E 20 11.48 22.81 -0.17
C ALA E 20 12.39 22.43 -1.34
N LEU E 21 12.72 23.36 -2.23
CA LEU E 21 13.57 22.93 -3.34
C LEU E 21 14.98 22.56 -2.88
N PHE E 22 15.51 23.38 -1.97
CA PHE E 22 16.83 23.15 -1.45
C PHE E 22 16.77 21.99 -0.50
N PHE E 23 15.70 21.92 0.28
CA PHE E 23 15.50 20.88 1.25
C PHE E 23 15.62 19.53 0.61
N LEU E 24 14.94 19.30 -0.52
CA LEU E 24 15.07 17.97 -1.07
C LEU E 24 16.49 17.69 -1.46
N ALA E 25 17.19 18.61 -2.09
CA ALA E 25 18.55 18.24 -2.44
C ALA E 25 19.49 18.07 -1.22
N MET E 26 19.39 18.94 -0.21
CA MET E 26 20.36 18.92 0.88
C MET E 26 20.13 17.78 1.84
N LYS E 27 18.88 17.34 1.95
CA LYS E 27 18.53 16.31 2.88
C LYS E 27 18.78 14.96 2.28
N VAL E 28 19.27 14.93 1.06
CA VAL E 28 19.64 13.69 0.47
C VAL E 28 21.13 13.68 0.33
N SER E 29 21.74 14.70 -0.26
CA SER E 29 23.17 14.59 -0.47
C SER E 29 23.92 14.49 0.85
N GLY E 30 23.40 15.09 1.91
CA GLY E 30 24.06 15.01 3.19
C GLY E 30 23.96 13.61 3.79
N LEU E 31 23.07 12.79 3.27
CA LEU E 31 22.88 11.44 3.74
C LEU E 31 23.47 10.39 2.81
N VAL E 32 23.59 10.69 1.50
CA VAL E 32 24.04 9.64 0.57
C VAL E 32 25.40 9.87 -0.13
N GLY E 33 26.04 11.04 -0.01
CA GLY E 33 27.31 11.17 -0.74
C GLY E 33 28.14 12.44 -0.53
N THR E 34 27.61 13.47 0.10
CA THR E 34 28.38 14.68 0.35
C THR E 34 28.83 14.77 1.80
N ASN E 35 30.13 14.96 2.04
CA ASN E 35 30.64 15.02 3.40
C ASN E 35 31.87 15.93 3.50
N LEU E 36 32.41 16.08 4.73
CA LEU E 36 33.62 16.86 5.01
C LEU E 36 34.22 16.48 6.37
N SER E 37 35.50 16.10 6.37
CA SER E 37 36.20 15.73 7.60
C SER E 37 37.71 15.90 7.43
N ASP E 38 38.42 16.17 8.52
CA ASP E 38 39.87 16.31 8.41
C ASP E 38 40.54 14.96 8.40
N GLY E 39 40.44 14.28 7.25
CA GLY E 39 40.98 12.94 7.12
C GLY E 39 42.45 12.91 6.77
N TYR E 40 43.11 11.84 7.22
CA TYR E 40 44.50 11.53 6.96
C TYR E 40 44.54 10.09 6.51
N THR E 41 45.53 9.71 5.71
CA THR E 41 45.58 8.31 5.35
C THR E 41 46.90 7.68 5.69
N MET E 42 46.90 6.36 5.89
CA MET E 42 48.09 5.55 6.18
C MET E 42 47.96 4.18 5.53
N LYS E 43 49.08 3.54 5.22
CA LYS E 43 49.12 2.22 4.56
C LYS E 43 49.68 1.16 5.51
N ALA E 44 49.34 -0.11 5.33
CA ALA E 44 49.93 -1.20 6.11
C ALA E 44 50.01 -2.51 5.34
N GLN E 45 51.03 -3.33 5.62
CA GLN E 45 51.15 -4.71 5.14
C GLN E 45 50.47 -5.70 6.09
N PHE E 46 49.90 -6.78 5.55
CA PHE E 46 49.43 -7.93 6.32
C PHE E 46 49.71 -9.24 5.58
N ASP E 47 49.85 -10.31 6.35
CA ASP E 47 50.11 -11.63 5.81
C ASP E 47 48.84 -12.32 5.38
N ASN E 48 47.76 -12.02 6.07
CA ASN E 48 46.50 -12.69 5.81
C ASN E 48 45.24 -12.01 6.31
N VAL E 49 44.66 -11.16 5.48
CA VAL E 49 43.48 -10.43 5.86
C VAL E 49 42.23 -11.26 5.70
N ASN E 50 42.13 -12.41 6.34
CA ASN E 50 40.94 -13.21 6.07
C ASN E 50 39.61 -12.64 6.47
N GLY E 51 38.78 -12.47 5.46
CA GLY E 51 37.47 -11.92 5.66
C GLY E 51 37.30 -10.46 6.02
N LEU E 52 38.38 -9.68 6.21
CA LEU E 52 38.20 -8.27 6.62
C LEU E 52 37.38 -7.52 5.57
N LYS E 53 36.28 -6.92 5.98
CA LYS E 53 35.43 -6.23 5.03
C LYS E 53 36.01 -4.86 4.65
N PRO E 54 35.72 -4.33 3.44
CA PRO E 54 36.17 -3.04 2.99
C PRO E 54 35.67 -1.86 3.79
N ARG E 55 34.65 -2.02 4.62
CA ARG E 55 34.16 -0.90 5.41
C ARG E 55 34.31 -1.15 6.88
N ALA E 56 35.17 -2.07 7.31
CA ALA E 56 35.34 -2.40 8.73
C ALA E 56 35.95 -1.25 9.53
N LYS E 57 35.76 -1.24 10.86
CA LYS E 57 36.25 -0.18 11.74
C LYS E 57 37.71 -0.32 12.13
N VAL E 58 38.32 0.81 12.46
CA VAL E 58 39.71 0.92 12.88
C VAL E 58 39.73 1.56 14.24
N THR E 59 40.40 0.97 15.22
CA THR E 59 40.33 1.49 16.59
C THR E 59 41.63 1.51 17.36
N MET E 60 41.72 2.50 18.24
CA MET E 60 42.72 2.69 19.28
C MET E 60 42.04 2.64 20.65
N SER E 61 42.50 1.80 21.57
CA SER E 61 41.88 1.62 22.89
C SER E 61 40.37 1.31 22.86
N GLY E 62 39.81 0.91 21.72
CA GLY E 62 38.38 0.66 21.54
C GLY E 62 37.54 1.88 21.15
N VAL E 63 38.14 3.05 20.96
CA VAL E 63 37.43 4.22 20.47
C VAL E 63 37.45 4.21 18.97
N THR E 64 36.34 4.40 18.31
CA THR E 64 36.45 4.36 16.85
C THR E 64 37.29 5.51 16.35
N ILE E 65 38.34 5.23 15.58
CA ILE E 65 39.19 6.26 15.00
C ILE E 65 38.88 6.47 13.53
N GLY E 66 38.68 5.40 12.76
CA GLY E 66 38.58 5.52 11.32
C GLY E 66 38.08 4.29 10.60
N ARG E 67 38.28 4.28 9.30
CA ARG E 67 37.75 3.20 8.48
C ARG E 67 38.76 2.54 7.55
N VAL E 68 38.58 1.24 7.35
CA VAL E 68 39.29 0.55 6.29
C VAL E 68 38.83 1.15 4.99
N ASP E 69 39.76 1.56 4.13
CA ASP E 69 39.42 2.11 2.82
C ASP E 69 39.45 1.14 1.68
N SER E 70 40.61 0.51 1.50
CA SER E 70 40.74 -0.37 0.35
C SER E 70 41.64 -1.55 0.60
N ILE E 71 41.19 -2.74 0.17
CA ILE E 71 41.96 -3.95 0.37
C ILE E 71 42.43 -4.54 -0.95
N THR E 72 43.74 -4.64 -1.13
CA THR E 72 44.21 -5.21 -2.38
C THR E 72 45.33 -6.21 -2.23
N LEU E 73 45.65 -6.87 -3.33
CA LEU E 73 46.71 -7.87 -3.38
C LEU E 73 47.89 -7.50 -4.23
N ASP E 74 49.09 -7.75 -3.71
CA ASP E 74 50.27 -7.59 -4.55
C ASP E 74 50.68 -9.01 -5.05
N PRO E 75 50.45 -9.35 -6.34
CA PRO E 75 50.57 -10.66 -6.95
C PRO E 75 51.98 -11.18 -7.03
N VAL E 76 52.98 -10.36 -6.74
CA VAL E 76 54.32 -10.89 -6.85
C VAL E 76 54.97 -11.07 -5.49
N THR E 77 54.27 -10.71 -4.41
CA THR E 77 54.83 -10.88 -3.09
C THR E 77 53.84 -11.71 -2.33
N ARG E 78 52.62 -11.73 -2.90
CA ARG E 78 51.45 -12.37 -2.34
C ARG E 78 51.13 -11.84 -0.96
N LEU E 79 51.22 -10.53 -0.84
CA LEU E 79 50.93 -9.84 0.40
C LEU E 79 49.73 -8.98 0.26
N ALA E 80 49.03 -8.75 1.36
CA ALA E 80 47.92 -7.82 1.25
C ALA E 80 48.38 -6.46 1.64
N THR E 81 47.79 -5.47 0.99
CA THR E 81 48.03 -4.08 1.32
C THR E 81 46.71 -3.44 1.66
N VAL E 82 46.58 -2.81 2.82
CA VAL E 82 45.33 -2.17 3.22
C VAL E 82 45.58 -0.72 3.53
N THR E 83 44.73 0.15 2.99
CA THR E 83 44.78 1.58 3.25
C THR E 83 43.73 1.95 4.30
N PHE E 84 44.08 2.88 5.19
CA PHE E 84 43.23 3.47 6.24
C PHE E 84 42.79 4.91 5.96
N ASP E 85 41.65 5.30 6.53
CA ASP E 85 41.23 6.70 6.71
C ASP E 85 41.05 7.05 8.19
N LEU E 86 41.94 7.86 8.79
CA LEU E 86 41.86 8.25 10.22
C LEU E 86 41.36 9.69 10.37
N ASP E 87 40.45 9.94 11.32
CA ASP E 87 39.97 11.30 11.60
C ASP E 87 40.89 12.07 12.54
N GLY E 88 41.55 13.08 12.02
CA GLY E 88 42.57 13.81 12.75
C GLY E 88 42.14 14.45 14.05
N LYS E 89 40.86 14.83 14.19
CA LYS E 89 40.53 15.48 15.45
C LYS E 89 40.63 14.53 16.62
N LEU E 90 40.64 13.22 16.35
CA LEU E 90 40.74 12.25 17.42
C LEU E 90 42.16 11.71 17.53
N THR E 91 43.08 12.19 16.70
CA THR E 91 44.41 11.65 16.78
C THR E 91 45.57 12.65 16.83
N SER E 92 45.46 13.83 16.21
CA SER E 92 46.68 14.67 16.15
C SER E 92 47.01 15.69 17.27
N PHE E 93 46.08 16.37 17.95
CA PHE E 93 44.63 16.45 17.75
C PHE E 93 44.34 17.93 17.75
N ASN E 94 45.32 18.67 18.26
CA ASN E 94 45.28 20.12 18.42
C ASN E 94 46.70 20.63 18.41
N ALA E 95 46.87 21.92 18.70
CA ALA E 95 48.20 22.52 18.78
C ALA E 95 48.96 22.16 20.05
N GLU E 96 48.24 21.94 21.14
CA GLU E 96 48.90 21.67 22.39
C GLU E 96 49.66 20.40 22.32
N GLN E 97 49.15 19.45 21.57
CA GLN E 97 49.78 18.18 21.41
C GLN E 97 51.17 18.34 20.83
N LEU E 98 51.38 19.31 19.94
CA LEU E 98 52.70 19.42 19.39
C LEU E 98 53.61 19.89 20.47
N LYS E 99 53.14 20.84 21.26
CA LYS E 99 53.97 21.35 22.33
C LYS E 99 54.29 20.26 23.34
N GLU E 100 53.33 19.37 23.60
CA GLU E 100 53.58 18.27 24.53
C GLU E 100 54.65 17.37 23.98
N VAL E 101 54.63 17.12 22.67
CA VAL E 101 55.66 16.30 22.05
C VAL E 101 57.01 16.97 22.14
N GLN E 102 57.04 18.27 21.91
CA GLN E 102 58.28 19.00 21.98
C GLN E 102 58.82 18.90 23.40
N LYS E 103 57.92 18.96 24.38
CA LYS E 103 58.31 18.82 25.77
C LYS E 103 58.85 17.43 26.01
N ASN E 104 58.20 16.42 25.42
CA ASN E 104 58.64 15.06 25.61
C ASN E 104 59.98 14.90 24.97
N ALA E 105 60.21 15.62 23.88
CA ALA E 105 61.49 15.58 23.25
C ALA E 105 62.54 16.19 24.14
N LEU E 106 62.20 17.25 24.84
CA LEU E 106 63.20 17.84 25.72
C LEU E 106 63.56 16.86 26.84
N ASP E 107 62.59 16.05 27.29
CA ASP E 107 62.86 15.05 28.32
C ASP E 107 63.57 13.78 27.82
N GLU E 108 63.18 13.28 26.63
CA GLU E 108 63.71 12.04 26.07
C GLU E 108 64.97 12.19 25.23
N LEU E 109 65.07 13.27 24.48
CA LEU E 109 66.24 13.50 23.68
C LEU E 109 67.18 14.11 24.65
N ARG E 110 68.47 14.04 24.39
CA ARG E 110 69.43 14.65 25.29
C ARG E 110 69.32 14.03 26.67
N TYR E 111 69.05 12.73 26.67
CA TYR E 111 68.95 11.93 27.86
C TYR E 111 69.86 10.73 27.61
N SER E 112 70.79 10.94 26.68
CA SER E 112 71.70 9.92 26.23
C SER E 112 72.95 10.51 25.61
N SER E 113 73.82 9.60 25.17
CA SER E 113 75.09 9.89 24.55
C SER E 113 74.94 10.65 23.24
N ASP E 114 73.73 10.64 22.66
CA ASP E 114 73.50 11.35 21.41
C ASP E 114 73.82 12.82 21.55
N TYR E 115 73.51 13.41 22.72
CA TYR E 115 73.79 14.83 22.92
C TYR E 115 75.02 15.01 23.76
N THR E 116 75.29 14.06 24.64
CA THR E 116 76.42 14.21 25.54
C THR E 116 77.71 14.32 24.75
N GLN E 117 77.81 13.52 23.70
CA GLN E 117 79.00 13.48 22.86
C GLN E 117 78.90 14.38 21.63
N ALA E 118 77.83 15.17 21.53
CA ALA E 118 77.60 16.02 20.37
C ALA E 118 77.90 17.47 20.66
N THR E 119 78.38 18.18 19.66
CA THR E 119 78.66 19.59 19.86
C THR E 119 77.31 20.30 19.88
N PRO E 120 77.20 21.53 20.42
CA PRO E 120 75.98 22.32 20.42
C PRO E 120 75.34 22.42 19.04
N ALA E 121 76.16 22.49 17.98
CA ALA E 121 75.62 22.57 16.63
C ALA E 121 74.86 21.30 16.25
N GLN E 122 75.35 20.16 16.72
CA GLN E 122 74.75 18.88 16.43
C GLN E 122 73.52 18.74 17.28
N GLN E 123 73.57 19.28 18.49
CA GLN E 123 72.42 19.20 19.36
C GLN E 123 71.29 20.04 18.78
N LYS E 124 71.64 21.19 18.19
CA LYS E 124 70.65 22.04 17.55
C LYS E 124 70.09 21.36 16.33
N THR E 125 70.94 20.66 15.57
CA THR E 125 70.46 19.96 14.40
C THR E 125 69.42 18.92 14.80
N MET E 126 69.70 18.18 15.88
CA MET E 126 68.77 17.18 16.36
C MET E 126 67.45 17.82 16.81
N GLU E 127 67.51 18.98 17.45
CA GLU E 127 66.27 19.63 17.84
C GLU E 127 65.51 20.14 16.61
N GLN E 128 66.22 20.62 15.60
CA GLN E 128 65.59 21.12 14.40
C GLN E 128 64.90 20.02 13.62
N GLN E 129 65.53 18.85 13.52
CA GLN E 129 64.88 17.79 12.79
C GLN E 129 63.69 17.29 13.61
N LEU E 130 63.78 17.40 14.95
CA LEU E 130 62.69 16.96 15.79
C LEU E 130 61.49 17.80 15.46
N ILE E 131 61.67 19.11 15.38
CA ILE E 131 60.54 19.95 15.09
C ILE E 131 59.98 19.61 13.73
N SER E 132 60.85 19.44 12.74
CA SER E 132 60.36 19.17 11.40
C SER E 132 59.56 17.90 11.33
N ASN E 133 59.98 16.89 12.07
CA ASN E 133 59.31 15.63 12.03
C ASN E 133 57.97 15.69 12.71
N MET E 134 57.96 16.26 13.90
CA MET E 134 56.78 16.22 14.73
C MET E 134 55.69 17.10 14.16
N ASN E 135 56.07 18.10 13.39
CA ASN E 135 55.11 19.01 12.82
C ASN E 135 54.07 18.30 11.99
N SER E 136 54.39 17.11 11.47
CA SER E 136 53.44 16.41 10.63
C SER E 136 53.11 14.98 11.09
N ILE E 137 52.92 14.76 12.40
CA ILE E 137 52.58 13.39 12.86
C ILE E 137 51.15 13.32 13.33
N THR E 138 50.62 12.09 13.51
CA THR E 138 49.25 11.90 13.97
C THR E 138 49.20 11.08 15.25
N SER E 139 50.30 11.12 15.99
CA SER E 139 50.51 10.49 17.28
C SER E 139 50.45 8.99 17.45
N ILE E 140 50.61 8.18 16.40
CA ILE E 140 50.78 6.74 16.60
C ILE E 140 52.28 6.50 16.72
N ASP E 141 52.72 6.02 17.87
CA ASP E 141 54.13 5.75 18.16
C ASP E 141 54.69 4.51 17.42
N GLU E 142 55.98 4.54 17.05
CA GLU E 142 56.59 3.56 16.14
C GLU E 142 56.59 2.11 16.63
N ASP E 143 56.57 1.88 17.95
CA ASP E 143 56.44 0.54 18.52
C ASP E 143 55.08 -0.12 18.27
N ALA E 144 54.06 0.61 17.82
CA ALA E 144 52.72 0.08 17.62
C ALA E 144 52.65 -1.10 16.65
N TYR E 145 51.79 -2.05 16.95
CA TYR E 145 51.35 -3.08 16.01
C TYR E 145 50.19 -2.59 15.15
N ILE E 146 49.80 -3.37 14.16
CA ILE E 146 48.42 -3.39 13.66
C ILE E 146 48.07 -4.86 13.59
N MET E 147 46.82 -5.19 13.92
CA MET E 147 46.21 -6.47 13.60
C MET E 147 44.73 -6.30 13.19
N VAL E 148 44.16 -7.32 12.55
CA VAL E 148 42.72 -7.48 12.32
C VAL E 148 41.98 -7.96 13.58
N ALA E 149 40.68 -7.67 13.66
CA ALA E 149 39.77 -8.05 14.74
C ALA E 149 38.32 -8.13 14.23
N THR E 150 37.38 -8.48 15.12
CA THR E 150 35.96 -8.69 14.81
C THR E 150 35.05 -8.19 15.92
N ASN E 151 33.77 -7.94 15.64
CA ASN E 151 32.82 -7.42 16.62
C ASN E 151 32.72 -8.31 17.88
N GLY E 152 32.76 -9.63 17.72
CA GLY E 152 32.53 -10.60 18.79
C GLY E 152 32.29 -12.01 18.25
N LEU E 153 31.68 -12.89 19.05
CA LEU E 153 31.50 -14.30 18.70
C LEU E 153 30.55 -14.53 17.51
N LEU E 154 29.85 -13.49 17.06
CA LEU E 154 29.39 -13.37 15.68
C LEU E 154 29.28 -11.89 15.31
N GLY E 155 29.58 -11.52 14.07
CA GLY E 155 29.44 -10.15 13.58
C GLY E 155 30.45 -9.79 12.51
N GLU E 156 30.57 -8.48 12.23
CA GLU E 156 31.51 -7.93 11.25
C GLU E 156 32.92 -7.75 11.81
N LYS E 157 33.79 -7.09 11.04
CA LYS E 157 35.24 -7.07 11.24
C LYS E 157 35.76 -5.68 11.64
N TYR E 158 37.04 -5.56 12.00
CA TYR E 158 37.73 -4.33 12.39
C TYR E 158 39.29 -4.46 12.48
N LEU E 159 40.06 -3.43 12.87
CA LEU E 159 41.53 -3.43 13.09
C LEU E 159 41.99 -2.79 14.44
N LYS E 160 42.62 -3.50 15.34
CA LYS E 160 43.01 -2.82 16.55
C LYS E 160 44.32 -2.21 16.22
N ILE E 161 44.58 -1.02 16.69
CA ILE E 161 45.82 -0.42 16.34
C ILE E 161 46.44 0.00 17.61
N VAL E 162 46.91 -0.95 18.39
CA VAL E 162 47.52 -0.60 19.65
C VAL E 162 48.85 0.07 19.58
N PRO E 163 49.29 0.54 20.70
CA PRO E 163 50.52 1.30 20.86
C PRO E 163 51.48 0.73 21.92
N GLY E 164 52.70 1.28 22.04
CA GLY E 164 53.71 0.86 23.02
C GLY E 164 54.72 1.92 23.51
N GLY E 165 54.73 3.14 22.96
CA GLY E 165 55.41 4.31 23.50
C GLY E 165 56.74 4.73 22.85
N GLY E 166 57.23 5.91 23.23
CA GLY E 166 58.53 6.48 22.85
C GLY E 166 58.35 7.67 21.91
N LEU E 167 59.40 8.48 21.79
CA LEU E 167 59.34 9.70 20.97
C LEU E 167 59.70 9.43 19.52
N ASN E 168 58.90 8.59 18.92
CA ASN E 168 59.14 8.18 17.56
C ASN E 168 57.81 8.02 16.91
N TYR E 169 57.49 8.83 15.93
CA TYR E 169 56.15 8.78 15.37
C TYR E 169 56.10 8.57 13.88
N LEU E 170 55.08 7.86 13.41
CA LEU E 170 54.85 7.71 11.99
C LEU E 170 54.33 9.03 11.43
N LYS E 171 54.97 9.53 10.37
CA LYS E 171 54.54 10.77 9.77
C LYS E 171 53.24 10.49 9.08
N ARG E 172 52.37 11.46 9.03
CA ARG E 172 51.11 11.25 8.32
C ARG E 172 51.41 10.85 6.91
N GLY E 173 50.74 9.81 6.45
CA GLY E 173 50.93 9.30 5.10
C GLY E 173 51.94 8.17 5.02
N ASP E 174 52.63 7.88 6.10
CA ASP E 174 53.61 6.82 6.05
C ASP E 174 52.97 5.46 6.29
N THR E 175 53.78 4.43 6.26
CA THR E 175 53.35 3.07 6.46
C THR E 175 53.73 2.52 7.82
N ILE E 176 52.77 1.99 8.57
CA ILE E 176 53.07 1.32 9.83
C ILE E 176 53.63 -0.04 9.47
N SER E 177 54.90 -0.15 9.78
CA SER E 177 55.72 -1.27 9.45
C SER E 177 55.57 -2.50 10.29
N ASN E 178 55.75 -2.38 11.59
CA ASN E 178 55.79 -3.58 12.40
C ASN E 178 54.44 -4.14 12.70
N THR E 179 53.89 -4.87 11.73
CA THR E 179 52.57 -5.44 11.88
C THR E 179 52.65 -6.91 11.88
N GLN E 180 51.62 -7.56 12.37
CA GLN E 180 51.69 -9.00 12.41
C GLN E 180 50.31 -9.65 12.37
N GLY E 181 50.25 -10.79 11.71
CA GLY E 181 49.29 -11.83 11.96
C GLY E 181 47.82 -11.59 11.75
N THR E 182 47.08 -12.66 12.02
CA THR E 182 45.66 -12.87 11.85
C THR E 182 45.18 -13.88 12.91
N MET E 183 43.95 -14.35 12.81
CA MET E 183 43.48 -15.57 13.48
C MET E 183 42.78 -16.42 12.43
N ASP E 184 43.11 -17.70 12.26
CA ASP E 184 42.36 -18.61 11.36
C ASP E 184 42.11 -19.98 12.01
N LEU E 185 40.85 -20.41 12.02
CA LEU E 185 40.43 -21.68 12.62
C LEU E 185 41.04 -22.88 11.92
N GLU E 186 41.24 -22.83 10.61
CA GLU E 186 41.88 -23.93 9.87
C GLU E 186 43.24 -24.33 10.48
N ASP E 187 44.01 -23.36 11.01
CA ASP E 187 45.36 -23.69 11.46
C ASP E 187 45.29 -24.08 12.92
N LEU E 188 44.35 -23.48 13.64
CA LEU E 188 44.26 -23.86 15.04
C LEU E 188 43.90 -25.33 15.11
N ILE E 189 43.04 -25.76 14.19
CA ILE E 189 42.65 -27.15 14.19
C ILE E 189 43.82 -28.05 13.82
N SER E 190 44.56 -27.72 12.76
CA SER E 190 45.64 -28.62 12.35
C SER E 190 46.76 -28.73 13.36
N LYS E 191 46.91 -27.70 14.19
CA LYS E 191 47.91 -27.70 15.23
C LYS E 191 47.38 -28.22 16.56
N PHE E 192 46.09 -28.54 16.59
CA PHE E 192 45.39 -29.01 17.78
C PHE E 192 45.52 -28.08 18.97
N ILE E 193 45.37 -26.78 18.70
CA ILE E 193 45.42 -25.70 19.67
C ILE E 193 44.02 -25.51 20.29
N THR E 194 43.96 -25.33 21.64
CA THR E 194 42.74 -25.10 22.44
C THR E 194 41.94 -23.85 21.95
N ARG F 4 -35.11 -1.46 1.52
CA ARG F 4 -35.65 -2.79 1.15
C ARG F 4 -34.95 -3.90 1.97
N THR F 5 -35.67 -5.03 2.24
CA THR F 5 -35.13 -6.17 3.01
C THR F 5 -34.10 -6.91 2.20
N SER F 6 -34.20 -6.81 0.89
CA SER F 6 -33.27 -7.42 -0.02
C SER F 6 -31.91 -6.73 0.04
N GLU F 7 -31.87 -5.54 0.64
CA GLU F 7 -30.63 -4.79 0.78
C GLU F 7 -30.16 -4.84 2.24
N LEU F 8 -31.09 -4.82 3.18
CA LEU F 8 -30.73 -4.79 4.58
C LEU F 8 -30.34 -6.15 5.11
N ALA F 9 -30.86 -7.21 4.52
CA ALA F 9 -30.50 -8.53 4.99
C ALA F 9 -29.00 -8.71 4.87
N VAL F 10 -28.42 -8.11 3.85
CA VAL F 10 -27.01 -8.25 3.65
C VAL F 10 -26.28 -7.33 4.61
N GLY F 11 -26.78 -6.11 4.82
CA GLY F 11 -26.10 -5.23 5.76
C GLY F 11 -25.96 -5.92 7.11
N ILE F 12 -26.94 -6.72 7.49
CA ILE F 12 -26.89 -7.47 8.73
C ILE F 12 -25.86 -8.63 8.62
N PHE F 13 -25.90 -9.36 7.49
CA PHE F 13 -25.01 -10.46 7.20
C PHE F 13 -23.56 -10.09 7.35
N VAL F 14 -23.15 -8.95 6.80
CA VAL F 14 -21.76 -8.56 6.87
C VAL F 14 -21.29 -8.42 8.28
N ILE F 15 -22.08 -7.86 9.16
CA ILE F 15 -21.59 -7.76 10.51
C ILE F 15 -21.41 -9.15 11.08
N ILE F 16 -22.32 -10.06 10.80
CA ILE F 16 -22.13 -11.39 11.34
C ILE F 16 -20.81 -11.99 10.82
N PHE F 17 -20.55 -11.86 9.53
CA PHE F 17 -19.32 -12.35 8.94
C PHE F 17 -18.12 -11.72 9.62
N GLY F 18 -18.22 -10.43 9.86
CA GLY F 18 -17.24 -9.60 10.49
C GLY F 18 -16.89 -10.06 11.89
N ILE F 19 -17.71 -10.91 12.48
CA ILE F 19 -17.47 -11.46 13.80
C ILE F 19 -16.85 -12.86 13.66
N ALA F 20 -17.36 -13.65 12.72
CA ALA F 20 -16.86 -15.01 12.56
C ALA F 20 -15.36 -15.01 12.32
N LEU F 21 -14.83 -14.04 11.62
CA LEU F 21 -13.38 -14.04 11.44
C LEU F 21 -12.69 -13.12 12.41
N PHE F 22 -13.41 -12.59 13.37
CA PHE F 22 -12.80 -11.82 14.41
C PHE F 22 -12.13 -12.86 15.27
N PHE F 23 -12.90 -13.90 15.54
CA PHE F 23 -12.42 -15.00 16.36
C PHE F 23 -11.06 -15.51 15.92
N LEU F 24 -10.85 -15.69 14.62
CA LEU F 24 -9.55 -16.14 14.14
C LEU F 24 -8.42 -15.26 14.67
N ALA F 25 -8.63 -13.94 14.78
CA ALA F 25 -7.61 -13.05 15.29
C ALA F 25 -7.29 -13.39 16.72
N MET F 26 -8.28 -13.87 17.47
CA MET F 26 -8.05 -14.19 18.87
C MET F 26 -7.34 -15.52 18.99
N LYS F 27 -7.57 -16.43 18.04
CA LYS F 27 -6.86 -17.70 18.08
C LYS F 27 -5.38 -17.42 17.85
N VAL F 28 -5.10 -16.48 16.95
CA VAL F 28 -3.74 -16.09 16.66
C VAL F 28 -3.03 -15.42 17.83
N SER F 29 -3.66 -14.48 18.56
CA SER F 29 -2.90 -13.92 19.68
C SER F 29 -2.80 -14.89 20.85
N GLY F 30 -3.79 -15.74 21.02
CA GLY F 30 -3.77 -16.66 22.14
C GLY F 30 -4.29 -15.95 23.39
N LEU F 31 -4.41 -16.72 24.48
CA LEU F 31 -4.87 -16.23 25.78
C LEU F 31 -3.75 -16.04 26.78
N VAL F 32 -3.58 -14.81 27.20
CA VAL F 32 -2.56 -14.40 28.15
C VAL F 32 -3.20 -13.53 29.23
N GLY F 33 -2.49 -13.29 30.33
CA GLY F 33 -3.01 -12.35 31.33
C GLY F 33 -3.99 -12.97 32.31
N THR F 34 -3.88 -14.27 32.51
CA THR F 34 -4.77 -14.98 33.40
C THR F 34 -4.28 -14.76 34.84
N ASN F 35 -5.08 -15.07 35.88
CA ASN F 35 -6.42 -15.67 35.88
C ASN F 35 -7.19 -15.05 37.03
N LEU F 36 -8.46 -15.35 37.15
CA LEU F 36 -9.25 -14.67 38.16
C LEU F 36 -8.76 -14.70 39.60
N SER F 37 -7.91 -15.66 39.94
CA SER F 37 -7.42 -15.63 41.31
C SER F 37 -6.12 -14.88 41.26
N ASP F 38 -6.06 -13.86 40.41
CA ASP F 38 -4.86 -13.10 40.17
C ASP F 38 -4.27 -12.40 41.36
N GLY F 39 -5.15 -11.89 42.21
CA GLY F 39 -4.78 -11.13 43.38
C GLY F 39 -3.51 -11.45 44.12
N TYR F 40 -3.09 -12.71 44.12
CA TYR F 40 -1.92 -12.96 44.92
C TYR F 40 -0.72 -12.32 44.26
N THR F 41 0.02 -11.52 45.01
CA THR F 41 1.24 -10.93 44.55
C THR F 41 2.26 -11.21 45.60
N MET F 42 3.50 -11.23 45.20
CA MET F 42 4.60 -11.51 46.10
C MET F 42 5.76 -10.57 45.91
N LYS F 43 6.57 -10.44 46.96
CA LYS F 43 7.78 -9.66 46.82
C LYS F 43 8.97 -10.54 47.01
N ALA F 44 10.08 -10.27 46.35
CA ALA F 44 11.29 -11.05 46.56
C ALA F 44 12.53 -10.18 46.44
N GLN F 45 13.51 -10.46 47.29
CA GLN F 45 14.78 -9.76 47.33
C GLN F 45 15.87 -10.45 46.54
N PHE F 46 16.66 -9.70 45.78
CA PHE F 46 17.76 -10.22 44.97
C PHE F 46 18.98 -9.30 44.99
N ASP F 47 20.14 -9.89 44.81
CA ASP F 47 21.41 -9.18 44.68
C ASP F 47 21.77 -8.79 43.24
N ASN F 48 21.31 -9.52 42.25
CA ASN F 48 21.56 -9.20 40.86
C ASN F 48 20.42 -9.72 40.01
N VAL F 49 19.89 -8.87 39.14
CA VAL F 49 18.78 -9.21 38.26
C VAL F 49 19.07 -8.86 36.79
N ASN F 50 20.34 -8.89 36.37
CA ASN F 50 20.83 -8.25 35.14
C ASN F 50 19.96 -8.49 33.91
N GLY F 51 19.70 -9.75 33.57
CA GLY F 51 18.91 -10.11 32.40
C GLY F 51 17.39 -10.15 32.58
N LEU F 52 16.84 -9.88 33.77
CA LEU F 52 15.40 -9.96 34.04
C LEU F 52 14.63 -8.89 33.27
N LYS F 53 13.33 -9.10 33.06
CA LYS F 53 12.44 -8.15 32.39
C LYS F 53 11.00 -8.16 32.94
N PRO F 54 10.21 -7.09 32.76
CA PRO F 54 8.80 -7.13 32.96
C PRO F 54 8.33 -8.08 31.92
N ARG F 55 7.32 -8.85 32.26
CA ARG F 55 6.71 -9.91 31.45
C ARG F 55 7.57 -11.17 31.37
N ALA F 56 8.69 -11.30 32.07
CA ALA F 56 9.36 -12.61 32.15
C ALA F 56 8.43 -13.61 32.85
N LYS F 57 8.42 -14.88 32.43
CA LYS F 57 7.58 -15.91 33.05
C LYS F 57 8.12 -16.39 34.39
N VAL F 58 7.29 -17.10 35.13
CA VAL F 58 7.57 -17.65 36.46
C VAL F 58 7.16 -19.09 36.49
N THR F 59 7.94 -19.96 37.13
CA THR F 59 7.64 -21.39 37.12
C THR F 59 7.88 -22.11 38.43
N MET F 60 7.11 -23.17 38.63
CA MET F 60 7.28 -24.21 39.62
C MET F 60 7.31 -25.54 38.86
N SER F 61 8.39 -26.30 38.99
CA SER F 61 8.57 -27.55 38.26
C SER F 61 8.39 -27.46 36.74
N GLY F 62 8.46 -26.27 36.16
CA GLY F 62 8.29 -26.03 34.73
C GLY F 62 6.88 -25.64 34.30
N VAL F 63 5.88 -25.68 35.18
CA VAL F 63 4.55 -25.23 34.80
C VAL F 63 4.50 -23.74 34.84
N THR F 64 3.94 -23.08 33.86
CA THR F 64 3.90 -21.61 33.98
C THR F 64 2.93 -21.21 35.07
N ILE F 65 3.37 -20.41 36.03
CA ILE F 65 2.46 -19.99 37.09
C ILE F 65 2.45 -18.51 37.40
N GLY F 66 3.00 -17.63 36.57
CA GLY F 66 3.02 -16.20 36.94
C GLY F 66 3.89 -15.30 36.05
N ARG F 67 3.95 -14.02 36.41
CA ARG F 67 4.71 -13.04 35.64
C ARG F 67 5.53 -12.06 36.52
N VAL F 68 6.71 -11.65 36.07
CA VAL F 68 7.44 -10.55 36.70
C VAL F 68 6.81 -9.24 36.28
N ASP F 69 6.31 -8.45 37.21
CA ASP F 69 5.64 -7.21 36.87
C ASP F 69 6.54 -5.99 36.91
N SER F 70 7.30 -5.85 37.99
CA SER F 70 8.12 -4.65 38.11
C SER F 70 9.40 -4.81 38.89
N ILE F 71 10.47 -4.21 38.39
CA ILE F 71 11.77 -4.33 39.02
C ILE F 71 12.26 -2.97 39.48
N THR F 72 12.54 -2.82 40.77
CA THR F 72 13.03 -1.51 41.24
C THR F 72 14.22 -1.62 42.16
N LEU F 73 14.94 -0.52 42.34
CA LEU F 73 16.07 -0.48 43.26
C LEU F 73 15.81 0.25 44.55
N ASP F 74 16.20 -0.36 45.65
CA ASP F 74 16.17 0.33 46.92
C ASP F 74 17.57 0.91 47.18
N PRO F 75 17.77 2.24 47.05
CA PRO F 75 19.03 2.94 47.05
C PRO F 75 19.78 2.94 48.34
N VAL F 76 19.14 2.50 49.43
CA VAL F 76 19.90 2.54 50.67
C VAL F 76 20.16 1.18 51.22
N THR F 77 19.78 0.14 50.46
CA THR F 77 20.07 -1.20 50.89
C THR F 77 20.85 -1.77 49.75
N ARG F 78 20.70 -1.08 48.60
CA ARG F 78 21.30 -1.44 47.33
C ARG F 78 20.88 -2.83 46.88
N LEU F 79 19.61 -3.10 47.05
CA LEU F 79 19.03 -4.40 46.68
C LEU F 79 17.97 -4.26 45.64
N ALA F 80 17.80 -5.27 44.82
CA ALA F 80 16.69 -5.21 43.90
C ALA F 80 15.49 -5.75 44.60
N THR F 81 14.34 -5.20 44.30
CA THR F 81 13.08 -5.74 44.79
C THR F 81 12.22 -6.03 43.60
N VAL F 82 11.67 -7.25 43.51
CA VAL F 82 10.83 -7.66 42.37
C VAL F 82 9.38 -7.85 42.78
N THR F 83 8.49 -7.19 42.03
CA THR F 83 7.04 -7.32 42.17
C THR F 83 6.61 -8.42 41.25
N PHE F 84 5.92 -9.41 41.82
CA PHE F 84 5.78 -10.76 41.29
C PHE F 84 4.29 -11.18 41.25
N ASP F 85 3.65 -11.33 40.09
CA ASP F 85 2.23 -11.76 40.02
C ASP F 85 2.15 -13.25 40.01
N LEU F 86 1.57 -13.81 41.04
CA LEU F 86 1.55 -15.23 41.14
C LEU F 86 0.19 -15.68 40.70
N ASP F 87 0.09 -16.47 39.67
CA ASP F 87 -1.26 -16.77 39.24
C ASP F 87 -1.79 -17.85 40.13
N GLY F 88 -2.49 -17.39 41.14
CA GLY F 88 -3.01 -18.18 42.23
C GLY F 88 -3.91 -19.28 41.78
N LYS F 89 -4.43 -19.22 40.57
CA LYS F 89 -5.32 -20.29 40.19
C LYS F 89 -4.62 -21.63 40.26
N LEU F 90 -3.31 -21.64 40.00
CA LEU F 90 -2.60 -22.89 40.04
C LEU F 90 -1.82 -23.11 41.33
N THR F 91 -1.92 -22.20 42.30
CA THR F 91 -1.15 -22.38 43.53
C THR F 91 -2.02 -22.41 44.78
N SER F 92 -3.27 -21.96 44.68
CA SER F 92 -4.20 -22.00 45.81
C SER F 92 -4.73 -23.41 45.94
N PHE F 93 -5.00 -23.86 47.16
CA PHE F 93 -5.58 -25.17 47.36
C PHE F 93 -7.09 -25.06 47.19
N ASN F 94 -7.75 -26.07 46.62
CA ASN F 94 -9.21 -25.99 46.56
C ASN F 94 -9.70 -26.52 47.89
N ALA F 95 -11.00 -26.58 48.12
CA ALA F 95 -11.44 -26.98 49.46
C ALA F 95 -10.99 -28.38 49.90
N GLU F 96 -10.94 -29.34 49.02
CA GLU F 96 -10.59 -30.68 49.47
C GLU F 96 -9.11 -30.75 49.72
N GLN F 97 -8.38 -30.12 48.83
CA GLN F 97 -6.96 -30.12 48.88
C GLN F 97 -6.50 -29.38 50.11
N LEU F 98 -7.22 -28.34 50.47
CA LEU F 98 -6.88 -27.55 51.62
C LEU F 98 -7.09 -28.40 52.83
N LYS F 99 -8.19 -29.13 52.87
CA LYS F 99 -8.44 -29.98 54.01
C LYS F 99 -7.34 -30.98 54.17
N GLU F 100 -6.80 -31.51 53.07
CA GLU F 100 -5.73 -32.49 53.19
C GLU F 100 -4.42 -31.89 53.68
N VAL F 101 -4.04 -30.70 53.20
CA VAL F 101 -2.76 -30.14 53.65
C VAL F 101 -2.92 -29.67 55.08
N GLN F 102 -4.09 -29.13 55.39
CA GLN F 102 -4.41 -28.63 56.70
C GLN F 102 -4.40 -29.72 57.71
N LYS F 103 -5.01 -30.85 57.37
CA LYS F 103 -5.03 -31.93 58.31
C LYS F 103 -3.65 -32.42 58.53
N ASN F 104 -2.88 -32.63 57.47
CA ASN F 104 -1.57 -33.16 57.70
C ASN F 104 -0.76 -32.24 58.60
N ALA F 105 -0.76 -30.96 58.29
CA ALA F 105 0.01 -30.02 59.07
C ALA F 105 -0.50 -29.93 60.51
N LEU F 106 -1.83 -29.97 60.74
CA LEU F 106 -2.35 -29.90 62.10
C LEU F 106 -2.04 -31.17 62.88
N ASP F 107 -2.10 -32.33 62.22
CA ASP F 107 -1.84 -33.56 62.93
C ASP F 107 -0.42 -33.49 63.45
N GLU F 108 0.49 -33.03 62.61
CA GLU F 108 1.85 -32.94 63.09
C GLU F 108 2.06 -31.81 64.09
N LEU F 109 1.37 -30.68 63.93
CA LEU F 109 1.57 -29.55 64.84
C LEU F 109 1.34 -29.95 66.30
N ARG F 110 0.29 -30.73 66.55
CA ARG F 110 -0.05 -31.13 67.91
C ARG F 110 0.65 -32.40 68.38
N TYR F 111 1.53 -32.96 67.54
CA TYR F 111 2.29 -34.14 67.90
C TYR F 111 3.71 -33.68 68.24
N SER F 112 4.27 -32.76 67.45
CA SER F 112 5.63 -32.30 67.70
C SER F 112 5.71 -31.21 68.78
N SER F 113 4.67 -30.38 68.92
CA SER F 113 4.72 -29.40 69.99
C SER F 113 4.15 -30.11 71.21
N ASP F 114 4.36 -29.57 72.40
CA ASP F 114 3.82 -30.19 73.59
C ASP F 114 2.67 -29.44 74.26
N TYR F 115 1.98 -28.58 73.52
CA TYR F 115 0.90 -27.82 74.15
C TYR F 115 -0.27 -28.76 74.44
N THR F 116 -0.39 -29.81 73.64
CA THR F 116 -1.39 -30.85 73.77
C THR F 116 -1.36 -31.40 75.18
N GLN F 117 -0.17 -31.64 75.70
CA GLN F 117 -0.04 -32.19 77.03
C GLN F 117 -0.03 -31.11 78.10
N ALA F 118 0.53 -29.94 77.77
CA ALA F 118 0.68 -28.85 78.72
C ALA F 118 -0.64 -28.29 79.24
N THR F 119 -1.66 -28.22 78.39
CA THR F 119 -2.92 -27.61 78.82
C THR F 119 -4.23 -28.41 78.62
N PRO F 120 -4.79 -28.69 77.41
CA PRO F 120 -4.47 -28.42 76.01
C PRO F 120 -5.02 -27.11 75.40
N ALA F 121 -5.53 -26.17 76.21
CA ALA F 121 -6.13 -24.96 75.65
C ALA F 121 -5.14 -24.20 74.76
N GLN F 122 -3.86 -24.25 75.12
CA GLN F 122 -2.83 -23.60 74.33
C GLN F 122 -2.66 -24.34 73.02
N GLN F 123 -2.88 -25.66 73.02
CA GLN F 123 -2.74 -26.40 71.78
C GLN F 123 -3.86 -25.97 70.88
N LYS F 124 -5.05 -25.77 71.46
CA LYS F 124 -6.20 -25.37 70.68
C LYS F 124 -5.92 -24.05 70.01
N THR F 125 -5.26 -23.15 70.73
CA THR F 125 -4.89 -21.87 70.17
C THR F 125 -3.95 -22.07 68.99
N MET F 126 -2.94 -22.95 69.14
CA MET F 126 -2.00 -23.21 68.06
C MET F 126 -2.67 -23.83 66.83
N GLU F 127 -3.67 -24.67 67.06
CA GLU F 127 -4.36 -25.31 65.96
C GLU F 127 -5.09 -24.22 65.21
N GLN F 128 -5.68 -23.28 65.96
CA GLN F 128 -6.40 -22.18 65.37
C GLN F 128 -5.47 -21.23 64.65
N GLN F 129 -4.24 -21.07 65.10
CA GLN F 129 -3.35 -20.17 64.39
C GLN F 129 -3.10 -20.73 63.00
N LEU F 130 -2.92 -22.03 62.92
CA LEU F 130 -2.67 -22.62 61.64
C LEU F 130 -3.94 -22.54 60.78
N ILE F 131 -5.10 -22.74 61.40
CA ILE F 131 -6.38 -22.69 60.71
C ILE F 131 -6.63 -21.30 60.14
N SER F 132 -6.30 -20.26 60.88
CA SER F 132 -6.47 -18.93 60.32
C SER F 132 -5.56 -18.73 59.13
N ASN F 133 -4.36 -19.30 59.16
CA ASN F 133 -3.46 -19.12 58.02
C ASN F 133 -4.06 -19.75 56.77
N MET F 134 -4.78 -20.86 56.99
CA MET F 134 -5.44 -21.66 55.96
C MET F 134 -6.49 -20.85 55.18
N ASN F 135 -6.88 -19.69 55.69
CA ASN F 135 -7.89 -18.89 55.02
C ASN F 135 -7.47 -18.52 53.61
N SER F 136 -6.17 -18.32 53.38
CA SER F 136 -5.71 -17.98 52.04
C SER F 136 -4.27 -18.40 51.86
N ILE F 137 -3.99 -19.62 52.27
CA ILE F 137 -2.66 -20.22 52.26
C ILE F 137 -2.34 -20.73 50.88
N THR F 138 -1.10 -20.55 50.44
CA THR F 138 -0.75 -21.08 49.12
C THR F 138 0.20 -22.24 49.21
N SER F 139 0.52 -22.82 48.06
CA SER F 139 1.39 -23.98 47.96
C SER F 139 2.88 -23.75 48.16
N ILE F 140 3.33 -22.50 48.16
CA ILE F 140 4.76 -22.23 48.30
C ILE F 140 5.12 -22.32 49.76
N ASP F 141 6.05 -23.18 50.07
CA ASP F 141 6.42 -23.42 51.44
C ASP F 141 7.25 -22.36 52.08
N GLU F 142 7.30 -22.45 53.39
CA GLU F 142 8.04 -21.55 54.26
C GLU F 142 9.54 -21.46 53.99
N ASP F 143 10.14 -22.47 53.34
CA ASP F 143 11.57 -22.46 53.06
C ASP F 143 11.88 -22.41 51.57
N ALA F 144 10.92 -22.05 50.75
CA ALA F 144 11.13 -22.09 49.31
C ALA F 144 12.23 -21.15 48.85
N TYR F 145 12.94 -21.57 47.82
CA TYR F 145 13.99 -20.81 47.17
C TYR F 145 13.42 -20.11 45.95
N ILE F 146 13.89 -18.92 45.63
CA ILE F 146 13.59 -18.28 44.37
C ILE F 146 14.87 -17.92 43.66
N MET F 147 14.99 -18.31 42.40
CA MET F 147 16.22 -18.15 41.63
C MET F 147 15.96 -17.39 40.36
N VAL F 148 16.74 -16.36 40.03
CA VAL F 148 16.63 -15.83 38.65
C VAL F 148 17.14 -16.88 37.68
N ALA F 149 16.48 -17.04 36.55
CA ALA F 149 16.68 -18.15 35.62
C ALA F 149 16.65 -17.66 34.18
N THR F 150 17.16 -18.45 33.23
CA THR F 150 17.18 -18.10 31.80
C THR F 150 16.33 -19.10 31.03
N ASN F 151 15.46 -18.74 30.11
CA ASN F 151 14.53 -19.76 29.57
C ASN F 151 15.09 -20.97 28.89
N GLY F 152 16.23 -20.72 28.32
CA GLY F 152 16.84 -21.61 27.33
C GLY F 152 18.36 -21.63 27.49
N LEU F 153 19.10 -21.79 26.39
CA LEU F 153 20.50 -21.38 26.38
C LEU F 153 20.62 -19.86 26.27
N LEU F 154 19.90 -19.26 25.32
CA LEU F 154 19.77 -17.82 25.19
C LEU F 154 18.37 -17.44 24.71
N GLY F 155 17.96 -16.23 25.06
CA GLY F 155 16.57 -15.78 24.99
C GLY F 155 16.36 -14.64 25.96
N GLU F 156 15.90 -14.94 27.17
CA GLU F 156 15.64 -13.96 28.23
C GLU F 156 15.71 -14.58 29.63
N LYS F 157 15.74 -13.73 30.67
CA LYS F 157 15.67 -14.19 32.05
C LYS F 157 14.31 -13.96 32.66
N TYR F 158 13.97 -14.84 33.61
CA TYR F 158 12.66 -15.18 34.16
C TYR F 158 12.84 -15.77 35.57
N LEU F 159 11.76 -16.18 36.25
CA LEU F 159 11.85 -16.64 37.65
C LEU F 159 11.42 -18.09 37.90
N LYS F 160 12.12 -18.74 38.82
CA LYS F 160 11.88 -20.13 39.21
C LYS F 160 11.65 -20.23 40.72
N ILE F 161 10.50 -20.76 41.15
CA ILE F 161 10.15 -21.02 42.55
C ILE F 161 10.44 -22.49 42.84
N VAL F 162 11.48 -22.75 43.60
CA VAL F 162 11.91 -24.08 43.98
C VAL F 162 11.26 -24.45 45.33
N PRO F 163 10.36 -25.43 45.38
CA PRO F 163 9.68 -25.86 46.58
C PRO F 163 10.58 -26.72 47.40
N GLY F 164 10.27 -26.78 48.67
CA GLY F 164 10.97 -27.64 49.63
C GLY F 164 10.26 -27.50 50.97
N GLY F 165 11.05 -27.37 52.01
CA GLY F 165 10.51 -27.11 53.34
C GLY F 165 9.80 -28.26 54.02
N GLY F 166 8.92 -27.88 54.94
CA GLY F 166 8.20 -28.78 55.81
C GLY F 166 6.69 -28.61 55.73
N LEU F 167 6.10 -28.21 56.85
CA LEU F 167 4.65 -28.12 56.97
C LEU F 167 4.03 -26.76 56.79
N ASN F 168 4.77 -25.67 57.00
CA ASN F 168 4.10 -24.38 56.94
C ASN F 168 4.25 -23.79 55.57
N TYR F 169 3.32 -22.92 55.25
CA TYR F 169 3.28 -22.27 53.96
C TYR F 169 3.09 -20.81 54.09
N LEU F 170 3.48 -20.11 53.05
CA LEU F 170 3.29 -18.68 52.98
C LEU F 170 1.84 -18.42 52.64
N LYS F 171 1.33 -17.28 53.07
CA LYS F 171 -0.06 -16.92 52.78
C LYS F 171 -0.18 -15.57 52.15
N ARG F 172 -1.26 -15.38 51.43
CA ARG F 172 -1.53 -14.10 50.84
C ARG F 172 -0.34 -13.59 50.04
N GLY F 173 0.17 -12.39 50.36
CA GLY F 173 1.28 -11.78 49.63
C GLY F 173 2.52 -11.45 50.46
N ASP F 174 3.17 -12.46 51.00
CA ASP F 174 4.35 -12.29 51.84
C ASP F 174 5.59 -12.12 50.97
N THR F 175 6.75 -11.95 51.59
CA THR F 175 8.02 -11.86 50.89
C THR F 175 8.72 -13.19 50.98
N ILE F 176 9.20 -13.73 49.87
CA ILE F 176 9.85 -15.02 50.02
C ILE F 176 11.13 -14.80 50.76
N SER F 177 11.30 -15.47 51.88
CA SER F 177 12.44 -15.24 52.72
C SER F 177 13.69 -15.97 52.32
N ASN F 178 14.14 -15.73 51.10
CA ASN F 178 15.34 -16.38 50.58
C ASN F 178 15.98 -15.59 49.47
N THR F 179 17.31 -15.60 49.42
CA THR F 179 18.06 -14.89 48.39
C THR F 179 18.88 -15.82 47.53
N GLN F 180 18.77 -15.68 46.21
CA GLN F 180 19.59 -16.40 45.26
C GLN F 180 19.59 -15.67 43.93
N GLY F 181 20.58 -14.82 43.72
CA GLY F 181 20.69 -14.05 42.51
C GLY F 181 21.45 -14.72 41.40
N THR F 182 21.42 -14.12 40.22
CA THR F 182 22.23 -14.58 39.08
C THR F 182 23.71 -14.29 39.29
N MET F 183 24.55 -14.80 38.40
CA MET F 183 25.99 -14.63 38.44
C MET F 183 26.49 -14.22 37.06
N ASP F 184 27.25 -13.13 36.97
CA ASP F 184 27.79 -12.61 35.71
C ASP F 184 29.04 -13.34 35.23
N LEU F 185 29.37 -13.19 33.95
CA LEU F 185 30.63 -13.69 33.40
C LEU F 185 31.86 -13.14 34.16
N GLU F 186 31.73 -12.00 34.83
CA GLU F 186 32.73 -11.46 35.75
C GLU F 186 33.26 -12.49 36.76
N ASP F 187 32.38 -13.19 37.47
CA ASP F 187 32.74 -14.18 38.46
C ASP F 187 32.91 -15.55 37.88
N LEU F 188 32.22 -15.80 36.80
CA LEU F 188 32.39 -17.11 36.20
C LEU F 188 33.86 -17.20 35.80
N ILE F 189 34.42 -16.06 35.40
CA ILE F 189 35.82 -15.96 35.07
C ILE F 189 36.71 -15.79 36.31
N SER F 190 36.34 -14.91 37.29
CA SER F 190 37.22 -14.60 38.46
C SER F 190 37.45 -15.82 39.34
N LYS F 191 36.55 -16.79 39.24
CA LYS F 191 36.68 -18.06 39.94
C LYS F 191 37.99 -18.75 39.57
N PHE F 192 38.50 -18.46 38.37
CA PHE F 192 39.71 -19.05 37.86
C PHE F 192 40.73 -17.94 37.66
N ILE F 193 42.01 -18.24 37.71
CA ILE F 193 42.96 -17.16 37.52
C ILE F 193 43.56 -17.14 36.11
N THR F 194 43.30 -16.02 35.37
CA THR F 194 43.76 -15.70 34.02
C THR F 194 43.96 -14.16 34.03
N SER G 6 -31.84 -15.78 -22.30
CA SER G 6 -31.77 -15.85 -20.81
C SER G 6 -30.71 -16.85 -20.24
N GLU G 7 -30.58 -18.05 -20.84
CA GLU G 7 -29.78 -19.18 -20.36
C GLU G 7 -28.29 -18.90 -20.22
N LEU G 8 -27.76 -17.92 -20.94
CA LEU G 8 -26.34 -17.67 -20.78
C LEU G 8 -26.11 -16.99 -19.45
N ALA G 9 -27.06 -16.15 -19.05
CA ALA G 9 -26.93 -15.41 -17.81
C ALA G 9 -27.20 -16.36 -16.68
N VAL G 10 -28.12 -17.29 -16.91
CA VAL G 10 -28.46 -18.22 -15.87
C VAL G 10 -27.26 -19.12 -15.61
N GLY G 11 -26.66 -19.58 -16.69
CA GLY G 11 -25.50 -20.43 -16.61
C GLY G 11 -24.38 -19.75 -15.85
N ILE G 12 -23.97 -18.57 -16.27
CA ILE G 12 -22.86 -18.00 -15.54
C ILE G 12 -23.22 -17.67 -14.11
N PHE G 13 -24.48 -17.30 -13.84
CA PHE G 13 -24.85 -17.04 -12.46
C PHE G 13 -24.57 -18.22 -11.59
N VAL G 14 -25.06 -19.38 -11.99
CA VAL G 14 -24.87 -20.50 -11.09
C VAL G 14 -23.40 -20.89 -11.02
N ILE G 15 -22.67 -20.76 -12.13
CA ILE G 15 -21.27 -21.15 -12.15
C ILE G 15 -20.42 -20.32 -11.22
N ILE G 16 -20.60 -19.02 -11.21
CA ILE G 16 -19.79 -18.21 -10.33
C ILE G 16 -20.35 -18.11 -8.93
N PHE G 17 -21.63 -17.83 -8.82
CA PHE G 17 -22.21 -17.61 -7.53
C PHE G 17 -21.99 -18.82 -6.63
N GLY G 18 -22.26 -20.01 -7.17
CA GLY G 18 -22.21 -21.24 -6.43
C GLY G 18 -20.82 -21.72 -6.11
N ILE G 19 -19.78 -21.06 -6.60
CA ILE G 19 -18.45 -21.51 -6.29
C ILE G 19 -17.81 -20.49 -5.37
N ALA G 20 -17.96 -19.21 -5.71
CA ALA G 20 -17.30 -18.15 -4.98
C ALA G 20 -17.68 -18.15 -3.51
N LEU G 21 -18.93 -18.46 -3.21
CA LEU G 21 -19.37 -18.48 -1.82
C LEU G 21 -18.65 -19.52 -0.99
N PHE G 22 -18.31 -20.62 -1.62
CA PHE G 22 -17.74 -21.68 -0.87
C PHE G 22 -16.27 -21.61 -0.95
N PHE G 23 -15.75 -20.86 -1.91
CA PHE G 23 -14.33 -20.70 -1.94
C PHE G 23 -13.97 -20.00 -0.66
N LEU G 24 -14.75 -19.00 -0.26
CA LEU G 24 -14.42 -18.35 0.99
C LEU G 24 -14.64 -19.28 2.17
N ALA G 25 -15.74 -20.03 2.19
CA ALA G 25 -15.98 -20.92 3.32
C ALA G 25 -14.87 -21.96 3.52
N MET G 26 -14.33 -22.47 2.41
CA MET G 26 -13.28 -23.48 2.45
C MET G 26 -11.94 -22.89 2.86
N LYS G 27 -11.64 -21.70 2.37
CA LYS G 27 -10.38 -21.08 2.73
C LYS G 27 -10.33 -20.87 4.24
N VAL G 28 -11.49 -20.51 4.80
CA VAL G 28 -11.61 -20.31 6.23
C VAL G 28 -11.59 -21.63 7.01
N SER G 29 -12.32 -22.65 6.56
CA SER G 29 -12.33 -23.90 7.34
C SER G 29 -10.93 -24.49 7.40
N GLY G 30 -10.10 -24.18 6.41
CA GLY G 30 -8.74 -24.63 6.40
C GLY G 30 -7.98 -24.20 7.66
N LEU G 31 -8.38 -23.10 8.29
CA LEU G 31 -7.72 -22.63 9.50
C LEU G 31 -8.50 -22.85 10.80
N VAL G 32 -9.86 -22.83 10.73
CA VAL G 32 -10.67 -22.95 11.95
C VAL G 32 -11.55 -24.20 12.10
N GLY G 33 -11.57 -25.08 11.10
CA GLY G 33 -12.41 -26.28 11.15
C GLY G 33 -11.61 -27.48 11.62
N THR G 34 -12.02 -28.67 11.19
CA THR G 34 -11.35 -29.90 11.62
C THR G 34 -11.02 -30.82 10.47
N ASN G 35 -10.31 -31.89 10.80
CA ASN G 35 -9.94 -32.90 9.83
C ASN G 35 -10.56 -34.27 10.10
N LEU G 36 -11.32 -34.35 11.19
CA LEU G 36 -12.00 -35.58 11.60
C LEU G 36 -11.05 -36.79 11.70
N SER G 37 -9.80 -36.58 12.09
CA SER G 37 -8.83 -37.67 12.17
C SER G 37 -9.09 -38.62 13.34
N ASP G 38 -8.68 -39.87 13.19
CA ASP G 38 -8.89 -40.85 14.24
C ASP G 38 -7.86 -40.73 15.35
N GLY G 39 -8.01 -39.70 16.19
CA GLY G 39 -7.06 -39.45 17.28
C GLY G 39 -7.38 -40.20 18.57
N TYR G 40 -6.35 -40.37 19.39
CA TYR G 40 -6.42 -41.01 20.71
C TYR G 40 -5.73 -40.16 21.74
N THR G 41 -6.09 -40.29 23.01
CA THR G 41 -5.32 -39.52 24.00
C THR G 41 -4.73 -40.40 25.07
N MET G 42 -3.64 -39.93 25.66
CA MET G 42 -2.95 -40.63 26.75
C MET G 42 -2.37 -39.64 27.73
N LYS G 43 -2.06 -40.08 28.95
CA LYS G 43 -1.46 -39.16 29.94
C LYS G 43 -0.14 -39.63 30.51
N ALA G 44 0.67 -38.71 31.02
CA ALA G 44 1.88 -39.07 31.73
C ALA G 44 2.29 -38.02 32.75
N GLN G 45 3.04 -38.45 33.77
CA GLN G 45 3.53 -37.53 34.79
C GLN G 45 5.02 -37.31 34.73
N PHE G 46 5.45 -36.12 35.14
CA PHE G 46 6.84 -35.66 35.05
C PHE G 46 7.29 -34.90 36.28
N ASP G 47 8.58 -34.98 36.57
CA ASP G 47 9.20 -34.20 37.64
C ASP G 47 9.63 -32.81 37.23
N ASN G 48 9.86 -32.56 35.95
CA ASN G 48 10.30 -31.26 35.47
C ASN G 48 10.00 -31.10 33.99
N VAL G 49 9.17 -30.13 33.66
CA VAL G 49 8.76 -29.83 32.28
C VAL G 49 9.32 -28.50 31.81
N ASN G 50 10.43 -28.05 32.40
CA ASN G 50 11.05 -26.76 32.14
C ASN G 50 11.31 -26.50 30.65
N GLY G 51 10.69 -25.45 30.13
CA GLY G 51 10.88 -24.97 28.76
C GLY G 51 9.88 -25.53 27.75
N LEU G 52 9.12 -26.57 28.10
CA LEU G 52 8.12 -27.22 27.24
C LEU G 52 6.96 -26.29 26.91
N LYS G 53 6.33 -26.50 25.75
CA LYS G 53 5.23 -25.68 25.25
C LYS G 53 4.05 -26.53 24.80
N PRO G 54 2.80 -26.06 24.94
CA PRO G 54 1.65 -26.62 24.29
C PRO G 54 1.96 -26.60 22.82
N ARG G 55 1.47 -27.61 22.10
CA ARG G 55 1.68 -27.82 20.68
C ARG G 55 3.09 -28.25 20.32
N ALA G 56 3.96 -28.51 21.28
CA ALA G 56 5.23 -29.14 20.96
C ALA G 56 4.97 -30.52 20.35
N LYS G 57 5.84 -30.97 19.45
CA LYS G 57 5.61 -32.23 18.75
C LYS G 57 5.90 -33.44 19.62
N VAL G 58 5.29 -34.56 19.28
CA VAL G 58 5.47 -35.86 19.94
C VAL G 58 5.97 -36.85 18.92
N THR G 59 7.01 -37.60 19.28
CA THR G 59 7.56 -38.59 18.39
C THR G 59 7.89 -39.84 19.11
N MET G 60 7.66 -40.92 18.38
CA MET G 60 7.91 -42.30 18.74
C MET G 60 8.96 -42.62 17.70
N SER G 61 10.16 -43.00 18.11
CA SER G 61 11.32 -43.16 17.23
C SER G 61 11.43 -41.78 16.61
N GLY G 62 11.33 -41.60 15.31
CA GLY G 62 11.46 -40.24 14.79
C GLY G 62 10.38 -39.55 13.99
N VAL G 63 9.38 -40.27 13.59
CA VAL G 63 8.36 -39.68 12.76
C VAL G 63 7.39 -38.94 13.67
N THR G 64 6.95 -37.71 13.44
CA THR G 64 5.95 -37.08 14.28
C THR G 64 4.75 -37.97 14.42
N ILE G 65 4.31 -38.23 15.65
CA ILE G 65 3.12 -39.03 15.83
C ILE G 65 2.04 -38.32 16.61
N GLY G 66 2.36 -37.18 17.22
CA GLY G 66 1.33 -36.48 17.99
C GLY G 66 1.71 -35.09 18.51
N ARG G 67 0.87 -34.55 19.37
CA ARG G 67 1.09 -33.22 19.92
C ARG G 67 0.88 -33.14 21.44
N VAL G 68 1.62 -32.24 22.08
CA VAL G 68 1.39 -31.88 23.48
C VAL G 68 0.12 -31.07 23.57
N ASP G 69 -0.86 -31.57 24.31
CA ASP G 69 -2.13 -30.84 24.48
C ASP G 69 -2.10 -29.76 25.52
N SER G 70 -2.00 -30.14 26.78
CA SER G 70 -1.95 -29.13 27.81
C SER G 70 -1.05 -29.56 28.96
N ILE G 71 -0.49 -28.56 29.62
CA ILE G 71 0.41 -28.80 30.71
C ILE G 71 -0.11 -28.23 31.99
N THR G 72 -0.23 -29.05 33.01
CA THR G 72 -0.71 -28.51 34.26
C THR G 72 0.08 -28.95 35.47
N LEU G 73 -0.16 -28.28 36.58
CA LEU G 73 0.48 -28.55 37.86
C LEU G 73 -0.47 -29.14 38.84
N ASP G 74 -0.02 -30.07 39.68
CA ASP G 74 -0.89 -30.52 40.76
C ASP G 74 -0.33 -30.07 42.14
N PRO G 75 -0.90 -29.01 42.79
CA PRO G 75 -0.47 -28.37 44.02
C PRO G 75 -0.36 -29.24 45.25
N VAL G 76 -0.96 -30.43 45.27
CA VAL G 76 -0.80 -31.20 46.51
C VAL G 76 0.47 -32.02 46.46
N THR G 77 1.08 -31.99 45.30
CA THR G 77 2.33 -32.63 44.99
C THR G 77 3.13 -31.61 44.22
N ARG G 78 4.26 -32.00 43.68
CA ARG G 78 5.07 -30.99 42.99
C ARG G 78 5.25 -31.36 41.53
N LEU G 79 4.46 -32.34 41.13
CA LEU G 79 4.50 -32.95 39.82
C LEU G 79 3.70 -32.22 38.79
N ALA G 80 4.13 -32.40 37.55
CA ALA G 80 3.40 -31.89 36.42
C ALA G 80 2.69 -33.04 35.75
N THR G 81 1.58 -32.74 35.13
CA THR G 81 0.84 -33.72 34.34
C THR G 81 0.69 -33.19 32.94
N VAL G 82 1.04 -33.98 31.94
CA VAL G 82 0.94 -33.56 30.55
C VAL G 82 0.08 -34.55 29.82
N THR G 83 -0.78 -34.02 28.96
CA THR G 83 -1.64 -34.84 28.12
C THR G 83 -1.17 -34.90 26.66
N PHE G 84 -1.31 -36.06 26.01
CA PHE G 84 -0.91 -36.32 24.63
C PHE G 84 -2.12 -36.46 23.69
N ASP G 85 -1.95 -36.01 22.45
CA ASP G 85 -2.80 -36.39 21.32
C ASP G 85 -2.02 -37.23 20.33
N LEU G 86 -2.32 -38.50 20.21
CA LEU G 86 -1.59 -39.34 19.28
C LEU G 86 -2.47 -39.52 18.09
N ASP G 87 -1.91 -39.46 16.89
CA ASP G 87 -2.78 -39.55 15.73
C ASP G 87 -3.00 -40.98 15.24
N GLY G 88 -3.79 -41.11 14.21
CA GLY G 88 -4.20 -42.41 13.71
C GLY G 88 -3.09 -43.27 13.15
N LYS G 89 -2.09 -42.66 12.51
CA LYS G 89 -1.01 -43.40 11.84
C LYS G 89 -0.20 -44.24 12.79
N LEU G 90 -0.30 -43.94 14.08
CA LEU G 90 0.42 -44.68 15.07
C LEU G 90 -0.11 -46.06 15.31
N THR G 91 -1.44 -46.18 15.27
CA THR G 91 -2.09 -47.41 15.63
C THR G 91 -2.95 -48.04 14.57
N SER G 92 -3.35 -47.29 13.54
CA SER G 92 -4.34 -47.71 12.54
C SER G 92 -3.93 -48.92 11.73
N PHE G 93 -2.65 -49.21 11.69
CA PHE G 93 -2.14 -50.35 10.97
C PHE G 93 -2.58 -51.64 11.63
N ASN G 94 -2.84 -51.55 12.94
CA ASN G 94 -3.22 -52.68 13.77
C ASN G 94 -4.60 -53.12 13.37
N ALA G 95 -5.32 -52.30 12.61
CA ALA G 95 -6.64 -52.71 12.20
C ALA G 95 -6.51 -54.05 11.50
N GLU G 96 -5.42 -54.25 10.77
CA GLU G 96 -5.18 -55.55 10.17
C GLU G 96 -4.08 -56.25 10.94
N GLN G 97 -3.08 -55.49 11.36
CA GLN G 97 -1.88 -56.05 11.94
C GLN G 97 -2.03 -56.52 13.39
N LEU G 98 -3.20 -56.33 13.99
CA LEU G 98 -3.39 -56.78 15.34
C LEU G 98 -3.39 -58.27 15.35
N LYS G 99 -3.76 -58.93 14.26
CA LYS G 99 -3.78 -60.37 14.35
C LYS G 99 -2.35 -60.88 14.53
N GLU G 100 -1.38 -60.19 13.96
CA GLU G 100 0.02 -60.54 14.10
C GLU G 100 0.45 -60.26 15.51
N VAL G 101 -0.02 -59.18 16.09
CA VAL G 101 0.35 -58.89 17.45
C VAL G 101 -0.16 -60.02 18.32
N GLN G 102 -1.40 -60.45 18.10
CA GLN G 102 -1.98 -61.50 18.89
C GLN G 102 -1.25 -62.81 18.68
N LYS G 103 -0.92 -63.10 17.43
CA LYS G 103 -0.26 -64.33 17.11
C LYS G 103 1.11 -64.39 17.73
N ASN G 104 1.84 -63.29 17.67
CA ASN G 104 3.17 -63.28 18.20
C ASN G 104 3.11 -63.36 19.71
N ALA G 105 2.11 -62.72 20.30
CA ALA G 105 1.99 -62.81 21.73
C ALA G 105 1.70 -64.24 22.11
N LEU G 106 0.87 -64.92 21.33
CA LEU G 106 0.57 -66.29 21.63
C LEU G 106 1.78 -67.18 21.46
N ASP G 107 2.60 -66.97 20.44
CA ASP G 107 3.75 -67.87 20.32
C ASP G 107 4.73 -67.68 21.46
N GLU G 108 4.98 -66.44 21.85
CA GLU G 108 5.95 -66.20 22.89
C GLU G 108 5.42 -66.62 24.26
N LEU G 109 4.15 -66.35 24.51
CA LEU G 109 3.58 -66.73 25.78
C LEU G 109 3.48 -68.22 25.89
N ARG G 110 3.17 -68.92 24.78
CA ARG G 110 3.11 -70.37 24.76
C ARG G 110 4.50 -70.97 24.94
N TYR G 111 5.51 -70.29 24.40
CA TYR G 111 6.89 -70.73 24.59
C TYR G 111 7.21 -70.74 26.07
N SER G 112 6.90 -69.64 26.75
CA SER G 112 7.12 -69.49 28.18
C SER G 112 6.25 -70.42 29.03
N SER G 113 6.84 -70.86 30.15
CA SER G 113 6.20 -71.72 31.13
C SER G 113 4.97 -71.04 31.75
N ASP G 114 4.93 -69.72 31.62
CA ASP G 114 3.86 -68.90 32.14
C ASP G 114 2.52 -69.37 31.61
N TYR G 115 2.46 -69.84 30.36
CA TYR G 115 1.22 -70.34 29.82
C TYR G 115 1.15 -71.85 29.76
N THR G 116 2.23 -72.51 29.35
CA THR G 116 2.14 -73.96 29.11
C THR G 116 2.55 -74.93 30.21
N GLN G 117 3.23 -74.48 31.26
CA GLN G 117 3.60 -75.42 32.29
C GLN G 117 2.74 -75.05 33.46
N ALA G 118 2.42 -73.77 33.52
CA ALA G 118 1.60 -73.23 34.59
C ALA G 118 0.11 -73.29 34.26
N THR G 119 -0.56 -74.31 34.81
CA THR G 119 -2.00 -74.45 34.65
C THR G 119 -2.57 -74.43 33.23
N PRO G 120 -2.10 -75.36 32.35
CA PRO G 120 -2.58 -75.54 30.97
C PRO G 120 -4.10 -75.40 30.93
N ALA G 121 -4.78 -76.18 31.77
CA ALA G 121 -6.22 -76.08 31.95
C ALA G 121 -6.65 -74.63 32.13
N GLN G 122 -5.80 -73.81 32.76
CA GLN G 122 -6.09 -72.42 32.97
C GLN G 122 -5.63 -71.62 31.78
N GLN G 123 -4.65 -72.16 31.04
CA GLN G 123 -4.12 -71.48 29.86
C GLN G 123 -5.22 -71.13 28.92
N LYS G 124 -6.19 -72.01 28.77
CA LYS G 124 -7.29 -71.68 27.88
C LYS G 124 -7.90 -70.29 28.20
N THR G 125 -8.03 -69.96 29.49
CA THR G 125 -8.62 -68.69 29.85
C THR G 125 -7.53 -67.64 29.85
N MET G 126 -6.30 -68.01 30.15
CA MET G 126 -5.24 -67.01 30.14
C MET G 126 -5.14 -66.44 28.74
N GLU G 127 -5.33 -67.27 27.71
CA GLU G 127 -5.32 -66.81 26.33
C GLU G 127 -6.60 -66.02 26.03
N GLN G 128 -7.75 -66.41 26.57
CA GLN G 128 -8.94 -65.59 26.35
C GLN G 128 -8.72 -64.18 26.87
N GLN G 129 -8.07 -64.09 28.02
CA GLN G 129 -7.77 -62.82 28.65
C GLN G 129 -6.76 -62.07 27.81
N LEU G 130 -5.76 -62.78 27.30
CA LEU G 130 -4.72 -62.17 26.48
C LEU G 130 -5.33 -61.46 25.31
N ILE G 131 -6.27 -62.10 24.66
CA ILE G 131 -6.88 -61.47 23.53
C ILE G 131 -7.77 -60.30 23.98
N SER G 132 -8.56 -60.48 25.03
CA SER G 132 -9.44 -59.42 25.47
C SER G 132 -8.67 -58.16 25.82
N ASN G 133 -7.55 -58.36 26.45
CA ASN G 133 -6.68 -57.32 26.95
C ASN G 133 -6.08 -56.48 25.83
N MET G 134 -6.02 -57.02 24.63
CA MET G 134 -5.42 -56.32 23.52
C MET G 134 -6.45 -55.79 22.56
N ASN G 135 -7.73 -55.89 22.89
CA ASN G 135 -8.72 -55.50 21.92
C ASN G 135 -8.76 -54.02 21.59
N SER G 136 -8.31 -53.16 22.48
CA SER G 136 -8.35 -51.75 22.17
C SER G 136 -7.08 -51.06 22.71
N ILE G 137 -5.97 -51.30 22.02
CA ILE G 137 -4.66 -50.83 22.46
C ILE G 137 -4.00 -49.99 21.41
N THR G 138 -2.93 -49.28 21.80
CA THR G 138 -2.22 -48.44 20.83
C THR G 138 -0.85 -48.98 20.45
N SER G 139 -0.58 -50.20 20.84
CA SER G 139 0.64 -50.96 20.57
C SER G 139 1.97 -50.37 21.06
N ILE G 140 1.91 -49.51 22.05
CA ILE G 140 3.12 -49.06 22.70
C ILE G 140 3.14 -49.88 23.95
N ASP G 141 4.23 -50.52 24.21
CA ASP G 141 4.27 -51.40 25.34
C ASP G 141 4.36 -50.68 26.67
N GLU G 142 4.08 -51.44 27.71
CA GLU G 142 4.10 -50.97 29.08
C GLU G 142 5.44 -50.52 29.57
N ASP G 143 6.54 -50.91 28.91
CA ASP G 143 7.85 -50.54 29.41
C ASP G 143 8.45 -49.43 28.59
N ALA G 144 7.63 -48.77 27.80
CA ALA G 144 8.12 -47.66 27.03
C ALA G 144 8.39 -46.53 27.96
N TYR G 145 9.42 -45.73 27.71
CA TYR G 145 9.64 -44.49 28.45
C TYR G 145 8.84 -43.36 27.81
N ILE G 146 8.69 -42.29 28.58
CA ILE G 146 8.54 -40.95 28.00
C ILE G 146 9.73 -40.16 28.51
N MET G 147 10.19 -39.25 27.64
CA MET G 147 11.02 -38.10 28.02
C MET G 147 10.52 -36.81 27.35
N VAL G 148 10.82 -35.65 27.95
CA VAL G 148 10.76 -34.35 27.26
C VAL G 148 12.01 -34.13 26.40
N ALA G 149 11.90 -33.36 25.33
CA ALA G 149 12.97 -33.13 24.37
C ALA G 149 12.84 -31.78 23.66
N THR G 150 13.84 -31.48 22.81
CA THR G 150 13.95 -30.28 22.00
C THR G 150 14.65 -30.62 20.69
N ASN G 151 14.30 -29.94 19.60
CA ASN G 151 14.71 -30.35 18.26
C ASN G 151 16.11 -29.88 17.84
N GLY G 152 16.80 -29.03 18.60
CA GLY G 152 18.11 -28.54 18.22
C GLY G 152 18.83 -27.71 19.30
N LEU G 153 20.07 -27.33 19.03
CA LEU G 153 20.90 -26.57 19.97
C LEU G 153 20.45 -25.13 20.15
N LEU G 154 19.47 -24.69 19.38
CA LEU G 154 18.52 -23.66 19.75
C LEU G 154 17.17 -24.01 19.08
N GLY G 155 16.04 -23.67 19.69
CA GLY G 155 14.73 -23.80 19.04
C GLY G 155 13.66 -24.48 19.90
N GLU G 156 12.85 -25.30 19.25
CA GLU G 156 11.55 -25.75 19.74
C GLU G 156 11.60 -27.04 20.54
N LYS G 157 10.44 -27.43 21.08
CA LYS G 157 10.28 -28.50 22.06
C LYS G 157 9.51 -29.68 21.46
N TYR G 158 9.66 -30.85 22.08
CA TYR G 158 8.94 -32.05 21.70
C TYR G 158 8.91 -33.07 22.85
N LEU G 159 8.11 -34.14 22.75
CA LEU G 159 8.15 -35.30 23.66
C LEU G 159 8.51 -36.58 22.90
N LYS G 160 9.40 -37.44 23.43
CA LYS G 160 9.80 -38.65 22.72
C LYS G 160 9.28 -39.86 23.47
N ILE G 161 8.63 -40.77 22.78
CA ILE G 161 8.22 -42.05 23.36
C ILE G 161 9.22 -43.10 22.92
N VAL G 162 9.97 -43.67 23.85
CA VAL G 162 10.96 -44.70 23.55
C VAL G 162 10.29 -46.07 23.80
N PRO G 163 10.12 -46.93 22.78
CA PRO G 163 9.42 -48.17 22.87
C PRO G 163 10.23 -49.20 23.60
N GLY G 164 9.54 -50.18 24.13
CA GLY G 164 10.11 -51.33 24.80
C GLY G 164 9.61 -52.60 24.11
N GLY G 165 9.09 -53.53 24.91
CA GLY G 165 8.60 -54.80 24.38
C GLY G 165 8.09 -55.63 25.54
N GLY G 166 7.76 -56.89 25.30
CA GLY G 166 7.24 -57.73 26.39
C GLY G 166 5.79 -58.18 26.23
N LEU G 167 5.13 -57.74 25.15
CA LEU G 167 3.74 -58.12 24.83
C LEU G 167 2.69 -57.57 25.78
N ASN G 168 3.05 -56.57 26.52
CA ASN G 168 2.14 -55.97 27.45
C ASN G 168 1.87 -54.59 26.97
N TYR G 169 0.63 -54.30 26.67
CA TYR G 169 0.32 -53.02 26.07
C TYR G 169 -0.48 -52.06 26.90
N LEU G 170 -0.27 -50.80 26.60
CA LEU G 170 -1.02 -49.72 27.18
C LEU G 170 -2.32 -49.62 26.45
N LYS G 171 -3.39 -49.56 27.18
CA LYS G 171 -4.69 -49.44 26.57
C LYS G 171 -4.89 -48.01 26.16
N ARG G 172 -5.61 -47.79 25.09
CA ARG G 172 -5.83 -46.42 24.70
C ARG G 172 -6.53 -45.71 25.83
N GLY G 173 -6.05 -44.52 26.14
CA GLY G 173 -6.63 -43.72 27.20
C GLY G 173 -5.95 -43.91 28.56
N ASP G 174 -5.02 -44.85 28.66
CA ASP G 174 -4.40 -45.06 29.95
C ASP G 174 -3.21 -44.12 30.17
N THR G 175 -2.58 -44.25 31.31
CA THR G 175 -1.43 -43.46 31.69
C THR G 175 -0.14 -44.24 31.62
N ILE G 176 0.83 -43.67 30.96
CA ILE G 176 2.15 -44.27 30.87
C ILE G 176 2.91 -43.92 32.09
N SER G 177 3.33 -44.95 32.78
CA SER G 177 3.91 -44.77 34.08
C SER G 177 5.37 -44.91 34.33
N ASN G 178 6.19 -44.58 33.36
CA ASN G 178 7.61 -44.56 33.61
C ASN G 178 8.04 -43.19 33.11
N THR G 179 8.92 -42.50 33.82
CA THR G 179 9.25 -41.18 33.33
C THR G 179 10.55 -40.60 33.62
N GLN G 180 10.94 -39.68 32.77
CA GLN G 180 12.17 -38.97 33.08
C GLN G 180 12.07 -37.52 32.61
N GLY G 181 12.29 -36.58 33.51
CA GLY G 181 12.21 -35.16 33.24
C GLY G 181 13.47 -34.55 32.62
N THR G 182 13.36 -33.30 32.19
CA THR G 182 14.53 -32.52 31.75
C THR G 182 15.42 -32.11 32.92
N MET G 183 16.64 -31.68 32.63
CA MET G 183 17.61 -31.20 33.61
C MET G 183 17.99 -29.76 33.31
N ASP G 184 17.88 -28.89 34.31
CA ASP G 184 18.13 -27.46 34.18
C ASP G 184 19.63 -27.14 34.22
N LEU G 185 20.02 -25.99 33.66
CA LEU G 185 21.43 -25.57 33.61
C LEU G 185 22.10 -25.57 34.99
N GLU G 186 21.37 -25.21 36.05
CA GLU G 186 21.91 -25.20 37.40
C GLU G 186 22.36 -26.58 37.90
N ASP G 187 21.71 -27.68 37.47
CA ASP G 187 21.99 -28.97 38.01
C ASP G 187 23.15 -29.58 37.25
N LEU G 188 23.24 -29.23 35.98
CA LEU G 188 24.31 -29.79 35.17
C LEU G 188 25.63 -29.21 35.68
N ILE G 189 25.59 -27.93 36.04
CA ILE G 189 26.71 -27.20 36.61
C ILE G 189 27.06 -27.76 37.99
N SER G 190 26.12 -28.00 38.93
CA SER G 190 26.52 -28.45 40.26
C SER G 190 27.07 -29.88 40.25
N LYS G 191 26.72 -30.66 39.23
CA LYS G 191 27.26 -32.01 39.12
C LYS G 191 28.58 -32.02 38.37
N PHE G 192 28.92 -30.87 37.78
CA PHE G 192 30.11 -30.67 36.97
C PHE G 192 30.27 -31.70 35.85
N ILE G 193 29.18 -31.94 35.09
CA ILE G 193 29.25 -32.94 34.00
C ILE G 193 29.32 -32.30 32.60
N THR G 194 30.40 -32.66 31.83
CA THR G 194 30.84 -32.27 30.46
C THR G 194 32.34 -31.89 30.57
N LYS H 2 -24.79 -1.63 -34.50
CA LYS H 2 -23.58 -1.99 -33.77
C LYS H 2 -23.65 -3.42 -33.30
N SER H 3 -24.61 -4.19 -33.83
CA SER H 3 -24.78 -5.58 -33.45
C SER H 3 -23.60 -6.47 -33.83
N ARG H 4 -23.03 -6.22 -35.01
CA ARG H 4 -21.91 -7.04 -35.48
C ARG H 4 -20.63 -6.99 -34.64
N THR H 5 -20.28 -5.83 -34.11
CA THR H 5 -19.06 -5.74 -33.30
C THR H 5 -19.13 -6.60 -32.04
N SER H 6 -20.30 -6.67 -31.42
CA SER H 6 -20.51 -7.45 -30.19
C SER H 6 -19.87 -8.83 -30.11
N GLU H 7 -20.01 -9.62 -31.16
CA GLU H 7 -19.52 -11.00 -31.08
C GLU H 7 -18.02 -11.08 -30.90
N LEU H 8 -17.28 -10.55 -31.88
CA LEU H 8 -15.85 -10.40 -31.88
C LEU H 8 -15.37 -10.00 -30.52
N ALA H 9 -16.08 -9.10 -29.85
CA ALA H 9 -15.58 -8.69 -28.56
C ALA H 9 -15.56 -9.84 -27.58
N VAL H 10 -16.56 -10.70 -27.60
CA VAL H 10 -16.51 -11.79 -26.64
C VAL H 10 -15.39 -12.73 -27.03
N GLY H 11 -15.24 -13.04 -28.31
CA GLY H 11 -14.17 -13.96 -28.66
C GLY H 11 -12.82 -13.44 -28.21
N ILE H 12 -12.59 -12.13 -28.29
CA ILE H 12 -11.32 -11.61 -27.85
C ILE H 12 -11.19 -11.83 -26.37
N PHE H 13 -12.24 -11.55 -25.61
CA PHE H 13 -12.15 -11.81 -24.17
C PHE H 13 -11.77 -13.22 -23.85
N VAL H 14 -12.45 -14.16 -24.44
CA VAL H 14 -12.21 -15.50 -24.02
C VAL H 14 -10.77 -15.86 -24.24
N ILE H 15 -10.21 -15.49 -25.39
CA ILE H 15 -8.82 -15.83 -25.64
C ILE H 15 -7.87 -15.09 -24.71
N ILE H 16 -8.03 -13.79 -24.51
CA ILE H 16 -7.07 -13.11 -23.67
C ILE H 16 -7.15 -13.58 -22.24
N PHE H 17 -8.35 -13.92 -21.80
CA PHE H 17 -8.53 -14.38 -20.48
C PHE H 17 -7.95 -15.76 -20.28
N GLY H 18 -8.19 -16.67 -21.23
CA GLY H 18 -7.67 -18.02 -21.11
C GLY H 18 -6.15 -17.97 -21.06
N ILE H 19 -5.54 -17.04 -21.80
CA ILE H 19 -4.10 -16.90 -21.79
C ILE H 19 -3.65 -16.43 -20.43
N ALA H 20 -4.34 -15.45 -19.85
CA ALA H 20 -3.96 -14.98 -18.53
C ALA H 20 -4.07 -16.07 -17.47
N LEU H 21 -5.08 -16.94 -17.58
CA LEU H 21 -5.23 -17.99 -16.60
C LEU H 21 -4.07 -18.96 -16.70
N PHE H 22 -3.70 -19.26 -17.94
CA PHE H 22 -2.59 -20.13 -18.21
C PHE H 22 -1.32 -19.55 -17.64
N PHE H 23 -1.08 -18.28 -17.92
CA PHE H 23 0.13 -17.63 -17.45
C PHE H 23 0.25 -17.83 -15.96
N LEU H 24 -0.82 -17.58 -15.20
CA LEU H 24 -0.66 -17.77 -13.77
C LEU H 24 -0.36 -19.22 -13.40
N ALA H 25 -1.12 -20.16 -13.96
CA ALA H 25 -0.95 -21.57 -13.58
C ALA H 25 0.43 -22.09 -13.92
N MET H 26 0.96 -21.64 -15.03
CA MET H 26 2.26 -22.03 -15.50
C MET H 26 3.37 -21.35 -14.75
N LYS H 27 3.34 -20.04 -14.64
CA LYS H 27 4.47 -19.33 -14.08
C LYS H 27 4.72 -19.69 -12.65
N VAL H 28 3.70 -19.94 -11.87
CA VAL H 28 3.94 -20.27 -10.47
C VAL H 28 4.72 -21.59 -10.28
N SER H 29 4.81 -22.42 -11.34
CA SER H 29 5.50 -23.71 -11.31
C SER H 29 6.98 -23.49 -11.14
N GLY H 30 7.46 -22.27 -11.36
CA GLY H 30 8.85 -22.01 -11.18
C GLY H 30 9.24 -22.36 -9.74
N LEU H 31 8.33 -22.15 -8.78
CA LEU H 31 8.62 -22.48 -7.38
C LEU H 31 7.80 -23.64 -6.80
N VAL H 32 6.51 -23.72 -7.13
CA VAL H 32 5.66 -24.71 -6.48
C VAL H 32 5.03 -25.73 -7.43
N GLY H 33 5.20 -27.00 -7.11
CA GLY H 33 4.62 -28.09 -7.90
C GLY H 33 5.56 -28.75 -8.90
N THR H 34 6.84 -28.43 -8.85
CA THR H 34 7.82 -29.02 -9.75
C THR H 34 8.87 -29.83 -9.04
N ASN H 35 9.09 -31.03 -9.55
CA ASN H 35 10.08 -31.90 -8.99
C ASN H 35 11.52 -31.53 -9.38
N LEU H 36 11.67 -30.79 -10.46
CA LEU H 36 13.00 -30.42 -10.94
C LEU H 36 13.96 -31.60 -11.01
N SER H 37 13.49 -32.73 -11.54
CA SER H 37 14.32 -33.93 -11.64
C SER H 37 13.77 -34.90 -12.70
N ASP H 38 14.54 -35.93 -13.04
CA ASP H 38 14.07 -37.00 -13.91
C ASP H 38 13.02 -37.91 -13.22
N GLY H 39 12.80 -37.77 -11.89
CA GLY H 39 11.79 -38.52 -11.15
C GLY H 39 12.04 -39.97 -10.73
N TYR H 40 13.26 -40.39 -10.44
CA TYR H 40 13.37 -41.79 -10.06
C TYR H 40 13.14 -41.85 -8.59
N THR H 41 12.55 -42.92 -8.07
CA THR H 41 12.44 -42.98 -6.63
C THR H 41 13.13 -44.18 -6.05
N MET H 42 13.44 -44.06 -4.77
CA MET H 42 14.12 -45.10 -4.00
C MET H 42 13.57 -45.16 -2.58
N LYS H 43 13.73 -46.31 -1.94
CA LYS H 43 13.36 -46.37 -0.52
C LYS H 43 14.49 -46.79 0.36
N ALA H 44 14.46 -46.42 1.62
CA ALA H 44 15.40 -46.93 2.60
C ALA H 44 14.77 -46.91 3.97
N GLN H 45 15.25 -47.78 4.86
CA GLN H 45 14.74 -47.80 6.21
C GLN H 45 15.79 -47.46 7.23
N PHE H 46 15.38 -46.93 8.37
CA PHE H 46 16.27 -46.41 9.38
C PHE H 46 15.79 -46.70 10.78
N ASP H 47 16.73 -46.64 11.71
CA ASP H 47 16.44 -46.76 13.14
C ASP H 47 16.05 -45.46 13.82
N ASN H 48 16.49 -44.32 13.35
CA ASN H 48 16.16 -43.03 13.97
C ASN H 48 16.34 -41.90 12.97
N VAL H 49 15.26 -41.21 12.66
CA VAL H 49 15.23 -40.11 11.70
C VAL H 49 14.88 -38.77 12.35
N ASN H 50 15.21 -38.61 13.62
CA ASN H 50 14.99 -37.41 14.43
C ASN H 50 15.47 -36.13 13.72
N GLY H 51 14.52 -35.28 13.34
CA GLY H 51 14.77 -33.96 12.80
C GLY H 51 14.81 -33.85 11.27
N LEU H 52 14.60 -34.93 10.50
CA LEU H 52 14.33 -34.81 9.06
C LEU H 52 13.06 -34.02 8.80
N LYS H 53 12.98 -33.35 7.65
CA LYS H 53 11.77 -32.77 7.10
C LYS H 53 11.54 -33.28 5.68
N PRO H 54 10.30 -33.36 5.18
CA PRO H 54 10.01 -33.46 3.78
C PRO H 54 10.69 -32.25 3.21
N ARG H 55 11.19 -32.39 2.01
CA ARG H 55 11.92 -31.36 1.28
C ARG H 55 13.35 -31.12 1.79
N ALA H 56 13.87 -31.90 2.73
CA ALA H 56 15.30 -31.87 3.00
C ALA H 56 16.10 -32.39 1.79
N LYS H 57 17.33 -31.89 1.59
CA LYS H 57 18.16 -32.26 0.45
C LYS H 57 18.74 -33.67 0.55
N VAL H 58 19.10 -34.24 -0.58
CA VAL H 58 19.86 -35.49 -0.69
C VAL H 58 21.17 -35.19 -1.38
N THR H 59 22.28 -35.80 -0.99
CA THR H 59 23.58 -35.56 -1.65
C THR H 59 24.41 -36.80 -1.89
N MET H 60 25.27 -36.71 -2.89
CA MET H 60 26.39 -37.59 -3.15
C MET H 60 27.66 -36.74 -3.29
N SER H 61 28.76 -37.06 -2.62
CA SER H 61 29.98 -36.25 -2.66
C SER H 61 29.76 -34.75 -2.37
N GLY H 62 28.70 -34.40 -1.66
CA GLY H 62 28.32 -33.02 -1.38
C GLY H 62 27.60 -32.28 -2.51
N VAL H 63 27.30 -32.94 -3.62
CA VAL H 63 26.57 -32.36 -4.70
C VAL H 63 25.09 -32.61 -4.50
N THR H 64 24.23 -31.59 -4.61
CA THR H 64 22.81 -31.87 -4.42
C THR H 64 22.39 -32.87 -5.48
N ILE H 65 21.76 -33.97 -5.09
CA ILE H 65 21.41 -34.95 -6.08
C ILE H 65 19.92 -35.29 -6.10
N GLY H 66 19.20 -34.96 -5.00
CA GLY H 66 17.76 -35.29 -4.88
C GLY H 66 17.03 -34.73 -3.64
N ARG H 67 15.79 -35.22 -3.40
CA ARG H 67 14.94 -34.75 -2.30
C ARG H 67 14.33 -35.86 -1.43
N VAL H 68 14.16 -35.58 -0.14
CA VAL H 68 13.41 -36.44 0.79
C VAL H 68 11.94 -36.11 0.66
N ASP H 69 11.12 -37.01 0.13
CA ASP H 69 9.71 -36.67 -0.10
C ASP H 69 8.78 -37.04 1.05
N SER H 70 8.95 -38.22 1.63
CA SER H 70 8.01 -38.54 2.71
C SER H 70 8.65 -39.39 3.77
N ILE H 71 8.11 -39.26 4.99
CA ILE H 71 8.62 -40.01 6.12
C ILE H 71 7.47 -40.73 6.81
N THR H 72 7.60 -42.03 7.04
CA THR H 72 6.52 -42.73 7.74
C THR H 72 7.01 -43.82 8.66
N LEU H 73 6.23 -44.13 9.70
CA LEU H 73 6.63 -45.17 10.65
C LEU H 73 5.84 -46.44 10.62
N ASP H 74 6.56 -47.56 10.57
CA ASP H 74 5.95 -48.87 10.62
C ASP H 74 5.82 -49.32 12.08
N PRO H 75 4.61 -49.37 12.65
CA PRO H 75 4.34 -49.60 14.06
C PRO H 75 4.68 -50.96 14.57
N VAL H 76 4.97 -51.91 13.69
CA VAL H 76 5.27 -53.23 14.22
C VAL H 76 6.70 -53.64 13.97
N THR H 77 7.52 -52.73 13.40
CA THR H 77 8.91 -53.07 13.16
C THR H 77 9.71 -52.02 13.85
N ARG H 78 9.02 -50.92 14.10
CA ARG H 78 9.54 -49.72 14.75
C ARG H 78 10.55 -48.98 13.89
N LEU H 79 10.58 -49.27 12.61
CA LEU H 79 11.49 -48.60 11.69
C LEU H 79 10.85 -47.47 10.93
N ALA H 80 11.63 -46.48 10.59
CA ALA H 80 11.10 -45.44 9.74
C ALA H 80 11.38 -45.81 8.33
N THR H 81 10.49 -45.42 7.44
CA THR H 81 10.68 -45.59 6.01
C THR H 81 10.73 -44.21 5.41
N VAL H 82 11.80 -43.92 4.66
CA VAL H 82 11.95 -42.63 4.01
C VAL H 82 11.93 -42.85 2.52
N THR H 83 11.20 -42.04 1.77
CA THR H 83 11.20 -42.16 0.32
C THR H 83 11.93 -41.00 -0.31
N PHE H 84 12.83 -41.34 -1.24
CA PHE H 84 13.66 -40.45 -2.06
C PHE H 84 13.08 -40.14 -3.44
N ASP H 85 13.52 -39.00 -3.96
CA ASP H 85 13.37 -38.56 -5.34
C ASP H 85 14.73 -38.14 -5.92
N LEU H 86 15.33 -38.97 -6.77
CA LEU H 86 16.68 -38.71 -7.31
C LEU H 86 16.66 -38.30 -8.75
N ASP H 87 17.56 -37.39 -9.10
CA ASP H 87 17.60 -36.94 -10.49
C ASP H 87 18.45 -37.75 -11.44
N GLY H 88 17.80 -38.41 -12.37
CA GLY H 88 18.44 -39.28 -13.34
C GLY H 88 19.54 -38.60 -14.12
N LYS H 89 19.44 -37.29 -14.36
CA LYS H 89 20.53 -36.69 -15.12
C LYS H 89 21.85 -36.80 -14.39
N LEU H 90 21.82 -36.92 -13.07
CA LEU H 90 23.03 -37.01 -12.32
C LEU H 90 23.31 -38.42 -11.88
N THR H 91 22.26 -39.22 -11.71
CA THR H 91 22.50 -40.57 -11.21
C THR H 91 22.59 -41.65 -12.25
N SER H 92 22.09 -41.41 -13.46
CA SER H 92 22.16 -42.43 -14.50
C SER H 92 23.50 -42.37 -15.17
N PHE H 93 23.85 -43.36 -15.95
CA PHE H 93 25.09 -43.29 -16.67
C PHE H 93 24.82 -42.77 -18.06
N ASN H 94 25.74 -42.01 -18.63
CA ASN H 94 25.57 -41.65 -20.02
C ASN H 94 25.68 -42.93 -20.77
N ALA H 95 25.00 -43.09 -21.87
CA ALA H 95 25.13 -44.36 -22.58
C ALA H 95 26.58 -44.70 -22.93
N GLU H 96 27.42 -43.72 -23.23
CA GLU H 96 28.79 -44.09 -23.58
C GLU H 96 29.51 -44.58 -22.34
N GLN H 97 29.23 -43.92 -21.23
CA GLN H 97 29.82 -44.29 -19.98
C GLN H 97 29.32 -45.64 -19.58
N LEU H 98 28.07 -45.91 -19.90
CA LEU H 98 27.44 -47.15 -19.57
C LEU H 98 28.15 -48.25 -20.29
N LYS H 99 28.51 -48.05 -21.56
CA LYS H 99 29.22 -49.12 -22.23
C LYS H 99 30.45 -49.52 -21.43
N GLU H 100 31.20 -48.53 -20.93
CA GLU H 100 32.37 -48.85 -20.11
C GLU H 100 31.98 -49.57 -18.84
N VAL H 101 30.93 -49.13 -18.18
CA VAL H 101 30.50 -49.71 -16.93
C VAL H 101 30.10 -51.16 -17.14
N GLN H 102 29.37 -51.42 -18.19
CA GLN H 102 28.89 -52.75 -18.49
C GLN H 102 30.05 -53.69 -18.75
N LYS H 103 31.03 -53.21 -19.48
CA LYS H 103 32.13 -54.06 -19.81
C LYS H 103 33.10 -54.26 -18.67
N ASN H 104 33.36 -53.25 -17.85
CA ASN H 104 34.33 -53.51 -16.82
C ASN H 104 33.69 -54.31 -15.71
N ALA H 105 32.36 -54.19 -15.57
CA ALA H 105 31.70 -54.97 -14.57
C ALA H 105 31.79 -56.43 -14.97
N LEU H 106 31.60 -56.73 -16.26
CA LEU H 106 31.71 -58.11 -16.66
C LEU H 106 33.11 -58.61 -16.60
N ASP H 107 34.13 -57.79 -16.90
CA ASP H 107 35.45 -58.36 -16.79
C ASP H 107 35.72 -58.85 -15.39
N GLU H 108 35.29 -58.10 -14.38
CA GLU H 108 35.54 -58.61 -13.04
C GLU H 108 34.71 -59.86 -12.76
N LEU H 109 33.46 -59.86 -13.21
CA LEU H 109 32.57 -60.97 -12.93
C LEU H 109 32.96 -62.26 -13.66
N ARG H 110 33.53 -62.16 -14.84
CA ARG H 110 33.90 -63.38 -15.51
C ARG H 110 35.32 -63.83 -15.18
N TYR H 111 36.27 -62.91 -14.92
CA TYR H 111 37.66 -63.31 -14.69
C TYR H 111 38.14 -63.34 -13.23
N SER H 112 37.67 -62.41 -12.38
CA SER H 112 38.15 -62.39 -10.99
C SER H 112 37.27 -63.39 -10.25
N SER H 113 36.03 -63.42 -10.70
CA SER H 113 34.97 -64.30 -10.26
C SER H 113 34.94 -65.43 -11.29
N ASP H 114 33.99 -66.35 -11.21
CA ASP H 114 33.98 -67.53 -12.06
C ASP H 114 33.03 -67.64 -13.27
N TYR H 115 32.58 -66.55 -13.92
CA TYR H 115 31.69 -66.86 -15.05
C TYR H 115 32.41 -67.58 -16.16
N THR H 116 33.72 -67.42 -16.34
CA THR H 116 34.35 -68.11 -17.46
C THR H 116 34.39 -69.64 -17.27
N GLN H 117 34.06 -70.11 -16.07
CA GLN H 117 34.06 -71.52 -15.77
C GLN H 117 32.67 -72.12 -16.00
N ALA H 118 31.70 -71.27 -16.32
CA ALA H 118 30.32 -71.64 -16.56
C ALA H 118 30.19 -72.23 -17.96
N THR H 119 29.16 -73.01 -18.20
CA THR H 119 28.96 -73.53 -19.55
C THR H 119 28.88 -72.27 -20.41
N PRO H 120 29.55 -72.17 -21.57
CA PRO H 120 29.48 -70.99 -22.43
C PRO H 120 28.04 -70.51 -22.65
N ALA H 121 27.07 -71.42 -22.72
CA ALA H 121 25.68 -71.00 -22.87
C ALA H 121 25.22 -70.20 -21.64
N GLN H 122 25.69 -70.61 -20.46
CA GLN H 122 25.38 -69.98 -19.19
C GLN H 122 26.09 -68.66 -19.13
N GLN H 123 27.30 -68.61 -19.69
CA GLN H 123 28.07 -67.39 -19.64
C GLN H 123 27.37 -66.31 -20.45
N LYS H 124 26.86 -66.70 -21.62
CA LYS H 124 26.18 -65.74 -22.45
C LYS H 124 24.89 -65.31 -21.80
N THR H 125 24.17 -66.24 -21.18
CA THR H 125 22.91 -65.89 -20.55
C THR H 125 23.17 -64.87 -19.44
N MET H 126 24.19 -65.11 -18.62
CA MET H 126 24.47 -64.19 -17.55
C MET H 126 24.82 -62.84 -18.10
N GLU H 127 25.66 -62.78 -19.13
CA GLU H 127 26.04 -61.48 -19.64
C GLU H 127 24.85 -60.74 -20.21
N GLN H 128 23.97 -61.46 -20.90
CA GLN H 128 22.82 -60.83 -21.53
C GLN H 128 21.86 -60.20 -20.57
N GLN H 129 21.57 -60.85 -19.43
CA GLN H 129 20.61 -60.25 -18.53
C GLN H 129 21.29 -59.36 -17.51
N LEU H 130 22.52 -59.65 -17.16
CA LEU H 130 23.17 -58.77 -16.20
C LEU H 130 23.26 -57.40 -16.83
N ILE H 131 23.50 -57.37 -18.13
CA ILE H 131 23.60 -56.12 -18.84
C ILE H 131 22.26 -55.54 -19.26
N SER H 132 21.30 -56.32 -19.75
CA SER H 132 20.05 -55.65 -20.14
C SER H 132 19.34 -55.10 -18.91
N ASN H 133 19.64 -55.64 -17.73
CA ASN H 133 19.10 -55.17 -16.47
C ASN H 133 19.62 -53.79 -16.15
N MET H 134 20.71 -53.38 -16.76
CA MET H 134 21.32 -52.12 -16.45
C MET H 134 20.60 -50.99 -17.12
N ASN H 135 19.60 -51.31 -17.91
CA ASN H 135 18.84 -50.25 -18.53
C ASN H 135 17.92 -49.66 -17.46
N SER H 136 17.85 -50.35 -16.32
CA SER H 136 17.04 -49.97 -15.19
C SER H 136 17.85 -49.39 -14.03
N ILE H 137 19.16 -49.12 -14.21
CA ILE H 137 19.94 -48.71 -13.04
C ILE H 137 20.48 -47.32 -13.02
N THR H 138 20.91 -46.98 -11.81
CA THR H 138 21.60 -45.75 -11.51
C THR H 138 22.96 -46.12 -10.92
N SER H 139 23.79 -45.11 -10.69
CA SER H 139 25.16 -45.23 -10.22
C SER H 139 25.38 -45.73 -8.81
N ILE H 140 24.35 -45.75 -8.00
CA ILE H 140 24.54 -46.18 -6.64
C ILE H 140 24.72 -47.67 -6.65
N ASP H 141 25.81 -48.13 -6.05
CA ASP H 141 26.11 -49.55 -6.10
C ASP H 141 25.60 -50.31 -4.88
N GLU H 142 25.96 -51.57 -4.87
CA GLU H 142 25.57 -52.56 -3.91
C GLU H 142 25.91 -52.25 -2.50
N ASP H 143 27.03 -51.57 -2.27
CA ASP H 143 27.46 -51.35 -0.91
C ASP H 143 27.23 -49.95 -0.45
N ALA H 144 26.50 -49.18 -1.22
CA ALA H 144 26.34 -47.79 -0.85
C ALA H 144 25.63 -47.63 0.47
N TYR H 145 26.11 -46.76 1.34
CA TYR H 145 25.44 -46.45 2.59
C TYR H 145 24.41 -45.36 2.36
N ILE H 146 23.43 -45.29 3.24
CA ILE H 146 22.74 -44.04 3.51
C ILE H 146 22.91 -43.73 4.99
N MET H 147 23.07 -42.46 5.33
CA MET H 147 22.93 -41.93 6.69
C MET H 147 22.27 -40.54 6.68
N VAL H 148 21.52 -40.17 7.71
CA VAL H 148 21.02 -38.79 7.89
C VAL H 148 22.17 -37.83 8.24
N ALA H 149 22.03 -36.56 7.84
CA ALA H 149 23.05 -35.53 7.91
C ALA H 149 22.46 -34.20 8.39
N THR H 150 23.29 -33.26 8.83
CA THR H 150 22.87 -32.20 9.77
C THR H 150 22.69 -30.83 9.14
N ASN H 151 23.24 -30.60 7.95
CA ASN H 151 23.48 -29.27 7.39
C ASN H 151 24.50 -28.46 8.21
N GLY H 152 24.23 -27.19 8.56
CA GLY H 152 25.12 -26.36 9.40
C GLY H 152 25.10 -26.70 10.90
N LEU H 153 25.79 -25.90 11.73
CA LEU H 153 25.75 -26.03 13.20
C LEU H 153 24.45 -25.53 13.83
N LEU H 154 23.56 -24.94 13.03
CA LEU H 154 22.13 -24.96 13.25
C LEU H 154 21.44 -24.95 11.89
N GLY H 155 20.29 -25.61 11.77
CA GLY H 155 19.64 -25.89 10.50
C GLY H 155 18.96 -27.25 10.47
N GLU H 156 18.29 -27.54 9.37
CA GLU H 156 17.51 -28.77 9.18
C GLU H 156 18.32 -29.98 8.71
N LYS H 157 17.82 -31.17 9.05
CA LYS H 157 18.51 -32.42 8.79
C LYS H 157 18.16 -32.91 7.38
N TYR H 158 19.11 -33.52 6.67
CA TYR H 158 19.05 -33.94 5.27
C TYR H 158 19.63 -35.37 5.10
N LEU H 159 19.67 -35.96 3.91
CA LEU H 159 20.07 -37.36 3.71
C LEU H 159 21.35 -37.59 2.88
N LYS H 160 22.36 -38.38 3.34
CA LYS H 160 23.63 -38.52 2.61
C LYS H 160 23.85 -39.92 2.04
N ILE H 161 24.22 -40.02 0.76
CA ILE H 161 24.53 -41.27 0.06
C ILE H 161 26.03 -41.40 -0.06
N VAL H 162 26.60 -42.54 0.34
CA VAL H 162 28.03 -42.77 0.35
C VAL H 162 28.37 -43.99 -0.54
N PRO H 163 28.62 -43.78 -1.84
CA PRO H 163 28.86 -44.85 -2.79
C PRO H 163 30.26 -45.40 -2.73
N GLY H 164 30.46 -46.50 -3.44
CA GLY H 164 31.78 -47.02 -3.73
C GLY H 164 32.13 -48.39 -3.18
N GLY H 165 32.90 -49.12 -4.00
CA GLY H 165 33.39 -50.46 -3.70
C GLY H 165 32.61 -51.63 -4.33
N GLY H 166 31.42 -51.38 -4.88
CA GLY H 166 30.67 -52.52 -5.43
C GLY H 166 30.89 -52.74 -6.92
N LEU H 167 30.18 -53.72 -7.48
CA LEU H 167 30.29 -53.99 -8.91
C LEU H 167 28.98 -53.77 -9.61
N ASN H 168 27.90 -54.25 -9.02
CA ASN H 168 26.61 -54.16 -9.64
C ASN H 168 25.93 -52.91 -9.20
N TYR H 169 24.74 -52.69 -9.72
CA TYR H 169 24.00 -51.49 -9.42
C TYR H 169 22.58 -51.77 -9.02
N LEU H 170 22.02 -50.84 -8.29
CA LEU H 170 20.65 -50.98 -7.86
C LEU H 170 19.73 -50.39 -8.90
N LYS H 171 18.60 -51.04 -9.07
CA LYS H 171 17.59 -50.58 -10.00
C LYS H 171 16.74 -49.48 -9.42
N ARG H 172 16.34 -48.57 -10.25
CA ARG H 172 15.48 -47.53 -9.76
C ARG H 172 14.21 -48.19 -9.29
N GLY H 173 13.70 -47.75 -8.14
CA GLY H 173 12.50 -48.33 -7.55
C GLY H 173 12.85 -49.33 -6.44
N ASP H 174 14.11 -49.72 -6.32
CA ASP H 174 14.46 -50.68 -5.27
C ASP H 174 14.76 -49.99 -3.94
N THR H 175 15.10 -50.80 -2.94
CA THR H 175 15.46 -50.32 -1.61
C THR H 175 16.93 -50.52 -1.28
N ILE H 176 17.57 -49.46 -0.82
CA ILE H 176 18.97 -49.55 -0.42
C ILE H 176 19.01 -50.17 0.94
N SER H 177 19.78 -51.23 1.10
CA SER H 177 19.79 -51.95 2.37
C SER H 177 20.69 -51.46 3.48
N ASN H 178 21.78 -50.84 3.16
CA ASN H 178 22.69 -50.48 4.22
C ASN H 178 22.54 -49.06 4.70
N THR H 179 22.05 -48.95 5.91
CA THR H 179 21.71 -47.67 6.53
C THR H 179 22.19 -47.59 7.97
N GLN H 180 22.38 -46.37 8.44
CA GLN H 180 22.86 -46.04 9.77
C GLN H 180 22.11 -44.82 10.31
N GLY H 181 21.69 -44.84 11.56
CA GLY H 181 20.86 -43.79 12.16
C GLY H 181 21.64 -42.65 12.77
N THR H 182 20.96 -41.54 13.03
CA THR H 182 21.53 -40.39 13.76
C THR H 182 21.82 -40.70 15.24
N MET H 183 22.45 -39.77 15.94
CA MET H 183 22.61 -39.75 17.39
C MET H 183 21.88 -38.54 18.00
N ASP H 184 21.07 -38.81 19.04
CA ASP H 184 20.45 -37.80 19.89
C ASP H 184 21.44 -37.30 20.97
N LEU H 185 21.21 -36.08 21.45
CA LEU H 185 22.17 -35.36 22.30
C LEU H 185 22.37 -36.04 23.66
N GLU H 186 21.29 -36.47 24.33
CA GLU H 186 21.38 -37.18 25.60
C GLU H 186 22.12 -38.53 25.50
N ASP H 187 22.32 -39.06 24.29
CA ASP H 187 22.99 -40.34 24.04
C ASP H 187 24.41 -40.25 23.45
N LEU H 188 24.82 -39.12 22.85
CA LEU H 188 26.22 -38.80 22.78
C LEU H 188 26.75 -38.66 24.19
N ILE H 189 25.98 -38.01 25.07
CA ILE H 189 26.34 -37.85 26.48
C ILE H 189 26.43 -39.21 27.16
N SER H 190 25.42 -40.08 27.03
CA SER H 190 25.47 -41.34 27.73
C SER H 190 26.56 -42.26 27.22
N LYS H 191 26.98 -42.09 25.96
CA LYS H 191 28.03 -42.91 25.41
C LYS H 191 29.45 -42.41 25.68
N PHE H 192 29.68 -41.09 25.60
CA PHE H 192 31.04 -40.60 25.74
C PHE H 192 31.36 -39.81 27.02
N ILE H 193 30.36 -39.28 27.72
CA ILE H 193 30.63 -38.45 28.90
C ILE H 193 30.35 -39.10 30.26
N THR H 194 29.15 -39.74 30.41
CA THR H 194 28.70 -40.35 31.68
C THR H 194 28.83 -41.89 31.64
N THR I 5 1.00 26.40 -20.09
CA THR I 5 2.05 27.01 -20.92
C THR I 5 3.11 25.94 -21.34
N SER I 6 3.34 25.78 -22.67
CA SER I 6 4.27 24.80 -23.24
C SER I 6 5.72 25.11 -22.93
N GLU I 7 6.05 26.38 -22.76
CA GLU I 7 7.42 26.73 -22.43
C GLU I 7 7.71 26.25 -21.04
N LEU I 8 6.75 26.33 -20.15
CA LEU I 8 7.04 25.90 -18.82
C LEU I 8 7.13 24.41 -18.84
N ALA I 9 6.26 23.72 -19.55
CA ALA I 9 6.38 22.29 -19.51
C ALA I 9 7.76 21.84 -19.99
N VAL I 10 8.27 22.50 -21.02
CA VAL I 10 9.57 22.13 -21.52
C VAL I 10 10.69 22.50 -20.56
N GLY I 11 10.64 23.70 -19.99
CA GLY I 11 11.68 24.11 -19.08
C GLY I 11 11.62 23.41 -17.72
N ILE I 12 10.49 22.81 -17.39
CA ILE I 12 10.32 22.14 -16.12
C ILE I 12 10.58 20.65 -16.16
N PHE I 13 10.12 19.93 -17.18
CA PHE I 13 10.27 18.47 -17.14
C PHE I 13 11.73 18.06 -17.02
N VAL I 14 12.66 18.92 -17.38
CA VAL I 14 14.07 18.56 -17.30
C VAL I 14 14.43 18.20 -15.86
N ILE I 15 13.69 18.71 -14.92
CA ILE I 15 13.85 18.45 -13.52
C ILE I 15 13.61 17.00 -13.24
N ILE I 16 12.60 16.36 -13.86
CA ILE I 16 12.39 14.98 -13.50
C ILE I 16 13.63 14.23 -13.97
N PHE I 17 14.26 14.69 -15.04
CA PHE I 17 15.48 14.00 -15.45
C PHE I 17 16.67 14.29 -14.57
N GLY I 18 16.81 15.53 -14.11
CA GLY I 18 17.92 15.83 -13.23
C GLY I 18 17.81 15.01 -11.95
N ILE I 19 16.58 14.88 -11.45
CA ILE I 19 16.26 14.11 -10.29
C ILE I 19 16.47 12.64 -10.58
N ALA I 20 16.06 12.17 -11.74
CA ALA I 20 16.25 10.78 -12.03
C ALA I 20 17.70 10.37 -11.94
N LEU I 21 18.61 11.20 -12.46
CA LEU I 21 20.02 10.80 -12.37
C LEU I 21 20.53 10.88 -10.97
N PHE I 22 20.20 11.93 -10.26
CA PHE I 22 20.72 12.09 -8.94
C PHE I 22 20.41 10.86 -8.13
N PHE I 23 19.17 10.42 -8.16
CA PHE I 23 18.85 9.28 -7.38
C PHE I 23 19.31 7.97 -8.01
N LEU I 24 19.39 7.86 -9.33
CA LEU I 24 19.84 6.60 -9.84
C LEU I 24 21.31 6.36 -9.49
N ALA I 25 22.14 7.39 -9.57
CA ALA I 25 23.55 7.23 -9.23
C ALA I 25 23.69 6.81 -7.78
N MET I 26 22.82 7.37 -6.93
CA MET I 26 22.82 7.01 -5.52
C MET I 26 22.51 5.54 -5.39
N LYS I 27 21.56 5.05 -6.18
CA LYS I 27 21.18 3.65 -6.11
C LYS I 27 22.34 2.77 -6.49
N VAL I 28 23.11 3.17 -7.51
CA VAL I 28 24.23 2.35 -7.90
C VAL I 28 25.20 2.24 -6.76
N SER I 29 25.51 3.35 -6.12
CA SER I 29 26.44 3.32 -5.01
C SER I 29 25.93 2.47 -3.86
N GLY I 30 24.67 2.68 -3.47
CA GLY I 30 24.13 1.95 -2.34
C GLY I 30 24.19 0.45 -2.53
N LEU I 31 23.95 -0.03 -3.75
CA LEU I 31 23.99 -1.46 -4.02
C LEU I 31 25.03 -1.86 -5.07
N VAL I 32 26.15 -1.15 -5.13
CA VAL I 32 27.15 -1.49 -6.14
C VAL I 32 27.69 -2.89 -5.93
N GLY I 33 27.77 -3.63 -7.02
CA GLY I 33 28.27 -5.00 -7.00
C GLY I 33 29.71 -5.05 -7.47
N THR I 34 30.10 -6.20 -7.99
CA THR I 34 31.47 -6.39 -8.43
C THR I 34 31.59 -6.38 -9.94
N ASN I 35 32.45 -5.51 -10.43
CA ASN I 35 32.71 -5.39 -11.84
C ASN I 35 33.92 -6.22 -12.19
N LEU I 36 33.70 -7.37 -12.78
CA LEU I 36 34.77 -8.31 -13.09
C LEU I 36 35.34 -7.99 -14.45
N SER I 37 36.62 -8.27 -14.64
CA SER I 37 37.24 -8.08 -15.94
C SER I 37 38.36 -9.07 -16.15
N ASP I 38 38.69 -9.34 -17.42
CA ASP I 38 39.82 -10.21 -17.70
C ASP I 38 39.70 -11.50 -16.89
N GLY I 39 38.51 -12.11 -16.89
CA GLY I 39 38.29 -13.31 -16.10
C GLY I 39 38.66 -14.57 -16.83
N TYR I 40 38.97 -15.60 -16.06
CA TYR I 40 39.32 -16.87 -16.65
C TYR I 40 38.55 -17.94 -15.95
N THR I 41 38.36 -19.06 -16.59
CA THR I 41 37.80 -20.11 -15.82
C THR I 41 38.86 -21.10 -15.50
N MET I 42 38.69 -21.75 -14.38
CA MET I 42 39.59 -22.80 -13.91
C MET I 42 38.82 -23.95 -13.32
N LYS I 43 39.37 -25.15 -13.39
CA LYS I 43 38.63 -26.25 -12.77
C LYS I 43 39.45 -27.01 -11.77
N ALA I 44 38.81 -27.58 -10.78
CA ALA I 44 39.50 -28.40 -9.82
C ALA I 44 38.62 -29.51 -9.30
N GLN I 45 39.25 -30.63 -8.95
CA GLN I 45 38.55 -31.79 -8.47
C GLN I 45 38.50 -31.82 -6.95
N PHE I 46 37.42 -32.37 -6.39
CA PHE I 46 37.24 -32.47 -4.95
C PHE I 46 36.53 -33.76 -4.60
N ASP I 47 36.79 -34.25 -3.40
CA ASP I 47 36.11 -35.43 -2.86
C ASP I 47 34.82 -35.11 -2.12
N ASN I 48 34.68 -33.91 -1.58
CA ASN I 48 33.50 -33.53 -0.83
C ASN I 48 33.39 -32.04 -0.82
N VAL I 49 32.25 -31.52 -1.26
CA VAL I 49 31.93 -30.09 -1.25
C VAL I 49 30.61 -29.82 -0.52
N ASN I 50 30.29 -30.62 0.49
CA ASN I 50 29.05 -30.51 1.25
C ASN I 50 28.76 -29.07 1.69
N GLY I 51 27.63 -28.51 1.25
CA GLY I 51 27.19 -27.17 1.60
C GLY I 51 27.94 -26.03 0.91
N LEU I 52 28.86 -26.32 -0.01
CA LEU I 52 29.41 -25.31 -0.93
C LEU I 52 28.29 -24.72 -1.82
N LYS I 53 28.42 -23.47 -2.26
CA LYS I 53 27.33 -22.74 -2.93
C LYS I 53 27.66 -22.18 -4.33
N PRO I 54 26.66 -22.05 -5.21
CA PRO I 54 26.77 -21.52 -6.55
C PRO I 54 27.32 -20.11 -6.66
N ARG I 55 27.33 -19.35 -5.59
CA ARG I 55 27.88 -18.00 -5.67
C ARG I 55 28.93 -17.80 -4.60
N ALA I 56 29.60 -18.86 -4.15
CA ALA I 56 30.58 -18.75 -3.07
C ALA I 56 31.81 -17.93 -3.48
N LYS I 57 32.39 -17.24 -2.51
CA LYS I 57 33.62 -16.46 -2.64
C LYS I 57 34.84 -17.33 -2.91
N VAL I 58 35.84 -16.77 -3.57
CA VAL I 58 37.13 -17.41 -3.83
C VAL I 58 38.26 -16.46 -3.45
N THR I 59 39.28 -16.93 -2.73
CA THR I 59 40.34 -16.03 -2.27
C THR I 59 41.74 -16.65 -2.18
N MET I 60 42.76 -15.82 -2.37
CA MET I 60 44.15 -16.05 -1.96
C MET I 60 44.44 -15.11 -0.78
N SER I 61 44.91 -15.64 0.33
CA SER I 61 45.30 -14.86 1.52
C SER I 61 44.23 -13.91 2.05
N GLY I 62 42.99 -13.97 1.57
CA GLY I 62 41.87 -13.09 1.96
C GLY I 62 41.50 -11.96 0.98
N VAL I 63 42.22 -11.76 -0.13
CA VAL I 63 41.78 -10.79 -1.10
C VAL I 63 40.75 -11.43 -1.98
N THR I 64 39.63 -10.79 -2.20
CA THR I 64 38.67 -11.45 -3.05
C THR I 64 39.23 -11.62 -4.45
N ILE I 65 39.18 -12.83 -4.96
CA ILE I 65 39.65 -13.15 -6.28
C ILE I 65 38.57 -13.44 -7.27
N GLY I 66 37.58 -14.21 -6.85
CA GLY I 66 36.60 -14.67 -7.82
C GLY I 66 35.36 -15.34 -7.27
N ARG I 67 34.73 -16.12 -8.11
CA ARG I 67 33.48 -16.75 -7.75
C ARG I 67 33.46 -18.24 -8.08
N VAL I 68 32.86 -19.05 -7.23
CA VAL I 68 32.49 -20.41 -7.63
C VAL I 68 31.35 -20.23 -8.61
N ASP I 69 31.48 -20.73 -9.84
CA ASP I 69 30.43 -20.59 -10.83
C ASP I 69 29.51 -21.78 -10.85
N SER I 70 30.08 -22.97 -10.86
CA SER I 70 29.21 -24.14 -10.92
C SER I 70 29.76 -25.37 -10.24
N ILE I 71 28.85 -26.18 -9.73
CA ILE I 71 29.24 -27.42 -9.08
C ILE I 71 28.52 -28.57 -9.73
N THR I 72 29.26 -29.54 -10.25
CA THR I 72 28.58 -30.68 -10.88
C THR I 72 29.17 -32.00 -10.43
N LEU I 73 28.43 -33.09 -10.65
CA LEU I 73 28.92 -34.41 -10.30
C LEU I 73 29.29 -35.29 -11.46
N ASP I 74 30.46 -35.89 -11.40
CA ASP I 74 30.86 -36.87 -12.39
C ASP I 74 30.46 -38.27 -11.92
N PRO I 75 29.48 -38.93 -12.56
CA PRO I 75 28.85 -40.19 -12.17
C PRO I 75 29.72 -41.42 -12.26
N VAL I 76 30.87 -41.35 -12.93
CA VAL I 76 31.66 -42.56 -13.03
C VAL I 76 32.93 -42.46 -12.23
N THR I 77 33.31 -41.24 -11.86
CA THR I 77 34.48 -41.11 -11.01
C THR I 77 34.01 -40.80 -9.61
N ARG I 78 32.74 -40.37 -9.48
CA ARG I 78 32.11 -39.99 -8.24
C ARG I 78 32.84 -38.87 -7.55
N LEU I 79 33.23 -37.91 -8.35
CA LEU I 79 33.95 -36.73 -7.87
C LEU I 79 33.19 -35.48 -8.13
N ALA I 80 33.38 -34.49 -7.30
CA ALA I 80 32.77 -33.23 -7.63
C ALA I 80 33.72 -32.51 -8.50
N THR I 81 33.20 -31.74 -9.44
CA THR I 81 34.07 -30.89 -10.23
C THR I 81 33.57 -29.48 -10.03
N VAL I 82 34.45 -28.56 -9.64
CA VAL I 82 34.06 -27.17 -9.37
C VAL I 82 34.69 -26.27 -10.41
N THR I 83 33.86 -25.40 -11.00
CA THR I 83 34.35 -24.39 -11.94
C THR I 83 34.44 -23.04 -11.27
N PHE I 84 35.67 -22.52 -11.21
CA PHE I 84 36.01 -21.18 -10.73
C PHE I 84 35.81 -20.14 -11.84
N ASP I 85 35.61 -18.90 -11.42
CA ASP I 85 35.71 -17.71 -12.24
C ASP I 85 36.70 -16.76 -11.55
N LEU I 86 37.94 -16.72 -12.03
CA LEU I 86 38.98 -15.93 -11.34
C LEU I 86 39.18 -14.64 -12.06
N ASP I 87 39.03 -13.53 -11.34
CA ASP I 87 39.19 -12.23 -11.94
C ASP I 87 40.64 -11.96 -12.32
N GLY I 88 40.87 -11.13 -13.32
CA GLY I 88 42.21 -10.83 -13.77
C GLY I 88 43.10 -10.27 -12.69
N LYS I 89 42.51 -9.59 -11.70
CA LYS I 89 43.24 -9.00 -10.57
C LYS I 89 44.25 -9.93 -9.92
N LEU I 90 44.00 -11.23 -9.99
CA LEU I 90 44.91 -12.21 -9.42
C LEU I 90 45.86 -12.58 -10.54
N THR I 91 45.27 -12.90 -11.69
CA THR I 91 46.00 -13.24 -12.90
C THR I 91 46.49 -11.98 -13.61
N SER I 92 47.42 -12.19 -14.54
CA SER I 92 48.03 -11.14 -15.39
C SER I 92 48.99 -10.13 -14.77
N PHE I 93 50.26 -10.51 -14.75
CA PHE I 93 51.37 -9.73 -14.32
C PHE I 93 51.54 -8.69 -15.41
N ASN I 94 51.81 -7.45 -15.03
CA ASN I 94 51.96 -6.42 -16.05
C ASN I 94 53.34 -6.57 -16.64
N ALA I 95 53.75 -5.73 -17.57
CA ALA I 95 55.04 -6.04 -18.21
C ALA I 95 56.20 -6.08 -17.23
N GLU I 96 56.24 -5.19 -16.26
CA GLU I 96 57.40 -5.22 -15.39
C GLU I 96 57.33 -6.41 -14.46
N GLN I 97 56.14 -6.71 -13.99
CA GLN I 97 55.97 -7.80 -13.07
C GLN I 97 56.29 -9.11 -13.74
N LEU I 98 55.94 -9.23 -15.02
CA LEU I 98 56.28 -10.44 -15.69
C LEU I 98 57.74 -10.50 -15.87
N LYS I 99 58.38 -9.40 -16.22
CA LYS I 99 59.81 -9.48 -16.36
C LYS I 99 60.42 -9.97 -15.07
N GLU I 100 59.91 -9.55 -13.92
CA GLU I 100 60.47 -10.06 -12.68
C GLU I 100 60.32 -11.59 -12.54
N VAL I 101 59.12 -12.11 -12.81
CA VAL I 101 58.85 -13.54 -12.64
C VAL I 101 59.61 -14.37 -13.67
N GLN I 102 59.56 -13.89 -14.89
CA GLN I 102 60.19 -14.49 -16.03
C GLN I 102 61.66 -14.54 -15.86
N LYS I 103 62.26 -13.46 -15.38
CA LYS I 103 63.68 -13.49 -15.17
C LYS I 103 63.99 -14.49 -14.10
N ASN I 104 63.22 -14.60 -13.04
CA ASN I 104 63.65 -15.61 -12.10
C ASN I 104 63.63 -16.99 -12.75
N ALA I 105 62.62 -17.28 -13.56
CA ALA I 105 62.57 -18.59 -14.17
C ALA I 105 63.69 -18.83 -15.19
N LEU I 106 64.00 -17.81 -15.98
CA LEU I 106 65.00 -17.95 -17.02
C LEU I 106 66.40 -17.94 -16.44
N ASP I 107 66.60 -17.17 -15.39
CA ASP I 107 67.90 -17.08 -14.75
C ASP I 107 68.19 -18.37 -14.01
N GLU I 108 67.17 -18.98 -13.39
CA GLU I 108 67.41 -20.25 -12.72
C GLU I 108 67.69 -21.32 -13.76
N LEU I 109 67.03 -21.27 -14.92
CA LEU I 109 67.34 -22.27 -15.94
C LEU I 109 68.81 -22.23 -16.35
N ARG I 110 69.31 -21.02 -16.59
CA ARG I 110 70.69 -20.83 -16.98
C ARG I 110 71.71 -21.06 -15.86
N TYR I 111 71.39 -20.60 -14.66
CA TYR I 111 72.25 -20.75 -13.49
C TYR I 111 72.39 -22.20 -13.09
N SER I 112 71.25 -22.87 -12.93
CA SER I 112 71.20 -24.27 -12.57
C SER I 112 71.32 -25.03 -13.87
N SER I 113 72.53 -24.97 -14.43
CA SER I 113 72.87 -25.46 -15.74
C SER I 113 72.69 -26.95 -15.87
N ASP I 114 72.58 -27.65 -14.75
CA ASP I 114 72.36 -29.08 -14.74
C ASP I 114 70.98 -29.43 -15.32
N TYR I 115 70.10 -28.40 -15.41
CA TYR I 115 68.76 -28.55 -15.96
C TYR I 115 68.84 -28.74 -17.48
N THR I 116 69.88 -28.19 -18.11
CA THR I 116 69.97 -28.27 -19.56
C THR I 116 71.15 -29.10 -19.98
N GLN I 117 72.13 -29.24 -19.09
CA GLN I 117 73.39 -29.84 -19.41
C GLN I 117 73.90 -29.10 -20.64
N ALA I 118 74.42 -29.83 -21.62
CA ALA I 118 74.92 -29.26 -22.86
C ALA I 118 74.78 -30.33 -23.94
N THR I 119 74.75 -30.01 -25.24
CA THR I 119 74.93 -28.72 -25.92
C THR I 119 74.05 -27.56 -25.44
N PRO I 120 74.56 -26.30 -25.43
CA PRO I 120 73.85 -25.07 -25.09
C PRO I 120 72.60 -24.90 -25.94
N ALA I 121 72.53 -25.57 -27.09
CA ALA I 121 71.35 -25.46 -27.92
C ALA I 121 70.12 -25.94 -27.15
N GLN I 122 70.29 -26.85 -26.18
CA GLN I 122 69.11 -27.32 -25.48
C GLN I 122 68.80 -26.43 -24.29
N GLN I 123 69.67 -25.46 -24.03
CA GLN I 123 69.40 -24.50 -23.00
C GLN I 123 68.47 -23.55 -23.69
N LYS I 124 68.75 -23.29 -24.97
CA LYS I 124 67.92 -22.42 -25.76
C LYS I 124 66.54 -23.07 -25.90
N THR I 125 66.49 -24.40 -26.08
CA THR I 125 65.20 -25.07 -26.17
C THR I 125 64.43 -24.83 -24.88
N MET I 126 65.08 -25.00 -23.74
CA MET I 126 64.38 -24.76 -22.49
C MET I 126 63.97 -23.30 -22.29
N GLU I 127 64.80 -22.36 -22.76
CA GLU I 127 64.46 -20.95 -22.64
C GLU I 127 63.22 -20.67 -23.46
N GLN I 128 63.15 -21.29 -24.65
CA GLN I 128 62.02 -21.12 -25.54
C GLN I 128 60.77 -21.66 -24.90
N GLN I 129 60.88 -22.78 -24.18
CA GLN I 129 59.71 -23.31 -23.52
C GLN I 129 59.25 -22.38 -22.43
N LEU I 130 60.16 -21.81 -21.65
CA LEU I 130 59.69 -20.92 -20.61
C LEU I 130 59.04 -19.68 -21.21
N ILE I 131 59.62 -19.18 -22.29
CA ILE I 131 59.12 -17.98 -22.93
C ILE I 131 57.74 -18.19 -23.52
N SER I 132 57.54 -19.29 -24.23
CA SER I 132 56.24 -19.56 -24.81
C SER I 132 55.23 -19.94 -23.75
N ASN I 133 55.66 -20.62 -22.70
CA ASN I 133 54.72 -21.05 -21.69
C ASN I 133 54.13 -19.86 -21.00
N MET I 134 54.92 -18.80 -20.89
CA MET I 134 54.46 -17.64 -20.19
C MET I 134 53.47 -16.81 -20.97
N ASN I 135 53.16 -17.20 -22.19
CA ASN I 135 52.19 -16.44 -22.91
C ASN I 135 50.86 -16.49 -22.17
N SER I 136 50.61 -17.60 -21.47
CA SER I 136 49.37 -17.79 -20.75
C SER I 136 49.56 -17.85 -19.24
N ILE I 137 50.68 -17.32 -18.72
CA ILE I 137 50.96 -17.47 -17.30
C ILE I 137 50.00 -16.84 -16.31
N THR I 138 49.66 -17.66 -15.31
CA THR I 138 48.82 -17.26 -14.19
C THR I 138 49.72 -17.07 -12.99
N SER I 139 49.20 -16.49 -11.92
CA SER I 139 50.00 -16.30 -10.71
C SER I 139 49.98 -17.49 -9.76
N ILE I 140 49.01 -18.37 -9.91
CA ILE I 140 48.92 -19.55 -9.08
C ILE I 140 49.95 -20.51 -9.60
N ASP I 141 50.78 -20.99 -8.72
CA ASP I 141 51.82 -21.87 -9.14
C ASP I 141 51.57 -23.35 -8.93
N GLU I 142 52.53 -24.12 -9.37
CA GLU I 142 52.51 -25.54 -9.26
C GLU I 142 52.57 -25.89 -7.81
N ASP I 143 51.83 -26.90 -7.42
CA ASP I 143 51.71 -27.37 -6.06
C ASP I 143 50.90 -26.44 -5.18
N ALA I 144 50.23 -25.48 -5.78
CA ALA I 144 49.31 -24.66 -5.02
C ALA I 144 48.16 -25.55 -4.61
N TYR I 145 47.59 -25.34 -3.44
CA TYR I 145 46.46 -26.11 -2.94
C TYR I 145 45.14 -25.47 -3.30
N ILE I 146 44.05 -26.25 -3.27
CA ILE I 146 42.73 -25.70 -2.96
C ILE I 146 42.17 -26.41 -1.74
N MET I 147 41.44 -25.64 -0.94
CA MET I 147 40.38 -26.15 -0.08
C MET I 147 39.05 -25.42 -0.33
N VAL I 148 37.94 -26.06 0.02
CA VAL I 148 36.72 -25.33 0.41
C VAL I 148 36.91 -24.68 1.77
N ALA I 149 36.16 -23.63 2.06
CA ALA I 149 36.16 -22.90 3.31
C ALA I 149 34.78 -22.31 3.62
N THR I 150 34.66 -21.72 4.79
CA THR I 150 33.45 -21.11 5.35
C THR I 150 33.81 -19.75 5.94
N ASN I 151 32.92 -18.77 5.90
CA ASN I 151 33.23 -17.42 6.38
C ASN I 151 33.62 -17.37 7.87
N GLY I 152 32.90 -18.09 8.72
CA GLY I 152 33.11 -18.13 10.17
C GLY I 152 32.32 -19.24 10.86
N LEU I 153 32.09 -19.13 12.17
CA LEU I 153 31.41 -20.17 12.95
C LEU I 153 29.91 -20.28 12.65
N LEU I 154 29.35 -19.39 11.85
CA LEU I 154 28.16 -19.65 11.04
C LEU I 154 28.22 -18.79 9.78
N GLY I 155 27.65 -19.24 8.66
CA GLY I 155 27.58 -18.46 7.42
C GLY I 155 27.86 -19.28 6.15
N GLU I 156 28.13 -18.54 5.08
CA GLU I 156 28.32 -19.07 3.73
C GLU I 156 29.72 -19.65 3.49
N LYS I 157 29.88 -20.27 2.32
CA LYS I 157 31.09 -20.95 1.89
C LYS I 157 31.94 -20.12 0.92
N TYR I 158 33.16 -20.57 0.73
CA TYR I 158 34.14 -19.95 -0.15
C TYR I 158 35.21 -21.00 -0.55
N LEU I 159 36.11 -20.71 -1.49
CA LEU I 159 37.30 -21.53 -1.79
C LEU I 159 38.61 -20.81 -1.46
N LYS I 160 39.56 -21.44 -0.75
CA LYS I 160 40.84 -20.79 -0.48
C LYS I 160 41.91 -21.39 -1.37
N ILE I 161 42.63 -20.56 -2.11
CA ILE I 161 43.75 -20.97 -2.94
C ILE I 161 45.02 -20.59 -2.20
N VAL I 162 45.84 -21.56 -1.87
CA VAL I 162 47.07 -21.34 -1.10
C VAL I 162 48.27 -21.53 -2.02
N PRO I 163 49.21 -20.58 -2.10
CA PRO I 163 50.37 -20.64 -2.98
C PRO I 163 51.20 -21.80 -2.51
N GLY I 164 51.95 -22.42 -3.43
CA GLY I 164 52.70 -23.64 -3.08
C GLY I 164 54.05 -23.49 -2.37
N GLY I 165 55.13 -23.18 -3.10
CA GLY I 165 55.10 -22.84 -4.50
C GLY I 165 56.50 -22.79 -5.07
N GLY I 166 56.65 -22.15 -6.22
CA GLY I 166 57.96 -22.14 -6.88
C GLY I 166 57.90 -21.58 -8.30
N LEU I 167 58.99 -21.67 -9.05
CA LEU I 167 59.02 -21.10 -10.41
C LEU I 167 58.49 -22.03 -11.49
N ASN I 168 57.24 -22.39 -11.32
CA ASN I 168 56.49 -23.27 -12.19
C ASN I 168 55.07 -22.77 -12.18
N TYR I 169 54.56 -22.29 -13.29
CA TYR I 169 53.24 -21.70 -13.26
C TYR I 169 52.22 -22.34 -14.12
N LEU I 170 50.97 -22.20 -13.70
CA LEU I 170 49.84 -22.74 -14.45
C LEU I 170 49.45 -21.80 -15.57
N LYS I 171 48.68 -22.32 -16.53
CA LYS I 171 48.21 -21.49 -17.62
C LYS I 171 46.76 -21.16 -17.49
N ARG I 172 46.35 -20.05 -18.05
CA ARG I 172 44.95 -19.73 -17.96
C ARG I 172 44.16 -20.87 -18.56
N GLY I 173 43.12 -21.34 -17.84
CA GLY I 173 42.26 -22.41 -18.33
C GLY I 173 42.56 -23.87 -17.93
N ASP I 174 43.70 -24.16 -17.30
CA ASP I 174 43.97 -25.55 -16.93
C ASP I 174 43.38 -25.93 -15.56
N THR I 175 43.72 -27.10 -15.01
CA THR I 175 43.12 -27.48 -13.75
C THR I 175 44.11 -27.46 -12.63
N ILE I 176 43.59 -27.37 -11.42
CA ILE I 176 44.47 -27.36 -10.26
C ILE I 176 44.42 -28.68 -9.58
N SER I 177 45.59 -29.25 -9.28
CA SER I 177 45.63 -30.54 -8.57
C SER I 177 45.89 -30.37 -7.06
N ASN I 178 46.09 -31.49 -6.37
CA ASN I 178 46.39 -31.52 -4.93
C ASN I 178 45.45 -30.81 -3.95
N THR I 179 44.13 -31.02 -4.09
CA THR I 179 43.16 -30.38 -3.18
C THR I 179 42.65 -31.23 -2.01
N GLN I 180 42.16 -30.56 -0.97
CA GLN I 180 41.60 -31.17 0.23
C GLN I 180 40.11 -30.88 0.30
N GLY I 181 39.30 -31.93 0.43
CA GLY I 181 37.86 -31.78 0.61
C GLY I 181 37.49 -31.34 2.02
N THR I 182 36.25 -30.88 2.20
CA THR I 182 35.73 -30.59 3.55
C THR I 182 35.65 -31.88 4.38
N MET I 183 35.76 -31.78 5.70
CA MET I 183 35.63 -32.89 6.66
C MET I 183 34.35 -32.67 7.49
N ASP I 184 33.41 -33.61 7.48
CA ASP I 184 32.09 -33.46 8.11
C ASP I 184 32.07 -33.93 9.58
N LEU I 185 31.00 -33.62 10.33
CA LEU I 185 30.81 -34.11 11.70
C LEU I 185 30.73 -35.64 11.77
N GLU I 186 30.25 -36.28 10.71
CA GLU I 186 30.41 -37.71 10.45
C GLU I 186 31.87 -38.15 10.65
N ASP I 187 32.81 -37.46 10.00
CA ASP I 187 34.23 -37.76 10.08
C ASP I 187 34.80 -37.41 11.45
N LEU I 188 34.37 -36.32 12.13
CA LEU I 188 35.02 -35.94 13.36
C LEU I 188 34.67 -36.90 14.47
N ILE I 189 33.42 -37.34 14.50
CA ILE I 189 33.05 -38.28 15.54
C ILE I 189 33.68 -39.61 15.23
N SER I 190 33.59 -40.09 13.99
CA SER I 190 34.16 -41.38 13.59
C SER I 190 35.67 -41.45 13.82
N LYS I 191 36.38 -40.32 13.64
CA LYS I 191 37.82 -40.25 13.83
C LYS I 191 38.26 -40.17 15.29
N PHE I 192 37.55 -39.37 16.09
CA PHE I 192 37.88 -39.21 17.50
C PHE I 192 37.04 -40.11 18.40
N ILE I 193 35.71 -40.00 18.25
CA ILE I 193 34.73 -40.78 19.01
C ILE I 193 34.88 -40.67 20.53
N THR I 194 35.20 -39.46 21.00
CA THR I 194 35.38 -39.21 22.42
C THR I 194 34.53 -38.03 22.88
N SER J 15 -50.19 36.12 -0.65
CA SER J 15 -49.07 36.78 0.02
C SER J 15 -48.45 37.86 -0.87
N LEU J 16 -48.11 39.02 -0.29
CA LEU J 16 -47.44 40.11 -0.99
C LEU J 16 -46.02 40.05 -0.52
N ILE J 17 -45.09 40.09 -1.45
CA ILE J 17 -43.71 40.09 -1.01
C ILE J 17 -42.99 41.33 -1.43
N GLU J 18 -42.40 41.97 -0.44
CA GLU J 18 -41.66 43.19 -0.70
C GLU J 18 -40.20 42.87 -0.78
N VAL J 19 -39.54 43.39 -1.79
CA VAL J 19 -38.10 43.27 -1.87
C VAL J 19 -37.55 44.67 -1.98
N LYS J 20 -36.78 45.12 -1.00
CA LYS J 20 -36.31 46.50 -1.09
C LYS J 20 -34.82 46.64 -0.91
N ASN J 21 -34.25 47.50 -1.75
CA ASN J 21 -32.83 47.85 -1.71
C ASN J 21 -31.98 46.59 -1.69
N LEU J 22 -32.35 45.64 -2.52
CA LEU J 22 -31.60 44.41 -2.50
C LEU J 22 -30.23 44.64 -3.08
N SER J 23 -29.26 44.07 -2.43
CA SER J 23 -27.89 44.09 -2.86
C SER J 23 -27.30 42.76 -2.51
N PHE J 24 -26.52 42.22 -3.43
CA PHE J 24 -25.92 40.95 -3.17
C PHE J 24 -24.69 40.74 -3.97
N ASN J 25 -23.64 40.30 -3.30
CA ASN J 25 -22.44 39.97 -4.00
C ASN J 25 -22.18 38.50 -3.85
N ARG J 26 -21.54 37.93 -4.86
CA ARG J 26 -21.11 36.57 -4.79
C ARG J 26 -19.61 36.68 -4.75
N GLY J 27 -19.07 36.53 -3.56
CA GLY J 27 -17.66 36.83 -3.38
C GLY J 27 -17.56 38.33 -3.61
N GLU J 28 -16.62 38.76 -4.43
CA GLU J 28 -16.46 40.18 -4.69
C GLU J 28 -17.36 40.70 -5.81
N ARG J 29 -18.02 39.82 -6.55
CA ARG J 29 -18.79 40.30 -7.67
C ARG J 29 -20.17 40.75 -7.32
N VAL J 30 -20.55 41.91 -7.79
CA VAL J 30 -21.89 42.37 -7.50
C VAL J 30 -22.84 41.75 -8.48
N ILE J 31 -23.91 41.16 -7.98
CA ILE J 31 -24.93 40.60 -8.84
C ILE J 31 -26.08 41.56 -8.83
N TYR J 32 -26.48 41.98 -7.65
CA TYR J 32 -27.57 42.92 -7.56
C TYR J 32 -27.20 44.20 -6.88
N ASP J 33 -27.80 45.30 -7.34
CA ASP J 33 -27.58 46.61 -6.78
C ASP J 33 -28.85 47.47 -6.65
N ASN J 34 -29.48 47.41 -5.47
CA ASN J 34 -30.73 48.08 -5.10
C ASN J 34 -31.98 47.78 -5.92
N ILE J 35 -32.23 46.50 -6.05
CA ILE J 35 -33.43 45.99 -6.70
C ILE J 35 -34.64 46.27 -5.82
N SER J 36 -35.70 46.73 -6.45
CA SER J 36 -36.97 47.03 -5.79
C SER J 36 -38.14 46.33 -6.49
N LEU J 37 -38.72 45.34 -5.82
CA LEU J 37 -39.80 44.55 -6.42
C LEU J 37 -41.05 44.53 -5.59
N ASN J 38 -42.16 44.40 -6.28
CA ASN J 38 -43.47 44.21 -5.67
C ASN J 38 -44.12 42.95 -6.22
N ILE J 39 -44.12 41.88 -5.44
CA ILE J 39 -44.71 40.68 -5.96
C ILE J 39 -46.16 40.73 -5.56
N ARG J 40 -46.99 40.97 -6.56
CA ARG J 40 -48.40 41.25 -6.40
C ARG J 40 -49.28 40.04 -6.10
N ARG J 41 -50.13 40.19 -5.11
CA ARG J 41 -50.99 39.11 -4.65
C ARG J 41 -51.95 38.60 -5.69
N GLY J 42 -51.94 37.29 -5.90
CA GLY J 42 -52.87 36.64 -6.80
C GLY J 42 -52.51 36.81 -8.27
N GLN J 43 -51.41 37.49 -8.56
CA GLN J 43 -50.99 37.76 -9.92
C GLN J 43 -49.82 36.94 -10.35
N ILE J 44 -49.62 36.85 -11.65
CA ILE J 44 -48.44 36.18 -12.12
C ILE J 44 -47.42 37.23 -12.45
N THR J 45 -46.28 37.19 -11.81
CA THR J 45 -45.27 38.17 -12.15
C THR J 45 -44.17 37.43 -12.84
N ALA J 46 -43.36 38.11 -13.63
CA ALA J 46 -42.28 37.40 -14.27
C ALA J 46 -41.07 38.25 -14.39
N ILE J 47 -39.94 37.57 -14.46
CA ILE J 47 -38.66 38.21 -14.61
C ILE J 47 -37.94 37.71 -15.85
N MET J 48 -37.53 38.64 -16.70
CA MET J 48 -36.80 38.32 -17.91
C MET J 48 -35.52 39.04 -17.95
N GLY J 49 -34.53 38.48 -18.63
CA GLY J 49 -33.27 39.18 -18.77
C GLY J 49 -32.25 38.31 -19.47
N PRO J 50 -31.06 38.83 -19.72
CA PRO J 50 -29.97 38.16 -20.37
C PRO J 50 -29.49 36.99 -19.58
N SER J 51 -28.89 36.05 -20.26
CA SER J 51 -28.36 34.88 -19.62
C SER J 51 -27.28 35.18 -18.64
N GLY J 52 -27.32 34.48 -17.55
CA GLY J 52 -26.28 34.61 -16.55
C GLY J 52 -26.31 35.87 -15.68
N THR J 53 -27.41 36.62 -15.63
CA THR J 53 -27.39 37.84 -14.85
C THR J 53 -27.96 37.67 -13.47
N GLY J 54 -27.96 36.46 -12.96
CA GLY J 54 -28.43 36.24 -11.61
C GLY J 54 -29.92 36.00 -11.46
N LYS J 55 -30.61 35.57 -12.49
CA LYS J 55 -32.04 35.38 -12.29
C LYS J 55 -32.32 34.40 -11.17
N THR J 56 -31.58 33.31 -11.10
CA THR J 56 -31.81 32.33 -10.07
C THR J 56 -31.37 32.85 -8.72
N THR J 57 -30.35 33.71 -8.72
CA THR J 57 -29.87 34.25 -7.48
C THR J 57 -30.95 35.08 -6.88
N LEU J 58 -31.65 35.83 -7.71
CA LEU J 58 -32.70 36.66 -7.19
C LEU J 58 -33.80 35.83 -6.58
N LEU J 59 -34.19 34.72 -7.20
CA LEU J 59 -35.23 33.94 -6.56
C LEU J 59 -34.76 33.38 -5.23
N ARG J 60 -33.51 32.96 -5.15
CA ARG J 60 -33.00 32.38 -3.93
C ARG J 60 -33.02 33.43 -2.82
N LEU J 61 -32.69 34.69 -3.14
CA LEU J 61 -32.76 35.75 -2.16
C LEU J 61 -34.19 36.02 -1.74
N ILE J 62 -35.13 36.01 -2.67
CA ILE J 62 -36.52 36.26 -2.33
C ILE J 62 -36.99 35.21 -1.39
N GLY J 63 -36.58 33.98 -1.64
CA GLY J 63 -36.94 32.81 -0.87
C GLY J 63 -36.24 32.73 0.49
N GLY J 64 -35.31 33.63 0.76
CA GLY J 64 -34.63 33.68 2.03
C GLY J 64 -33.56 32.63 2.22
N GLN J 65 -32.99 32.10 1.15
CA GLN J 65 -31.98 31.05 1.37
C GLN J 65 -30.56 31.57 1.33
N LEU J 66 -30.42 32.82 1.01
CA LEU J 66 -29.16 33.52 0.88
C LEU J 66 -29.23 34.74 1.76
N VAL J 67 -28.10 35.18 2.24
CA VAL J 67 -28.14 36.38 3.04
C VAL J 67 -27.94 37.62 2.19
N PRO J 68 -28.91 38.53 2.13
CA PRO J 68 -28.85 39.74 1.34
C PRO J 68 -27.89 40.65 2.03
N ASP J 69 -27.27 41.55 1.31
CA ASP J 69 -26.40 42.50 1.95
C ASP J 69 -27.12 43.82 2.18
N GLN J 70 -27.58 44.06 3.40
CA GLN J 70 -28.36 45.26 3.79
C GLN J 70 -29.72 45.36 3.13
N GLY J 71 -30.19 44.30 2.52
CA GLY J 71 -31.49 44.32 1.88
C GLY J 71 -32.59 44.05 2.88
N GLU J 72 -33.80 44.37 2.47
CA GLU J 72 -35.01 44.15 3.24
C GLU J 72 -35.98 43.22 2.54
N VAL J 73 -36.38 42.14 3.19
CA VAL J 73 -37.34 41.25 2.58
C VAL J 73 -38.51 41.03 3.50
N LEU J 74 -39.72 41.33 3.02
CA LEU J 74 -40.87 41.21 3.88
C LEU J 74 -41.93 40.25 3.38
N LEU J 75 -42.36 39.35 4.25
CA LEU J 75 -43.42 38.42 3.92
C LEU J 75 -44.66 38.88 4.61
N ASP J 76 -45.64 39.37 3.86
CA ASP J 76 -46.86 39.91 4.47
C ASP J 76 -46.50 41.01 5.47
N GLY J 77 -45.46 41.78 5.14
CA GLY J 77 -44.98 42.89 5.96
C GLY J 77 -43.97 42.51 7.05
N LYS J 78 -43.73 41.22 7.27
CA LYS J 78 -42.82 40.78 8.31
C LYS J 78 -41.40 40.58 7.83
N ASP J 79 -40.45 41.15 8.55
CA ASP J 79 -39.03 41.02 8.20
C ASP J 79 -38.51 39.65 8.47
N ILE J 80 -38.08 38.98 7.41
CA ILE J 80 -37.65 37.59 7.56
C ILE J 80 -36.42 37.47 8.43
N ALA J 81 -35.62 38.51 8.48
CA ALA J 81 -34.41 38.51 9.28
C ALA J 81 -34.71 38.53 10.76
N GLN J 82 -35.93 38.89 11.14
CA GLN J 82 -36.27 39.00 12.53
C GLN J 82 -37.08 37.81 13.02
N MET J 83 -37.34 36.84 12.14
CA MET J 83 -38.21 35.72 12.52
C MET J 83 -37.54 34.68 13.40
N SER J 84 -38.32 34.15 14.33
CA SER J 84 -37.87 33.13 15.25
C SER J 84 -37.79 31.80 14.56
N ARG J 85 -37.14 30.82 15.17
CA ARG J 85 -37.06 29.54 14.50
C ARG J 85 -38.44 28.99 14.16
N GLN J 86 -39.39 29.08 15.09
CA GLN J 86 -40.70 28.55 14.78
C GLN J 86 -41.41 29.33 13.70
N GLU J 87 -41.23 30.64 13.68
CA GLU J 87 -41.88 31.41 12.65
C GLU J 87 -41.33 31.06 11.29
N LEU J 88 -40.01 30.85 11.21
CA LEU J 88 -39.39 30.53 9.96
C LEU J 88 -39.78 29.16 9.50
N PHE J 89 -39.85 28.24 10.42
CA PHE J 89 -40.16 26.89 10.05
C PHE J 89 -41.56 26.85 9.52
N ALA J 90 -42.48 27.47 10.22
CA ALA J 90 -43.85 27.45 9.75
C ALA J 90 -43.95 28.13 8.41
N ALA J 91 -43.20 29.21 8.20
CA ALA J 91 -43.22 29.98 6.96
C ALA J 91 -42.80 29.13 5.78
N ARG J 92 -41.93 28.15 5.99
CA ARG J 92 -41.51 27.32 4.87
C ARG J 92 -42.69 26.64 4.20
N ALA J 93 -43.76 26.38 4.94
CA ALA J 93 -44.88 25.66 4.37
C ALA J 93 -45.74 26.56 3.50
N ARG J 94 -45.38 27.83 3.37
CA ARG J 94 -46.13 28.75 2.55
C ARG J 94 -45.66 28.76 1.09
N MET J 95 -44.53 28.11 0.75
CA MET J 95 -44.02 28.18 -0.63
C MET J 95 -43.45 26.87 -1.17
N GLY J 96 -43.47 26.73 -2.48
CA GLY J 96 -42.82 25.59 -3.12
C GLY J 96 -42.12 26.02 -4.40
N MET J 97 -41.07 25.31 -4.79
CA MET J 97 -40.38 25.73 -5.99
C MET J 97 -40.00 24.60 -6.86
N LEU J 98 -40.04 24.86 -8.14
CA LEU J 98 -39.55 23.93 -9.13
C LEU J 98 -38.24 24.41 -9.68
N PHE J 99 -37.19 23.67 -9.41
CA PHE J 99 -35.85 24.04 -9.82
C PHE J 99 -35.54 23.67 -11.27
N GLN J 100 -34.51 24.30 -11.88
CA GLN J 100 -34.12 24.21 -13.28
C GLN J 100 -33.89 22.77 -13.78
N SER J 101 -33.28 21.88 -12.95
CA SER J 101 -33.00 20.47 -13.31
C SER J 101 -34.13 19.52 -12.97
N GLY J 102 -35.08 20.01 -12.19
CA GLY J 102 -36.22 19.26 -11.65
C GLY J 102 -35.98 18.81 -10.21
N ALA J 103 -34.75 18.76 -9.78
CA ALA J 103 -34.45 18.40 -8.41
C ALA J 103 -35.19 17.18 -7.89
N LEU J 104 -35.21 16.04 -8.61
CA LEU J 104 -35.85 14.86 -8.01
C LEU J 104 -34.84 14.07 -7.22
N PHE J 105 -35.32 13.32 -6.24
CA PHE J 105 -34.45 12.50 -5.45
C PHE J 105 -34.35 11.15 -6.10
N THR J 106 -33.16 10.76 -6.51
CA THR J 106 -33.00 9.52 -7.25
C THR J 106 -33.10 8.29 -6.41
N ASP J 107 -33.03 8.46 -5.12
CA ASP J 107 -33.02 7.32 -4.26
C ASP J 107 -34.40 6.97 -3.76
N MET J 108 -35.40 7.69 -4.19
CA MET J 108 -36.72 7.43 -3.69
C MET J 108 -37.67 7.30 -4.85
N SER J 109 -38.72 6.54 -4.70
CA SER J 109 -39.68 6.41 -5.78
C SER J 109 -40.49 7.67 -5.88
N VAL J 110 -41.34 7.74 -6.88
CA VAL J 110 -42.16 8.91 -6.98
C VAL J 110 -43.00 9.13 -5.73
N TYR J 111 -43.47 8.07 -5.09
CA TYR J 111 -44.35 8.25 -3.94
C TYR J 111 -43.71 9.15 -2.91
N GLU J 112 -42.49 8.84 -2.51
CA GLU J 112 -41.77 9.66 -1.57
C GLU J 112 -41.40 11.01 -2.15
N ASN J 113 -41.07 11.09 -3.43
CA ASN J 113 -40.70 12.42 -3.90
C ASN J 113 -41.80 13.43 -3.76
N VAL J 114 -43.04 13.01 -3.92
CA VAL J 114 -44.11 13.96 -3.76
C VAL J 114 -44.50 14.02 -2.32
N ALA J 115 -44.54 12.89 -1.65
CA ALA J 115 -44.93 12.88 -0.26
C ALA J 115 -43.96 13.62 0.65
N PHE J 116 -42.68 13.58 0.36
CA PHE J 116 -41.64 14.06 1.23
C PHE J 116 -41.86 15.30 2.04
N PRO J 117 -42.22 16.46 1.52
CA PRO J 117 -42.34 17.65 2.31
C PRO J 117 -43.46 17.55 3.33
N ILE J 118 -44.36 16.60 3.20
CA ILE J 118 -45.45 16.53 4.14
C ILE J 118 -44.89 16.20 5.50
N ARG J 119 -43.78 15.48 5.54
CA ARG J 119 -43.23 15.07 6.80
C ARG J 119 -42.47 16.17 7.49
N ALA J 120 -42.26 17.28 6.82
CA ALA J 120 -41.58 18.37 7.45
C ALA J 120 -42.53 19.17 8.29
N HIS J 121 -43.83 19.07 8.06
CA HIS J 121 -44.73 19.94 8.79
C HIS J 121 -45.87 19.24 9.49
N THR J 122 -46.12 17.98 9.16
CA THR J 122 -47.30 17.35 9.73
C THR J 122 -46.95 16.05 10.38
N LYS J 123 -47.90 15.51 11.14
CA LYS J 123 -47.77 14.21 11.76
C LYS J 123 -49.01 13.42 11.42
N LEU J 124 -49.02 12.87 10.23
CA LEU J 124 -50.18 12.19 9.72
C LEU J 124 -50.02 10.70 9.65
N SER J 125 -51.15 10.03 9.68
CA SER J 125 -51.23 8.60 9.44
C SER J 125 -50.84 8.28 8.04
N GLU J 126 -50.21 7.15 7.87
CA GLU J 126 -49.79 6.71 6.57
C GLU J 126 -50.97 6.71 5.60
N ASN J 127 -52.15 6.37 6.08
CA ASN J 127 -53.29 6.32 5.18
C ASN J 127 -53.65 7.67 4.56
N LEU J 128 -53.50 8.78 5.30
CA LEU J 128 -53.88 10.05 4.72
C LEU J 128 -52.74 10.54 3.88
N ILE J 129 -51.52 10.15 4.21
CA ILE J 129 -50.42 10.59 3.39
C ILE J 129 -50.59 9.98 2.03
N ALA J 130 -50.90 8.71 1.98
CA ALA J 130 -51.05 8.10 0.70
C ALA J 130 -52.16 8.73 -0.11
N GLU J 131 -53.25 9.13 0.53
CA GLU J 131 -54.31 9.71 -0.29
C GLU J 131 -53.89 11.07 -0.85
N LEU J 132 -53.17 11.89 -0.07
CA LEU J 132 -52.76 13.15 -0.67
C LEU J 132 -51.83 12.92 -1.83
N VAL J 133 -50.95 11.93 -1.76
CA VAL J 133 -50.09 11.74 -2.89
C VAL J 133 -50.91 11.39 -4.10
N ALA J 134 -51.88 10.52 -3.94
CA ALA J 134 -52.69 10.17 -5.09
C ALA J 134 -53.40 11.38 -5.69
N LEU J 135 -53.92 12.28 -4.86
CA LEU J 135 -54.61 13.44 -5.39
C LEU J 135 -53.69 14.38 -6.12
N LYS J 136 -52.50 14.58 -5.58
CA LYS J 136 -51.63 15.53 -6.22
C LYS J 136 -51.13 14.97 -7.52
N LEU J 137 -50.85 13.67 -7.59
CA LEU J 137 -50.41 13.17 -8.86
C LEU J 137 -51.53 13.25 -9.88
N GLU J 138 -52.78 13.02 -9.48
CA GLU J 138 -53.86 13.12 -10.45
C GLU J 138 -53.98 14.51 -11.02
N SER J 139 -53.80 15.54 -10.21
CA SER J 139 -53.97 16.91 -10.66
C SER J 139 -53.00 17.33 -11.77
N VAL J 140 -51.92 16.57 -11.96
CA VAL J 140 -50.98 16.90 -13.01
C VAL J 140 -50.85 15.77 -14.04
N GLY J 141 -51.77 14.80 -14.02
CA GLY J 141 -51.75 13.69 -14.98
C GLY J 141 -50.74 12.57 -14.69
N LEU J 142 -50.35 12.41 -13.43
CA LEU J 142 -49.38 11.41 -13.03
C LEU J 142 -49.94 10.30 -12.15
N ARG J 143 -51.24 10.07 -12.20
CA ARG J 143 -51.87 9.06 -11.35
C ARG J 143 -51.30 7.67 -11.57
N GLY J 144 -50.89 7.38 -12.79
CA GLY J 144 -50.36 6.08 -13.15
C GLY J 144 -48.87 5.86 -12.93
N THR J 145 -48.14 6.79 -12.31
CA THR J 145 -46.68 6.57 -12.15
C THR J 145 -46.34 6.07 -10.77
N GLU J 146 -47.35 5.81 -10.00
CA GLU J 146 -47.16 5.40 -8.65
C GLU J 146 -46.27 4.16 -8.55
N GLN J 147 -45.34 4.21 -7.61
CA GLN J 147 -44.31 3.21 -7.31
C GLN J 147 -43.20 3.03 -8.33
N LEU J 148 -43.09 3.90 -9.32
CA LEU J 148 -41.98 3.78 -10.22
C LEU J 148 -40.85 4.67 -9.74
N MET J 149 -39.61 4.25 -9.97
CA MET J 149 -38.47 5.09 -9.62
C MET J 149 -38.40 6.23 -10.63
N PRO J 150 -38.14 7.47 -10.23
CA PRO J 150 -38.16 8.66 -11.05
C PRO J 150 -37.16 8.65 -12.16
N THR J 151 -36.14 7.85 -12.03
CA THR J 151 -35.10 7.81 -13.01
C THR J 151 -35.54 7.10 -14.27
N GLU J 152 -36.70 6.45 -14.21
CA GLU J 152 -37.21 5.72 -15.34
C GLU J 152 -38.26 6.49 -16.09
N LEU J 153 -38.48 7.74 -15.71
CA LEU J 153 -39.46 8.56 -16.37
C LEU J 153 -38.91 9.24 -17.61
N SER J 154 -39.78 9.50 -18.56
CA SER J 154 -39.43 10.26 -19.74
C SER J 154 -39.28 11.73 -19.34
N GLY J 155 -38.72 12.55 -20.22
CA GLY J 155 -38.50 13.96 -19.88
C GLY J 155 -39.73 14.72 -19.36
N GLY J 156 -40.83 14.69 -20.10
CA GLY J 156 -41.99 15.45 -19.64
C GLY J 156 -42.50 14.94 -18.29
N MET J 157 -42.50 13.62 -18.10
CA MET J 157 -43.00 13.08 -16.86
C MET J 157 -42.10 13.42 -15.70
N ASN J 158 -40.81 13.41 -15.93
CA ASN J 158 -39.85 13.72 -14.92
C ASN J 158 -40.11 15.10 -14.37
N ARG J 159 -40.32 16.05 -15.24
CA ARG J 159 -40.53 17.39 -14.76
C ARG J 159 -41.87 17.55 -14.08
N ARG J 160 -42.91 16.88 -14.57
CA ARG J 160 -44.18 17.03 -13.90
C ARG J 160 -44.11 16.54 -12.45
N VAL J 161 -43.34 15.49 -12.18
CA VAL J 161 -43.26 15.01 -10.80
C VAL J 161 -42.70 16.06 -9.91
N ALA J 162 -41.65 16.70 -10.36
CA ALA J 162 -41.07 17.70 -9.51
C ALA J 162 -42.09 18.78 -9.17
N LEU J 163 -42.92 19.16 -10.14
CA LEU J 163 -43.90 20.19 -9.84
C LEU J 163 -44.89 19.69 -8.82
N ALA J 164 -45.27 18.43 -8.92
CA ALA J 164 -46.22 17.89 -7.98
C ALA J 164 -45.67 18.06 -6.58
N ARG J 165 -44.35 17.94 -6.38
CA ARG J 165 -43.83 18.15 -5.04
C ARG J 165 -44.06 19.57 -4.61
N ALA J 166 -43.79 20.49 -5.48
CA ALA J 166 -43.93 21.89 -5.09
C ALA J 166 -45.33 22.25 -4.65
N ILE J 167 -46.34 21.64 -5.23
CA ILE J 167 -47.69 22.02 -4.83
C ILE J 167 -48.30 21.09 -3.80
N ALA J 168 -47.48 20.19 -3.27
CA ALA J 168 -47.92 19.17 -2.33
C ALA J 168 -48.50 19.71 -1.05
N LEU J 169 -48.03 20.85 -0.58
CA LEU J 169 -48.49 21.36 0.69
C LEU J 169 -49.53 22.47 0.56
N ASP J 170 -50.07 22.68 -0.63
CA ASP J 170 -50.99 23.81 -0.85
C ASP J 170 -50.41 25.14 -0.43
N PRO J 171 -49.24 25.51 -0.95
CA PRO J 171 -48.51 26.71 -0.66
C PRO J 171 -49.22 27.86 -1.27
N ASP J 172 -48.93 29.04 -0.79
CA ASP J 172 -49.46 30.25 -1.34
C ASP J 172 -48.68 30.65 -2.60
N LEU J 173 -47.35 30.49 -2.54
CA LEU J 173 -46.48 30.91 -3.64
C LEU J 173 -45.69 29.81 -4.35
N ILE J 174 -45.82 29.76 -5.67
CA ILE J 174 -45.05 28.83 -6.48
C ILE J 174 -44.07 29.54 -7.36
N MET J 175 -42.84 29.12 -7.28
CA MET J 175 -41.84 29.71 -8.15
C MET J 175 -41.43 28.70 -9.20
N TYR J 176 -41.28 29.14 -10.44
CA TYR J 176 -40.83 28.26 -11.50
C TYR J 176 -39.51 28.77 -12.04
N ASP J 177 -38.45 28.02 -11.87
CA ASP J 177 -37.16 28.51 -12.33
C ASP J 177 -36.81 27.91 -13.72
N GLU J 178 -36.86 28.74 -14.79
CA GLU J 178 -36.69 28.43 -16.22
C GLU J 178 -37.68 27.36 -16.76
N PRO J 179 -39.05 27.43 -16.54
CA PRO J 179 -40.04 26.48 -17.03
C PRO J 179 -40.20 26.49 -18.53
N PHE J 180 -39.79 27.55 -19.19
CA PHE J 180 -39.96 27.57 -20.63
C PHE J 180 -38.69 27.32 -21.35
N ALA J 181 -37.68 26.85 -20.65
CA ALA J 181 -36.43 26.53 -21.30
C ALA J 181 -36.48 25.13 -21.89
N GLY J 182 -37.61 24.44 -21.68
CA GLY J 182 -37.77 23.10 -22.21
C GLY J 182 -37.77 23.28 -23.68
N GLN J 183 -37.24 22.32 -24.41
CA GLN J 183 -37.14 22.50 -25.83
C GLN J 183 -38.30 21.94 -26.63
N ASP J 184 -38.94 20.94 -26.10
CA ASP J 184 -40.01 20.23 -26.78
C ASP J 184 -41.31 21.03 -26.88
N PRO J 185 -41.81 21.43 -28.06
CA PRO J 185 -43.02 22.20 -28.23
C PRO J 185 -44.21 21.57 -27.52
N ILE J 186 -44.19 20.25 -27.37
CA ILE J 186 -45.28 19.57 -26.72
C ILE J 186 -45.27 19.91 -25.24
N VAL J 187 -44.09 19.95 -24.65
CA VAL J 187 -43.95 20.24 -23.26
C VAL J 187 -44.31 21.67 -23.03
N LYS J 188 -43.87 22.57 -23.91
CA LYS J 188 -44.21 23.96 -23.68
C LYS J 188 -45.72 24.08 -23.60
N GLY J 189 -46.44 23.34 -24.45
CA GLY J 189 -47.90 23.34 -24.41
C GLY J 189 -48.42 22.89 -23.05
N VAL J 190 -47.92 21.76 -22.58
CA VAL J 190 -48.41 21.25 -21.31
C VAL J 190 -48.08 22.14 -20.13
N LEU J 191 -46.86 22.65 -20.03
CA LEU J 191 -46.55 23.48 -18.89
C LEU J 191 -47.33 24.76 -18.90
N THR J 192 -47.58 25.32 -20.07
CA THR J 192 -48.35 26.55 -20.08
C THR J 192 -49.71 26.25 -19.50
N ARG J 193 -50.31 25.14 -19.92
CA ARG J 193 -51.61 24.82 -19.40
C ARG J 193 -51.60 24.52 -17.92
N LEU J 194 -50.58 23.81 -17.42
CA LEU J 194 -50.58 23.51 -16.02
C LEU J 194 -50.46 24.75 -15.21
N ILE J 195 -49.67 25.72 -15.66
CA ILE J 195 -49.56 26.90 -14.83
C ILE J 195 -50.88 27.59 -14.78
N ARG J 196 -51.57 27.72 -15.91
CA ARG J 196 -52.83 28.41 -15.87
C ARG J 196 -53.89 27.65 -15.05
N SER J 197 -53.88 26.33 -15.16
CA SER J 197 -54.83 25.48 -14.48
C SER J 197 -54.68 25.51 -12.99
N LEU J 198 -53.43 25.39 -12.52
CA LEU J 198 -53.13 25.38 -11.12
C LEU J 198 -53.28 26.77 -10.57
N ARG J 199 -52.95 27.79 -11.36
CA ARG J 199 -53.06 29.14 -10.86
C ARG J 199 -54.48 29.37 -10.44
N GLU J 200 -55.42 28.97 -11.28
CA GLU J 200 -56.80 29.18 -10.88
C GLU J 200 -57.25 28.21 -9.80
N ALA J 201 -56.97 26.92 -9.94
CA ALA J 201 -57.53 25.96 -8.99
C ALA J 201 -57.11 26.22 -7.55
N LEU J 202 -55.89 26.63 -7.35
CA LEU J 202 -55.41 26.86 -6.01
C LEU J 202 -55.23 28.32 -5.61
N ASP J 203 -55.76 29.28 -6.36
CA ASP J 203 -55.56 30.69 -5.99
C ASP J 203 -54.11 31.00 -5.71
N LEU J 204 -53.24 30.65 -6.63
CA LEU J 204 -51.81 30.83 -6.41
C LEU J 204 -51.28 32.14 -6.89
N THR J 205 -50.21 32.58 -6.27
CA THR J 205 -49.42 33.71 -6.71
C THR J 205 -48.23 33.04 -7.31
N THR J 206 -47.81 33.43 -8.51
CA THR J 206 -46.68 32.69 -9.09
C THR J 206 -45.62 33.55 -9.68
N ILE J 207 -44.42 33.02 -9.69
CA ILE J 207 -43.34 33.71 -10.34
C ILE J 207 -42.71 32.89 -11.43
N ILE J 208 -42.67 33.44 -12.63
CA ILE J 208 -42.01 32.78 -13.75
C ILE J 208 -40.73 33.48 -14.09
N VAL J 209 -39.62 32.78 -13.97
CA VAL J 209 -38.37 33.42 -14.32
C VAL J 209 -37.81 32.70 -15.51
N SER J 210 -37.77 33.33 -16.69
CA SER J 210 -37.31 32.57 -17.86
C SER J 210 -36.56 33.22 -19.02
N HIS J 211 -36.57 32.46 -20.11
CA HIS J 211 -35.93 32.79 -21.39
C HIS J 211 -36.92 32.48 -22.52
N ASP J 212 -36.62 32.98 -23.72
CA ASP J 212 -37.44 32.84 -24.95
C ASP J 212 -38.78 33.56 -24.77
N VAL J 213 -38.73 34.85 -25.07
CA VAL J 213 -39.83 35.77 -24.92
C VAL J 213 -41.21 35.43 -25.48
N PRO J 214 -41.31 34.76 -26.61
CA PRO J 214 -42.67 34.45 -27.04
C PRO J 214 -43.52 33.67 -26.01
N GLU J 215 -42.94 33.16 -24.92
CA GLU J 215 -43.70 32.45 -23.92
C GLU J 215 -43.89 33.12 -22.52
N THR J 216 -43.15 34.19 -22.12
CA THR J 216 -43.53 34.80 -20.87
C THR J 216 -44.41 36.01 -21.10
N LEU J 217 -44.33 36.61 -22.27
CA LEU J 217 -45.15 37.78 -22.55
C LEU J 217 -46.61 37.48 -22.68
N SER J 218 -47.00 36.21 -22.81
CA SER J 218 -48.43 35.94 -22.93
C SER J 218 -48.99 35.35 -21.65
N ILE J 219 -48.14 35.16 -20.63
CA ILE J 219 -48.57 34.53 -19.39
C ILE J 219 -48.62 35.50 -18.23
N ALA J 220 -47.57 36.26 -18.03
CA ALA J 220 -47.51 37.12 -16.87
C ALA J 220 -48.47 38.26 -16.94
N ASP J 221 -48.91 38.72 -15.78
CA ASP J 221 -49.73 39.91 -15.68
C ASP J 221 -48.81 41.09 -15.59
N TYR J 222 -47.64 40.89 -14.95
CA TYR J 222 -46.71 42.00 -14.79
C TYR J 222 -45.27 41.54 -14.94
N ILE J 223 -44.46 42.32 -15.65
CA ILE J 223 -43.10 41.96 -15.94
C ILE J 223 -41.99 42.93 -15.57
N TYR J 224 -40.92 42.39 -14.98
CA TYR J 224 -39.73 43.17 -14.73
C TYR J 224 -38.64 42.74 -15.70
N VAL J 225 -37.87 43.68 -16.23
CA VAL J 225 -36.74 43.33 -17.08
C VAL J 225 -35.48 43.67 -16.31
N VAL J 226 -34.68 42.67 -16.04
CA VAL J 226 -33.52 42.85 -15.20
C VAL J 226 -32.22 42.50 -15.86
N ALA J 227 -31.26 43.41 -15.79
CA ALA J 227 -29.94 43.17 -16.34
C ALA J 227 -28.87 43.95 -15.58
N GLU J 228 -27.71 43.35 -15.44
CA GLU J 228 -26.55 43.99 -14.83
C GLU J 228 -26.82 44.53 -13.43
N GLY J 229 -27.65 43.85 -12.67
CA GLY J 229 -27.96 44.22 -11.30
C GLY J 229 -28.98 45.33 -11.16
N LYS J 230 -29.55 45.79 -12.27
CA LYS J 230 -30.52 46.88 -12.25
C LYS J 230 -31.82 46.55 -12.93
N ILE J 231 -32.86 47.21 -12.50
CA ILE J 231 -34.10 47.06 -13.21
C ILE J 231 -34.01 47.99 -14.40
N GLN J 232 -34.26 47.45 -15.60
CA GLN J 232 -34.16 48.18 -16.87
C GLN J 232 -35.49 48.70 -17.38
N GLY J 233 -36.52 48.45 -16.61
CA GLY J 233 -37.87 48.85 -16.92
C GLY J 233 -38.86 47.83 -16.39
N GLU J 234 -40.07 48.30 -16.14
CA GLU J 234 -41.12 47.48 -15.58
C GLU J 234 -42.42 47.81 -16.27
N GLY J 235 -43.34 46.87 -16.31
CA GLY J 235 -44.66 47.19 -16.80
C GLY J 235 -45.43 45.96 -17.19
N THR J 236 -46.62 46.16 -17.69
CA THR J 236 -47.42 45.04 -18.18
C THR J 236 -46.76 44.80 -19.52
N PRO J 237 -46.99 43.70 -20.25
CA PRO J 237 -46.39 43.48 -21.55
C PRO J 237 -46.55 44.69 -22.50
N GLU J 238 -47.70 45.36 -22.41
CA GLU J 238 -47.99 46.49 -23.25
C GLU J 238 -47.15 47.69 -22.87
N GLU J 239 -47.04 47.93 -21.57
CA GLU J 239 -46.27 49.05 -21.10
C GLU J 239 -44.80 48.85 -21.40
N LEU J 240 -44.29 47.63 -21.30
CA LEU J 240 -42.89 47.50 -21.59
C LEU J 240 -42.63 47.88 -23.00
N GLN J 241 -43.51 47.53 -23.92
CA GLN J 241 -43.23 47.97 -25.28
C GLN J 241 -43.34 49.49 -25.39
N ALA J 242 -44.32 50.08 -24.71
CA ALA J 242 -44.54 51.52 -24.76
C ALA J 242 -43.36 52.32 -24.25
N TYR J 243 -42.70 51.80 -23.25
CA TYR J 243 -41.60 52.48 -22.61
C TYR J 243 -40.34 51.71 -22.80
N ALA J 244 -40.25 51.01 -23.91
CA ALA J 244 -39.11 50.18 -24.14
C ALA J 244 -37.85 50.97 -24.40
N SER J 245 -37.14 51.27 -23.34
CA SER J 245 -35.88 51.95 -23.41
C SER J 245 -35.09 51.04 -24.34
N PRO J 246 -34.17 51.52 -25.20
CA PRO J 246 -33.47 50.71 -26.19
C PRO J 246 -32.96 49.37 -25.66
N PHE J 247 -32.49 49.31 -24.42
CA PHE J 247 -32.06 48.01 -23.92
C PHE J 247 -33.20 47.04 -23.95
N VAL J 248 -34.33 47.47 -23.43
CA VAL J 248 -35.51 46.67 -23.30
C VAL J 248 -36.08 46.37 -24.65
N LYS J 249 -36.08 47.36 -25.50
CA LYS J 249 -36.68 47.17 -26.80
C LYS J 249 -36.00 46.10 -27.59
N GLN J 250 -34.68 46.13 -27.64
CA GLN J 250 -33.99 45.14 -28.43
C GLN J 250 -34.04 43.80 -27.73
N PHE J 251 -34.05 43.82 -26.41
CA PHE J 251 -34.08 42.60 -25.63
C PHE J 251 -35.34 41.83 -25.88
N LEU J 252 -36.47 42.52 -25.80
CA LEU J 252 -37.73 41.87 -25.98
C LEU J 252 -37.96 41.51 -27.43
N THR J 253 -37.37 42.26 -28.34
CA THR J 253 -37.53 41.97 -29.74
C THR J 253 -36.61 40.84 -30.19
N GLY J 254 -35.46 40.69 -29.55
CA GLY J 254 -34.48 39.70 -30.00
C GLY J 254 -33.78 40.27 -31.22
N SER J 255 -33.67 41.60 -31.24
CA SER J 255 -33.08 42.33 -32.34
C SER J 255 -31.60 42.49 -32.21
N ALA J 256 -30.96 42.53 -33.34
CA ALA J 256 -29.55 42.80 -33.42
C ALA J 256 -29.38 44.30 -33.30
N GLU J 257 -28.13 44.74 -33.13
CA GLU J 257 -27.76 46.15 -33.03
C GLU J 257 -28.28 46.87 -31.79
N GLY J 258 -28.37 46.13 -30.70
CA GLY J 258 -28.72 46.67 -29.40
C GLY J 258 -27.39 47.04 -28.77
N PRO J 259 -27.32 47.31 -27.47
CA PRO J 259 -26.10 47.67 -26.76
C PRO J 259 -25.30 46.40 -26.50
N VAL J 260 -24.84 45.81 -27.58
CA VAL J 260 -24.13 44.55 -27.60
C VAL J 260 -22.80 44.76 -28.30
N GLU J 261 -21.71 44.41 -27.65
CA GLU J 261 -20.39 44.65 -28.21
C GLU J 261 -19.59 43.39 -28.53
N TYR J 262 -18.61 43.54 -29.42
CA TYR J 262 -17.64 42.51 -29.81
C TYR J 262 -16.33 43.23 -30.05
N GLN J 263 -15.21 42.52 -30.00
CA GLN J 263 -13.97 43.24 -30.20
C GLN J 263 -13.79 43.65 -31.63
N PHE J 264 -13.38 44.91 -31.86
CA PHE J 264 -13.10 45.33 -33.22
C PHE J 264 -12.21 46.56 -33.41
N SER J 265 -11.19 46.37 -34.21
CA SER J 265 -10.25 47.38 -34.65
C SER J 265 -9.48 46.78 -35.81
N HIS J 266 -9.12 47.57 -36.81
CA HIS J 266 -8.31 47.00 -37.88
C HIS J 266 -7.20 47.97 -38.28
N GLN J 267 -6.11 47.41 -38.86
CA GLN J 267 -4.91 48.09 -39.35
C GLN J 267 -4.45 47.36 -40.61
N SER K 15 -22.84 20.58 -52.96
CA SER K 15 -23.46 19.67 -53.92
C SER K 15 -24.72 19.05 -53.28
N LEU K 16 -25.52 18.29 -54.06
CA LEU K 16 -26.70 17.58 -53.58
C LEU K 16 -26.31 16.36 -52.79
N ILE K 17 -27.04 16.13 -51.72
CA ILE K 17 -26.82 14.97 -50.88
C ILE K 17 -28.08 14.17 -50.77
N GLU K 18 -27.96 12.89 -51.04
CA GLU K 18 -29.13 12.05 -50.96
C GLU K 18 -28.93 10.91 -50.00
N VAL K 19 -29.96 10.66 -49.23
CA VAL K 19 -29.95 9.56 -48.30
C VAL K 19 -31.16 8.71 -48.59
N LYS K 20 -30.95 7.43 -48.88
CA LYS K 20 -32.12 6.63 -49.21
C LYS K 20 -32.23 5.33 -48.46
N ASN K 21 -33.46 5.04 -48.07
CA ASN K 21 -33.85 3.82 -47.37
C ASN K 21 -33.00 3.60 -46.15
N LEU K 22 -32.75 4.67 -45.41
CA LEU K 22 -31.92 4.56 -44.24
C LEU K 22 -32.58 3.82 -43.11
N SER K 23 -31.81 2.91 -42.55
CA SER K 23 -32.19 2.13 -41.40
C SER K 23 -31.01 2.03 -40.46
N PHE K 24 -31.26 2.32 -39.18
CA PHE K 24 -30.22 2.26 -38.17
C PHE K 24 -30.71 1.86 -36.80
N ASN K 25 -30.07 0.84 -36.25
CA ASN K 25 -30.36 0.30 -34.93
C ASN K 25 -29.20 0.41 -33.93
N ARG K 26 -29.45 1.18 -32.88
CA ARG K 26 -28.52 1.47 -31.81
C ARG K 26 -29.06 1.05 -30.47
N GLY K 27 -28.30 0.27 -29.72
CA GLY K 27 -28.80 -0.08 -28.40
C GLY K 27 -29.99 -1.01 -28.51
N GLU K 28 -30.01 -1.78 -29.59
CA GLU K 28 -31.08 -2.71 -29.95
C GLU K 28 -32.39 -2.01 -30.33
N ARG K 29 -32.39 -0.69 -30.49
CA ARG K 29 -33.61 -0.05 -30.89
C ARG K 29 -33.44 0.65 -32.20
N VAL K 30 -34.48 0.65 -32.98
CA VAL K 30 -34.39 1.34 -34.23
C VAL K 30 -34.61 2.81 -34.01
N ILE K 31 -33.69 3.61 -34.49
CA ILE K 31 -33.85 5.04 -34.40
C ILE K 31 -34.42 5.45 -35.71
N TYR K 32 -33.87 4.92 -36.78
CA TYR K 32 -34.42 5.28 -38.07
C TYR K 32 -34.90 4.11 -38.88
N ASP K 33 -36.01 4.36 -39.59
CA ASP K 33 -36.66 3.38 -40.44
C ASP K 33 -37.06 3.90 -41.84
N ASN K 34 -36.23 3.63 -42.84
CA ASN K 34 -36.42 4.03 -44.23
C ASN K 34 -36.60 5.52 -44.48
N ILE K 35 -35.71 6.27 -43.89
CA ILE K 35 -35.67 7.71 -44.10
C ILE K 35 -35.20 7.98 -45.52
N SER K 36 -35.89 8.89 -46.19
CA SER K 36 -35.56 9.31 -47.55
C SER K 36 -35.48 10.82 -47.65
N LEU K 37 -34.26 11.33 -47.76
CA LEU K 37 -34.04 12.77 -47.80
C LEU K 37 -33.37 13.25 -49.05
N ASN K 38 -33.72 14.46 -49.44
CA ASN K 38 -33.13 15.17 -50.56
C ASN K 38 -32.63 16.53 -50.10
N ILE K 39 -31.33 16.69 -49.96
CA ILE K 39 -30.81 17.94 -49.49
C ILE K 39 -30.47 18.76 -50.70
N ARG K 40 -31.25 19.81 -50.88
CA ARG K 40 -31.23 20.69 -52.03
C ARG K 40 -30.06 21.66 -52.03
N ARG K 41 -29.36 21.73 -53.14
CA ARG K 41 -28.16 22.53 -53.22
C ARG K 41 -28.40 24.01 -53.13
N GLY K 42 -27.64 24.66 -52.26
CA GLY K 42 -27.67 26.09 -52.08
C GLY K 42 -28.83 26.54 -51.22
N GLN K 43 -29.64 25.59 -50.76
CA GLN K 43 -30.83 25.86 -49.97
C GLN K 43 -30.65 25.55 -48.51
N ILE K 44 -31.50 26.11 -47.69
CA ILE K 44 -31.45 25.74 -46.30
C ILE K 44 -32.47 24.66 -46.05
N THR K 45 -31.99 23.53 -45.59
CA THR K 45 -32.81 22.37 -45.28
C THR K 45 -32.91 22.27 -43.79
N ALA K 46 -34.10 22.09 -43.24
CA ALA K 46 -34.16 21.97 -41.80
C ALA K 46 -34.94 20.77 -41.37
N ILE K 47 -34.56 20.28 -40.21
CA ILE K 47 -35.23 19.14 -39.60
C ILE K 47 -35.77 19.50 -38.23
N MET K 48 -37.04 19.19 -38.00
CA MET K 48 -37.72 19.45 -36.75
C MET K 48 -38.30 18.20 -36.21
N GLY K 49 -38.49 18.12 -34.90
CA GLY K 49 -39.18 16.97 -34.32
C GLY K 49 -39.07 17.00 -32.81
N PRO K 50 -39.65 16.05 -32.08
CA PRO K 50 -39.61 15.92 -30.64
C PRO K 50 -38.18 15.67 -30.24
N SER K 51 -37.81 16.01 -29.03
CA SER K 51 -36.45 15.75 -28.62
C SER K 51 -36.24 14.29 -28.36
N GLY K 52 -34.99 13.88 -28.37
CA GLY K 52 -34.66 12.50 -28.04
C GLY K 52 -35.10 11.50 -29.12
N THR K 53 -35.15 11.92 -30.38
CA THR K 53 -35.61 11.05 -31.42
C THR K 53 -34.59 10.92 -32.50
N GLY K 54 -33.31 11.02 -32.21
CA GLY K 54 -32.37 10.90 -33.29
C GLY K 54 -31.95 12.17 -34.02
N LYS K 55 -32.25 13.37 -33.57
CA LYS K 55 -31.79 14.45 -34.44
C LYS K 55 -30.28 14.49 -34.65
N THR K 56 -29.48 14.38 -33.60
CA THR K 56 -28.04 14.34 -33.83
C THR K 56 -27.66 13.11 -34.61
N THR K 57 -28.27 11.99 -34.30
CA THR K 57 -27.92 10.75 -34.96
C THR K 57 -28.14 10.83 -36.44
N LEU K 58 -29.24 11.42 -36.86
CA LEU K 58 -29.51 11.48 -38.27
C LEU K 58 -28.48 12.32 -38.96
N LEU K 59 -28.04 13.41 -38.34
CA LEU K 59 -27.00 14.17 -39.01
C LEU K 59 -25.71 13.38 -39.07
N ARG K 60 -25.39 12.64 -38.03
CA ARG K 60 -24.13 11.90 -38.06
C ARG K 60 -24.15 10.88 -39.21
N LEU K 61 -25.31 10.28 -39.44
CA LEU K 61 -25.51 9.28 -40.50
C LEU K 61 -25.53 9.90 -41.89
N ILE K 62 -25.41 11.22 -41.99
CA ILE K 62 -25.35 11.87 -43.28
C ILE K 62 -24.15 11.41 -44.02
N GLY K 63 -23.11 10.93 -43.31
CA GLY K 63 -21.92 10.49 -43.99
C GLY K 63 -20.75 10.80 -43.12
N GLY K 64 -21.00 10.72 -41.85
CA GLY K 64 -20.01 10.95 -40.84
C GLY K 64 -19.47 9.61 -40.42
N GLN K 65 -19.37 9.43 -39.12
CA GLN K 65 -18.74 8.27 -38.51
C GLN K 65 -19.67 7.13 -38.15
N LEU K 66 -20.95 7.24 -38.45
CA LEU K 66 -21.84 6.15 -38.12
C LEU K 66 -22.10 5.30 -39.32
N VAL K 67 -22.29 4.02 -39.08
CA VAL K 67 -22.55 3.09 -40.13
C VAL K 67 -23.99 2.60 -40.12
N PRO K 68 -24.76 2.82 -41.19
CA PRO K 68 -26.14 2.45 -41.32
C PRO K 68 -26.23 0.96 -41.45
N ASP K 69 -27.37 0.37 -41.14
CA ASP K 69 -27.51 -1.06 -41.35
C ASP K 69 -27.98 -1.33 -42.76
N GLN K 70 -28.83 -0.43 -43.25
CA GLN K 70 -29.38 -0.50 -44.60
C GLN K 70 -29.43 0.88 -45.21
N GLY K 71 -29.42 0.94 -46.53
CA GLY K 71 -29.59 2.19 -47.23
C GLY K 71 -28.27 2.69 -47.76
N GLU K 72 -28.32 3.86 -48.37
CA GLU K 72 -27.14 4.44 -49.01
C GLU K 72 -26.99 5.92 -48.73
N VAL K 73 -25.75 6.37 -48.77
CA VAL K 73 -25.40 7.76 -48.67
C VAL K 73 -24.68 8.19 -49.92
N LEU K 74 -25.24 9.18 -50.60
CA LEU K 74 -24.68 9.64 -51.84
C LEU K 74 -24.25 11.09 -51.84
N LEU K 75 -23.00 11.31 -52.23
CA LEU K 75 -22.48 12.67 -52.34
C LEU K 75 -22.20 12.87 -53.80
N ASP K 76 -22.85 13.83 -54.45
CA ASP K 76 -22.67 14.02 -55.90
C ASP K 76 -23.17 12.79 -56.66
N GLY K 77 -24.02 12.00 -55.99
CA GLY K 77 -24.62 10.79 -56.54
C GLY K 77 -23.77 9.54 -56.31
N LYS K 78 -22.59 9.70 -55.73
CA LYS K 78 -21.70 8.58 -55.50
C LYS K 78 -21.79 8.01 -54.10
N ASP K 79 -21.81 6.68 -54.03
CA ASP K 79 -21.87 5.97 -52.76
C ASP K 79 -20.54 6.09 -52.06
N ILE K 80 -20.58 6.70 -50.89
CA ILE K 80 -19.38 7.00 -50.14
C ILE K 80 -18.77 5.81 -49.44
N ALA K 81 -19.60 4.78 -49.29
CA ALA K 81 -19.22 3.55 -48.66
C ALA K 81 -18.32 2.90 -49.68
N GLN K 82 -17.15 2.46 -49.22
CA GLN K 82 -16.09 1.81 -50.02
C GLN K 82 -15.33 2.75 -50.99
N MET K 83 -16.03 3.39 -51.91
CA MET K 83 -15.40 4.31 -52.85
C MET K 83 -14.69 5.41 -52.08
N SER K 84 -13.51 5.78 -52.54
CA SER K 84 -12.26 5.16 -52.13
C SER K 84 -11.66 5.91 -50.94
N ARG K 85 -10.54 5.41 -50.42
CA ARG K 85 -9.90 6.05 -49.28
C ARG K 85 -9.39 7.47 -49.54
N GLN K 86 -8.66 7.68 -50.61
CA GLN K 86 -8.10 9.00 -50.78
C GLN K 86 -9.16 10.02 -51.08
N GLU K 87 -10.15 9.65 -51.89
CA GLU K 87 -11.18 10.61 -52.22
C GLU K 87 -11.92 11.02 -51.00
N LEU K 88 -12.23 10.06 -50.14
CA LEU K 88 -13.02 10.30 -48.96
C LEU K 88 -12.26 11.19 -48.01
N PHE K 89 -10.95 10.98 -47.90
CA PHE K 89 -10.19 11.84 -47.02
C PHE K 89 -10.31 13.27 -47.48
N ALA K 90 -10.10 13.49 -48.76
CA ALA K 90 -10.20 14.84 -49.31
C ALA K 90 -11.62 15.37 -49.24
N ALA K 91 -12.61 14.50 -49.46
CA ALA K 91 -14.02 14.89 -49.50
C ALA K 91 -14.45 15.46 -48.19
N ARG K 92 -13.89 14.95 -47.12
CA ARG K 92 -14.18 15.36 -45.77
C ARG K 92 -13.86 16.83 -45.56
N ALA K 93 -13.01 17.41 -46.38
CA ALA K 93 -12.64 18.81 -46.24
C ALA K 93 -13.79 19.70 -46.65
N ARG K 94 -14.85 19.14 -47.20
CA ARG K 94 -15.96 19.93 -47.67
C ARG K 94 -17.06 20.14 -46.60
N MET K 95 -16.86 19.62 -45.38
CA MET K 95 -17.85 19.75 -44.28
C MET K 95 -17.39 20.53 -43.05
N GLY K 96 -18.30 21.25 -42.41
CA GLY K 96 -18.01 21.88 -41.11
C GLY K 96 -19.23 21.75 -40.16
N MET K 97 -18.99 21.54 -38.86
CA MET K 97 -20.13 21.35 -37.96
C MET K 97 -20.01 21.92 -36.57
N LEU K 98 -21.14 22.30 -36.01
CA LEU K 98 -21.24 22.66 -34.60
C LEU K 98 -22.01 21.58 -33.89
N PHE K 99 -21.32 20.81 -33.05
CA PHE K 99 -21.94 19.69 -32.36
C PHE K 99 -22.50 20.06 -31.00
N GLN K 100 -23.83 20.06 -30.91
CA GLN K 100 -24.54 20.38 -29.67
C GLN K 100 -24.05 21.72 -29.16
N SER K 101 -23.66 21.75 -27.89
CA SER K 101 -23.15 22.97 -27.28
C SER K 101 -22.03 23.61 -28.09
N GLY K 102 -21.36 22.83 -28.94
CA GLY K 102 -20.28 23.41 -29.72
C GLY K 102 -18.99 23.00 -29.03
N ALA K 103 -18.03 22.48 -29.75
CA ALA K 103 -16.84 22.09 -29.06
C ALA K 103 -15.73 23.03 -29.41
N LEU K 104 -14.90 23.33 -28.42
CA LEU K 104 -13.65 24.05 -28.57
C LEU K 104 -12.64 23.16 -27.90
N PHE K 105 -11.40 23.13 -28.34
CA PHE K 105 -10.44 22.32 -27.65
C PHE K 105 -9.89 23.16 -26.52
N THR K 106 -9.89 22.65 -25.31
CA THR K 106 -9.51 23.49 -24.16
C THR K 106 -8.05 23.74 -24.06
N ASP K 107 -7.27 22.96 -24.75
CA ASP K 107 -5.85 23.08 -24.62
C ASP K 107 -5.27 23.96 -25.69
N MET K 108 -6.12 24.54 -26.51
CA MET K 108 -5.64 25.35 -27.59
C MET K 108 -6.21 26.73 -27.50
N SER K 109 -5.46 27.70 -27.95
CA SER K 109 -5.90 29.08 -28.00
C SER K 109 -6.95 29.24 -29.06
N VAL K 110 -7.63 30.38 -29.07
CA VAL K 110 -8.60 30.54 -30.13
C VAL K 110 -7.92 30.46 -31.45
N TYR K 111 -6.77 31.09 -31.60
CA TYR K 111 -6.04 31.02 -32.86
C TYR K 111 -5.88 29.59 -33.31
N GLU K 112 -5.45 28.71 -32.41
CA GLU K 112 -5.26 27.34 -32.82
C GLU K 112 -6.56 26.60 -33.10
N ASN K 113 -7.63 26.90 -32.38
CA ASN K 113 -8.87 26.18 -32.69
C ASN K 113 -9.38 26.46 -34.07
N VAL K 114 -9.20 27.66 -34.55
CA VAL K 114 -9.66 27.93 -35.89
C VAL K 114 -8.67 27.38 -36.86
N ALA K 115 -7.39 27.52 -36.58
CA ALA K 115 -6.39 27.02 -37.49
C ALA K 115 -6.41 25.51 -37.68
N PHE K 116 -6.73 24.78 -36.63
CA PHE K 116 -6.60 23.34 -36.62
C PHE K 116 -6.96 22.53 -37.85
N PRO K 117 -8.15 22.58 -38.44
CA PRO K 117 -8.48 21.74 -39.55
C PRO K 117 -7.64 22.04 -40.78
N ILE K 118 -6.98 23.17 -40.82
CA ILE K 118 -6.19 23.50 -41.99
C ILE K 118 -5.09 22.50 -42.12
N ARG K 119 -4.54 22.10 -41.00
CA ARG K 119 -3.43 21.18 -41.01
C ARG K 119 -3.82 19.78 -41.42
N ALA K 120 -5.11 19.48 -41.51
CA ALA K 120 -5.52 18.16 -41.93
C ALA K 120 -5.39 18.00 -43.43
N HIS K 121 -5.45 19.08 -44.20
CA HIS K 121 -5.39 18.90 -45.64
C HIS K 121 -4.39 19.76 -46.37
N THR K 122 -3.73 20.68 -45.69
CA THR K 122 -2.85 21.56 -46.44
C THR K 122 -1.46 21.56 -45.85
N LYS K 123 -0.53 22.11 -46.61
CA LYS K 123 0.85 22.27 -46.17
C LYS K 123 1.27 23.70 -46.43
N LEU K 124 0.93 24.58 -45.53
CA LEU K 124 1.16 25.99 -45.74
C LEU K 124 2.20 26.57 -44.81
N SER K 125 2.78 27.68 -45.27
CA SER K 125 3.67 28.54 -44.52
C SER K 125 2.96 29.15 -43.36
N GLU K 126 3.71 29.38 -42.30
CA GLU K 126 3.12 29.98 -41.12
C GLU K 126 2.46 31.30 -41.48
N ASN K 127 3.02 32.03 -42.43
CA ASN K 127 2.42 33.30 -42.78
C ASN K 127 0.99 33.16 -43.33
N LEU K 128 0.72 32.13 -44.11
CA LEU K 128 -0.58 32.04 -44.69
C LEU K 128 -1.56 31.42 -43.75
N ILE K 129 -1.09 30.52 -42.88
CA ILE K 129 -2.08 29.96 -41.99
C ILE K 129 -2.52 31.06 -41.05
N ALA K 130 -1.60 31.92 -40.65
CA ALA K 130 -2.00 33.00 -39.77
C ALA K 130 -2.99 33.94 -40.43
N GLU K 131 -2.80 34.25 -41.72
CA GLU K 131 -3.73 35.18 -42.31
C GLU K 131 -5.12 34.55 -42.45
N LEU K 132 -5.21 33.27 -42.78
CA LEU K 132 -6.55 32.71 -42.87
C LEU K 132 -7.24 32.76 -41.54
N VAL K 133 -6.53 32.53 -40.45
CA VAL K 133 -7.24 32.60 -39.19
C VAL K 133 -7.74 34.00 -38.97
N ALA K 134 -6.93 35.00 -39.26
CA ALA K 134 -7.41 36.35 -39.04
C ALA K 134 -8.68 36.65 -39.86
N LEU K 135 -8.73 36.20 -41.11
CA LEU K 135 -9.92 36.50 -41.91
C LEU K 135 -11.15 35.76 -41.40
N LYS K 136 -10.96 34.52 -40.99
CA LYS K 136 -12.12 33.78 -40.57
C LYS K 136 -12.62 34.31 -39.25
N LEU K 137 -11.74 34.74 -38.36
CA LEU K 137 -12.31 35.29 -37.14
C LEU K 137 -13.03 36.59 -37.42
N GLU K 138 -12.55 37.43 -38.34
CA GLU K 138 -13.34 38.63 -38.56
C GLU K 138 -14.70 38.32 -39.15
N SER K 139 -14.84 37.28 -39.95
CA SER K 139 -16.13 36.99 -40.57
C SER K 139 -17.23 36.72 -39.55
N VAL K 140 -16.88 36.41 -38.31
CA VAL K 140 -17.88 36.17 -37.28
C VAL K 140 -17.77 37.20 -36.15
N GLY K 141 -17.04 38.28 -36.39
CA GLY K 141 -16.87 39.35 -35.42
C GLY K 141 -15.86 39.07 -34.31
N LEU K 142 -14.89 38.21 -34.54
CA LEU K 142 -13.92 37.86 -33.53
C LEU K 142 -12.46 38.31 -33.78
N ARG K 143 -12.26 39.29 -34.64
CA ARG K 143 -10.90 39.75 -34.87
C ARG K 143 -10.27 40.27 -33.59
N GLY K 144 -9.04 39.87 -33.32
CA GLY K 144 -8.33 40.36 -32.15
C GLY K 144 -8.45 39.52 -30.87
N THR K 145 -9.11 38.36 -30.92
CA THR K 145 -9.24 37.55 -29.71
C THR K 145 -8.37 36.30 -29.77
N GLU K 146 -7.46 36.27 -30.74
CA GLU K 146 -6.61 35.13 -31.09
C GLU K 146 -5.78 34.52 -29.97
N GLN K 147 -5.28 35.34 -29.05
CA GLN K 147 -4.41 34.80 -28.01
C GLN K 147 -5.09 34.46 -26.72
N LEU K 148 -6.40 34.60 -26.65
CA LEU K 148 -7.05 34.25 -25.43
C LEU K 148 -7.34 32.76 -25.48
N MET K 149 -7.33 32.11 -24.33
CA MET K 149 -7.72 30.71 -24.30
C MET K 149 -9.24 30.70 -24.34
N PRO K 150 -9.87 29.77 -25.07
CA PRO K 150 -11.29 29.69 -25.30
C PRO K 150 -12.12 29.51 -24.07
N THR K 151 -11.50 29.03 -23.02
CA THR K 151 -12.23 28.78 -21.80
C THR K 151 -12.58 30.07 -21.08
N GLU K 152 -12.00 31.18 -21.52
CA GLU K 152 -12.23 32.45 -20.88
C GLU K 152 -13.26 33.29 -21.62
N LEU K 153 -13.86 32.72 -22.65
CA LEU K 153 -14.85 33.42 -23.43
C LEU K 153 -16.24 33.30 -22.86
N SER K 154 -17.08 34.30 -23.13
CA SER K 154 -18.49 34.21 -22.76
C SER K 154 -19.18 33.23 -23.71
N GLY K 155 -20.36 32.73 -23.34
CA GLY K 155 -21.04 31.75 -24.19
C GLY K 155 -21.32 32.20 -25.61
N GLY K 156 -21.64 33.47 -25.81
CA GLY K 156 -21.91 33.94 -27.16
C GLY K 156 -20.67 33.79 -28.03
N MET K 157 -19.49 33.96 -27.44
CA MET K 157 -18.29 33.88 -28.21
C MET K 157 -17.92 32.44 -28.41
N ASN K 158 -18.22 31.56 -27.47
CA ASN K 158 -17.83 30.19 -27.75
C ASN K 158 -18.49 29.69 -28.99
N ARG K 159 -19.74 30.03 -29.20
CA ARG K 159 -20.33 29.56 -30.41
C ARG K 159 -19.71 30.19 -31.63
N ARG K 160 -19.43 31.47 -31.58
CA ARG K 160 -18.87 32.06 -32.78
C ARG K 160 -17.48 31.50 -33.11
N VAL K 161 -16.67 31.18 -32.10
CA VAL K 161 -15.36 30.61 -32.41
C VAL K 161 -15.52 29.28 -33.08
N ALA K 162 -16.39 28.44 -32.55
CA ALA K 162 -16.54 27.15 -33.15
C ALA K 162 -16.99 27.28 -34.58
N LEU K 163 -17.85 28.25 -34.87
CA LEU K 163 -18.32 28.41 -36.25
C LEU K 163 -17.18 28.83 -37.12
N ALA K 164 -16.31 29.72 -36.64
CA ALA K 164 -15.21 30.09 -37.48
C ALA K 164 -14.43 28.85 -37.86
N ARG K 165 -14.27 27.90 -36.94
CA ARG K 165 -13.56 26.69 -37.33
C ARG K 165 -14.32 25.97 -38.42
N ALA K 166 -15.61 25.86 -38.26
CA ALA K 166 -16.40 25.15 -39.23
C ALA K 166 -16.27 25.70 -40.63
N ILE K 167 -16.11 26.99 -40.80
CA ILE K 167 -16.04 27.53 -42.15
C ILE K 167 -14.60 27.80 -42.58
N ALA K 168 -13.64 27.33 -41.80
CA ALA K 168 -12.22 27.56 -42.04
C ALA K 168 -11.71 27.04 -43.36
N LEU K 169 -12.24 25.95 -43.87
CA LEU K 169 -11.70 25.38 -45.08
C LEU K 169 -12.49 25.71 -46.32
N ASP K 170 -13.42 26.65 -46.24
CA ASP K 170 -14.31 26.95 -47.37
C ASP K 170 -15.08 25.71 -47.79
N PRO K 171 -15.81 25.06 -46.87
CA PRO K 171 -16.58 23.87 -47.06
C PRO K 171 -17.79 24.21 -47.82
N ASP K 172 -18.47 23.22 -48.37
CA ASP K 172 -19.71 23.49 -49.04
C ASP K 172 -20.90 23.27 -48.12
N LEU K 173 -20.76 22.36 -47.14
CA LEU K 173 -21.90 22.05 -46.26
C LEU K 173 -21.68 22.41 -44.81
N ILE K 174 -22.54 23.25 -44.26
CA ILE K 174 -22.46 23.59 -42.85
C ILE K 174 -23.62 23.04 -42.10
N MET K 175 -23.33 22.30 -41.06
CA MET K 175 -24.39 21.72 -40.29
C MET K 175 -24.43 22.40 -38.93
N TYR K 176 -25.60 22.82 -38.52
CA TYR K 176 -25.73 23.43 -37.23
C TYR K 176 -26.56 22.50 -36.38
N ASP K 177 -25.96 21.83 -35.44
CA ASP K 177 -26.74 20.86 -34.70
C ASP K 177 -27.36 21.54 -33.46
N GLU K 178 -28.70 21.76 -33.47
CA GLU K 178 -29.53 22.43 -32.45
C GLU K 178 -28.97 23.78 -31.95
N PRO K 179 -28.61 24.78 -32.86
CA PRO K 179 -28.04 26.08 -32.55
C PRO K 179 -28.98 27.02 -31.84
N PHE K 180 -30.27 26.78 -32.00
CA PHE K 180 -31.29 27.59 -31.36
C PHE K 180 -31.91 26.95 -30.12
N ALA K 181 -31.42 25.81 -29.68
CA ALA K 181 -32.14 25.13 -28.61
C ALA K 181 -32.34 25.85 -27.31
N GLY K 182 -31.30 26.43 -26.78
CA GLY K 182 -31.41 27.09 -25.50
C GLY K 182 -30.39 28.17 -25.45
N GLN K 183 -30.88 29.38 -25.29
CA GLN K 183 -30.03 30.57 -25.33
C GLN K 183 -30.67 31.88 -24.84
N ASP K 184 -29.97 32.96 -25.17
CA ASP K 184 -30.31 34.33 -24.88
C ASP K 184 -30.88 34.97 -26.14
N PRO K 185 -32.00 35.72 -26.11
CA PRO K 185 -32.64 36.30 -27.29
C PRO K 185 -31.69 37.19 -28.11
N ILE K 186 -30.65 37.72 -27.48
CA ILE K 186 -29.71 38.54 -28.19
C ILE K 186 -28.89 37.64 -29.10
N VAL K 187 -28.49 36.49 -28.55
CA VAL K 187 -27.69 35.55 -29.27
C VAL K 187 -28.50 34.98 -30.40
N LYS K 188 -29.76 34.69 -30.15
CA LYS K 188 -30.56 34.14 -31.23
C LYS K 188 -30.55 35.13 -32.39
N GLY K 189 -30.64 36.43 -32.10
CA GLY K 189 -30.58 37.42 -33.16
C GLY K 189 -29.25 37.34 -33.93
N VAL K 190 -28.15 37.21 -33.20
CA VAL K 190 -26.86 37.14 -33.86
C VAL K 190 -26.67 35.89 -34.69
N LEU K 191 -27.05 34.74 -34.18
CA LEU K 191 -26.86 33.52 -34.95
C LEU K 191 -27.70 33.53 -36.19
N THR K 192 -28.90 34.08 -36.09
CA THR K 192 -29.74 34.12 -37.26
C THR K 192 -29.04 34.96 -38.31
N ARG K 193 -28.51 36.10 -37.91
CA ARG K 193 -27.84 36.92 -38.89
C ARG K 193 -26.61 36.27 -39.47
N LEU K 194 -25.83 35.55 -38.68
CA LEU K 194 -24.66 34.93 -39.25
C LEU K 194 -25.05 33.93 -40.29
N ILE K 195 -26.13 33.19 -40.06
CA ILE K 195 -26.53 32.21 -41.05
C ILE K 195 -26.94 32.91 -42.32
N ARG K 196 -27.72 33.99 -42.20
CA ARG K 196 -28.14 34.69 -43.40
C ARG K 196 -26.95 35.27 -44.16
N SER K 197 -25.98 35.80 -43.44
CA SER K 197 -24.81 36.40 -44.05
C SER K 197 -23.95 35.39 -44.78
N LEU K 198 -23.67 34.27 -44.11
CA LEU K 198 -22.81 33.25 -44.65
C LEU K 198 -23.46 32.42 -45.72
N ARG K 199 -24.78 32.18 -45.69
CA ARG K 199 -25.26 31.31 -46.75
C ARG K 199 -25.02 31.98 -48.07
N GLU K 200 -25.09 33.30 -48.09
CA GLU K 200 -24.87 34.01 -49.32
C GLU K 200 -23.39 34.20 -49.60
N ALA K 201 -22.64 34.66 -48.61
CA ALA K 201 -21.25 34.98 -48.84
C ALA K 201 -20.44 33.79 -49.32
N LEU K 202 -20.73 32.61 -48.82
CA LEU K 202 -19.98 31.46 -49.22
C LEU K 202 -20.72 30.45 -50.10
N ASP K 203 -21.87 30.81 -50.69
CA ASP K 203 -22.60 29.85 -51.54
C ASP K 203 -22.81 28.51 -50.84
N LEU K 204 -23.33 28.53 -49.65
CA LEU K 204 -23.45 27.31 -48.86
C LEU K 204 -24.76 26.61 -48.95
N THR K 205 -24.70 25.33 -48.65
CA THR K 205 -25.86 24.49 -48.45
C THR K 205 -25.84 24.27 -46.96
N THR K 206 -26.96 24.46 -46.30
CA THR K 206 -26.90 24.32 -44.86
C THR K 206 -27.96 23.44 -44.29
N ILE K 207 -27.67 22.88 -43.14
CA ILE K 207 -28.67 22.13 -42.45
C ILE K 207 -28.87 22.64 -41.05
N ILE K 208 -30.10 22.99 -40.73
CA ILE K 208 -30.42 23.43 -39.39
C ILE K 208 -31.31 22.42 -38.73
N VAL K 209 -30.84 21.85 -37.64
CA VAL K 209 -31.70 20.90 -36.96
C VAL K 209 -32.06 21.49 -35.63
N SER K 210 -33.33 21.75 -35.39
CA SER K 210 -33.70 22.44 -34.16
C SER K 210 -35.10 22.26 -33.64
N HIS K 211 -35.21 22.26 -32.31
CA HIS K 211 -36.46 22.15 -31.58
C HIS K 211 -37.27 23.41 -31.55
N ASP K 212 -36.64 24.55 -31.71
CA ASP K 212 -37.37 25.78 -31.52
C ASP K 212 -38.07 26.18 -32.81
N VAL K 213 -39.21 25.53 -33.02
CA VAL K 213 -39.96 25.63 -34.25
C VAL K 213 -40.16 27.05 -34.79
N PRO K 214 -40.58 28.05 -34.02
CA PRO K 214 -40.77 29.40 -34.52
C PRO K 214 -39.57 30.00 -35.24
N GLU K 215 -38.33 29.61 -34.93
CA GLU K 215 -37.21 30.20 -35.63
C GLU K 215 -36.95 29.44 -36.91
N THR K 216 -37.08 28.14 -36.84
CA THR K 216 -36.78 27.32 -37.99
C THR K 216 -37.73 27.67 -39.12
N LEU K 217 -38.97 27.90 -38.77
CA LEU K 217 -40.01 28.18 -39.75
C LEU K 217 -39.77 29.42 -40.59
N SER K 218 -38.95 30.37 -40.14
CA SER K 218 -38.75 31.55 -40.96
C SER K 218 -37.39 31.56 -41.64
N ILE K 219 -36.59 30.51 -41.43
CA ILE K 219 -35.24 30.44 -41.98
C ILE K 219 -35.12 29.46 -43.13
N ALA K 220 -35.62 28.26 -42.91
CA ALA K 220 -35.44 27.20 -43.90
C ALA K 220 -36.22 27.43 -45.16
N ASP K 221 -35.71 26.91 -46.27
CA ASP K 221 -36.43 26.93 -47.51
C ASP K 221 -37.31 25.70 -47.56
N TYR K 222 -36.83 24.63 -46.95
CA TYR K 222 -37.59 23.38 -46.96
C TYR K 222 -37.43 22.67 -45.63
N ILE K 223 -38.52 22.13 -45.11
CA ILE K 223 -38.53 21.47 -43.81
C ILE K 223 -39.05 20.03 -43.78
N TYR K 224 -38.35 19.16 -43.09
CA TYR K 224 -38.81 17.80 -42.87
C TYR K 224 -39.23 17.68 -41.42
N VAL K 225 -40.32 16.97 -41.14
CA VAL K 225 -40.71 16.72 -39.75
C VAL K 225 -40.51 15.26 -39.47
N VAL K 226 -39.62 14.97 -38.56
CA VAL K 226 -39.22 13.62 -38.29
C VAL K 226 -39.48 13.19 -36.88
N ALA K 227 -40.16 12.07 -36.74
CA ALA K 227 -40.44 11.53 -35.42
C ALA K 227 -40.63 10.03 -35.46
N GLU K 228 -40.26 9.37 -34.38
CA GLU K 228 -40.47 7.94 -34.24
C GLU K 228 -39.83 7.14 -35.37
N GLY K 229 -38.71 7.63 -35.90
CA GLY K 229 -37.96 6.97 -36.94
C GLY K 229 -38.50 7.16 -38.35
N LYS K 230 -39.56 7.93 -38.52
CA LYS K 230 -40.11 8.12 -39.86
C LYS K 230 -40.36 9.55 -40.22
N ILE K 231 -40.35 9.83 -41.49
CA ILE K 231 -40.70 11.16 -41.89
C ILE K 231 -42.21 11.21 -41.81
N GLN K 232 -42.77 12.20 -41.10
CA GLN K 232 -44.22 12.27 -40.94
C GLN K 232 -44.88 13.43 -41.67
N GLY K 233 -44.12 14.03 -42.56
CA GLY K 233 -44.58 15.13 -43.39
C GLY K 233 -43.40 15.99 -43.81
N GLU K 234 -43.51 16.54 -45.03
CA GLU K 234 -42.48 17.35 -45.63
C GLU K 234 -43.10 18.53 -46.33
N GLY K 235 -42.36 19.61 -46.46
CA GLY K 235 -42.83 20.70 -47.30
C GLY K 235 -42.10 21.99 -47.00
N THR K 236 -42.45 23.03 -47.72
CA THR K 236 -41.88 24.34 -47.43
C THR K 236 -42.68 24.68 -46.19
N PRO K 237 -42.36 25.65 -45.34
CA PRO K 237 -43.16 25.89 -44.15
C PRO K 237 -44.63 26.19 -44.49
N GLU K 238 -44.88 26.74 -45.66
CA GLU K 238 -46.21 27.05 -46.10
C GLU K 238 -47.00 25.79 -46.36
N GLU K 239 -46.33 24.77 -46.90
CA GLU K 239 -46.97 23.52 -47.21
C GLU K 239 -47.18 22.70 -45.96
N LEU K 240 -46.26 22.74 -45.01
CA LEU K 240 -46.48 21.90 -43.84
C LEU K 240 -47.72 22.33 -43.12
N GLN K 241 -47.99 23.62 -43.11
CA GLN K 241 -49.17 24.14 -42.45
C GLN K 241 -50.46 23.72 -43.12
N ALA K 242 -50.38 23.28 -44.37
CA ALA K 242 -51.52 22.86 -45.16
C ALA K 242 -51.89 21.39 -44.95
N TYR K 243 -51.04 20.62 -44.30
CA TYR K 243 -51.30 19.19 -44.19
C TYR K 243 -51.29 18.75 -42.75
N ALA K 244 -52.41 18.96 -42.10
CA ALA K 244 -52.51 18.81 -40.66
C ALA K 244 -52.68 17.39 -40.19
N SER K 245 -51.68 16.57 -40.43
CA SER K 245 -51.70 15.23 -39.88
C SER K 245 -51.70 15.55 -38.41
N PRO K 246 -52.47 14.91 -37.53
CA PRO K 246 -52.48 15.24 -36.12
C PRO K 246 -51.09 15.36 -35.52
N PHE K 247 -50.15 14.49 -35.90
CA PHE K 247 -48.83 14.62 -35.31
C PHE K 247 -48.14 15.89 -35.69
N VAL K 248 -48.10 16.15 -36.99
CA VAL K 248 -47.40 17.31 -37.46
C VAL K 248 -48.07 18.58 -36.99
N LYS K 249 -49.39 18.59 -37.00
CA LYS K 249 -50.11 19.77 -36.60
C LYS K 249 -49.89 20.11 -35.15
N GLN K 250 -49.90 19.11 -34.26
CA GLN K 250 -49.67 19.47 -32.88
C GLN K 250 -48.24 19.92 -32.73
N PHE K 251 -47.32 19.18 -33.33
CA PHE K 251 -45.92 19.48 -33.21
C PHE K 251 -45.56 20.89 -33.64
N LEU K 252 -46.08 21.33 -34.77
CA LEU K 252 -45.72 22.64 -35.27
C LEU K 252 -46.51 23.78 -34.66
N THR K 253 -47.45 23.50 -33.76
CA THR K 253 -48.24 24.57 -33.19
C THR K 253 -48.02 24.75 -31.70
N GLY K 254 -47.58 23.70 -31.03
CA GLY K 254 -47.37 23.77 -29.59
C GLY K 254 -48.64 23.45 -28.81
N SER K 255 -49.71 23.09 -29.50
CA SER K 255 -50.94 22.77 -28.80
C SER K 255 -50.71 21.58 -27.91
N ALA K 256 -51.32 21.57 -26.74
CA ALA K 256 -51.16 20.44 -25.83
C ALA K 256 -52.09 19.29 -26.22
N GLU K 257 -53.00 19.53 -27.16
CA GLU K 257 -53.93 18.50 -27.58
C GLU K 257 -53.40 17.89 -28.87
N GLY K 258 -53.55 16.58 -29.00
CA GLY K 258 -53.08 15.85 -30.16
C GLY K 258 -52.62 14.49 -29.67
N PRO K 259 -51.87 13.70 -30.47
CA PRO K 259 -51.45 12.34 -30.15
C PRO K 259 -50.30 12.27 -29.15
N VAL K 260 -50.59 12.72 -27.93
CA VAL K 260 -49.67 12.72 -26.80
C VAL K 260 -50.39 12.08 -25.62
N GLU K 261 -49.65 11.66 -24.61
CA GLU K 261 -50.31 10.95 -23.50
C GLU K 261 -50.09 11.52 -22.10
N TYR K 262 -51.04 11.20 -21.24
CA TYR K 262 -51.07 11.53 -19.81
C TYR K 262 -51.40 10.20 -19.13
N GLN K 263 -51.03 9.99 -17.88
CA GLN K 263 -51.37 8.69 -17.30
C GLN K 263 -52.39 8.70 -16.20
N PHE K 264 -53.65 8.48 -16.54
CA PHE K 264 -54.68 8.44 -15.52
C PHE K 264 -55.89 7.62 -15.90
N SER K 265 -56.57 7.15 -14.87
CA SER K 265 -57.84 6.43 -14.90
C SER K 265 -58.39 6.54 -13.51
N HIS K 266 -59.61 7.06 -13.35
CA HIS K 266 -60.17 7.23 -12.02
C HIS K 266 -60.70 5.87 -11.54
N GLN K 267 -60.87 5.72 -10.20
CA GLN K 267 -61.35 4.51 -9.52
C GLN K 267 -61.46 4.81 -8.00
N LYS L 2 -21.05 36.86 1.07
CA LYS L 2 -20.37 35.75 1.73
C LYS L 2 -19.00 36.19 2.21
N SER L 3 -18.75 37.49 2.22
CA SER L 3 -17.47 38.03 2.66
C SER L 3 -17.16 37.76 4.12
N ARG L 4 -18.18 37.87 4.97
CA ARG L 4 -17.99 37.67 6.41
C ARG L 4 -17.53 36.27 6.84
N THR L 5 -18.03 35.22 6.20
CA THR L 5 -17.62 33.87 6.58
C THR L 5 -16.12 33.63 6.37
N SER L 6 -15.57 34.18 5.29
CA SER L 6 -14.16 34.02 4.95
C SER L 6 -13.14 34.13 6.08
N GLU L 7 -13.28 35.13 6.93
CA GLU L 7 -12.24 35.34 7.96
C GLU L 7 -12.16 34.19 8.94
N LEU L 8 -13.27 33.94 9.66
CA LEU L 8 -13.46 32.84 10.55
C LEU L 8 -12.85 31.59 10.00
N ALA L 9 -13.00 31.36 8.70
CA ALA L 9 -12.45 30.13 8.17
C ALA L 9 -10.93 30.10 8.31
N VAL L 10 -10.26 31.22 8.09
CA VAL L 10 -8.82 31.15 8.23
C VAL L 10 -8.47 30.96 9.69
N GLY L 11 -9.14 31.66 10.60
CA GLY L 11 -8.78 31.47 11.99
C GLY L 11 -8.93 30.02 12.42
N ILE L 12 -9.95 29.33 11.92
CA ILE L 12 -10.11 27.94 12.29
C ILE L 12 -8.94 27.16 11.77
N PHE L 13 -8.55 27.39 10.52
CA PHE L 13 -7.39 26.69 10.00
C PHE L 13 -6.17 26.86 10.85
N VAL L 14 -5.85 28.07 11.18
CA VAL L 14 -4.60 28.27 11.84
C VAL L 14 -4.59 27.50 13.14
N ILE L 15 -5.68 27.54 13.89
CA ILE L 15 -5.70 26.81 15.15
C ILE L 15 -5.65 25.31 14.95
N ILE L 16 -6.45 24.74 14.05
CA ILE L 16 -6.43 23.30 13.93
C ILE L 16 -5.09 22.82 13.41
N PHE L 17 -4.48 23.59 12.56
CA PHE L 17 -3.22 23.23 12.01
C PHE L 17 -2.13 23.31 13.06
N GLY L 18 -2.10 24.39 13.84
CA GLY L 18 -1.08 24.53 14.85
C GLY L 18 -1.17 23.39 15.84
N ILE L 19 -2.40 22.94 16.14
CA ILE L 19 -2.57 21.82 17.04
C ILE L 19 -2.01 20.57 16.42
N ALA L 20 -2.28 20.33 15.15
CA ALA L 20 -1.74 19.14 14.50
C ALA L 20 -0.22 19.14 14.48
N LEU L 21 0.41 20.30 14.29
CA LEU L 21 1.85 20.36 14.26
C LEU L 21 2.41 20.00 15.62
N PHE L 22 1.75 20.52 16.65
CA PHE L 22 2.12 20.24 18.02
C PHE L 22 2.01 18.77 18.29
N PHE L 23 0.89 18.18 17.92
CA PHE L 23 0.67 16.76 18.17
C PHE L 23 1.83 15.98 17.62
N LEU L 24 2.23 16.24 16.38
CA LEU L 24 3.34 15.45 15.87
C LEU L 24 4.62 15.67 16.66
N ALA L 25 4.97 16.93 16.92
CA ALA L 25 6.24 17.23 17.60
C ALA L 25 6.30 16.63 18.99
N MET L 26 5.18 16.65 19.67
CA MET L 26 5.05 16.12 20.99
C MET L 26 5.01 14.62 21.02
N LYS L 27 4.14 14.01 20.25
CA LYS L 27 3.94 12.58 20.38
C LYS L 27 5.16 11.79 20.03
N VAL L 28 5.94 12.24 19.07
CA VAL L 28 7.13 11.46 18.71
C VAL L 28 8.16 11.37 19.85
N SER L 29 8.03 12.24 20.88
CA SER L 29 8.94 12.28 22.03
C SER L 29 8.80 11.03 22.84
N GLY L 30 7.74 10.27 22.63
CA GLY L 30 7.59 9.04 23.36
C GLY L 30 8.80 8.15 23.09
N LEU L 31 9.37 8.21 21.88
CA LEU L 31 10.55 7.40 21.56
C LEU L 31 11.84 8.19 21.33
N VAL L 32 11.76 9.34 20.64
CA VAL L 32 12.97 10.05 20.26
C VAL L 32 13.09 11.46 20.85
N GLY L 33 14.23 11.73 21.48
CA GLY L 33 14.51 13.04 22.05
C GLY L 33 14.25 13.18 23.55
N THR L 34 13.97 12.08 24.23
CA THR L 34 13.71 12.11 25.67
C THR L 34 14.73 11.34 26.45
N ASN L 35 15.23 11.97 27.50
CA ASN L 35 16.19 11.33 28.37
C ASN L 35 15.56 10.33 29.35
N LEU L 36 14.27 10.47 29.60
CA LEU L 36 13.59 9.60 30.54
C LEU L 36 14.34 9.46 31.87
N SER L 37 14.82 10.58 32.41
CA SER L 37 15.57 10.56 33.67
C SER L 37 15.58 11.94 34.33
N ASP L 38 16.04 12.02 35.58
CA ASP L 38 16.25 13.29 36.25
C ASP L 38 17.46 14.09 35.67
N GLY L 39 18.27 13.47 34.79
CA GLY L 39 19.39 14.15 34.12
C GLY L 39 20.72 14.38 34.85
N TYR L 40 21.14 13.53 35.77
CA TYR L 40 22.41 13.86 36.41
C TYR L 40 23.48 13.27 35.54
N THR L 41 24.64 13.89 35.45
CA THR L 41 25.68 13.23 34.69
C THR L 41 26.91 12.95 35.51
N MET L 42 27.68 11.99 35.02
CA MET L 42 28.92 11.55 35.66
C MET L 42 29.97 11.22 34.61
N LYS L 43 31.24 11.27 35.00
CA LYS L 43 32.28 10.81 34.08
C LYS L 43 33.12 9.71 34.64
N ALA L 44 33.71 8.90 33.80
CA ALA L 44 34.69 7.93 34.22
C ALA L 44 35.66 7.64 33.09
N GLN L 45 36.87 7.21 33.44
CA GLN L 45 37.84 6.87 32.43
C GLN L 45 38.22 5.41 32.46
N PHE L 46 38.65 4.88 31.33
CA PHE L 46 38.91 3.46 31.16
C PHE L 46 40.11 3.19 30.29
N ASP L 47 40.65 2.00 30.44
CA ASP L 47 41.74 1.50 29.60
C ASP L 47 41.28 0.85 28.30
N ASN L 48 40.10 0.28 28.23
CA ASN L 48 39.62 -0.38 27.01
C ASN L 48 38.10 -0.48 27.03
N VAL L 49 37.46 0.18 26.08
CA VAL L 49 36.00 0.22 25.95
C VAL L 49 35.50 -0.46 24.67
N ASN L 50 36.23 -1.45 24.19
CA ASN L 50 35.93 -2.23 23.01
C ASN L 50 34.48 -2.77 22.99
N GLY L 51 33.67 -2.25 22.08
CA GLY L 51 32.32 -2.73 21.82
C GLY L 51 31.20 -2.00 22.56
N LEU L 52 31.46 -0.97 23.37
CA LEU L 52 30.40 -0.06 23.84
C LEU L 52 29.73 0.66 22.68
N LYS L 53 28.47 1.03 22.84
CA LYS L 53 27.74 1.95 21.97
C LYS L 53 27.16 3.09 22.80
N PRO L 54 26.95 4.29 22.23
CA PRO L 54 26.08 5.29 22.78
C PRO L 54 24.77 4.57 22.89
N ARG L 55 24.01 4.90 23.91
CA ARG L 55 22.72 4.31 24.23
C ARG L 55 22.81 2.90 24.82
N ALA L 56 23.98 2.37 25.13
CA ALA L 56 24.05 1.17 25.96
C ALA L 56 23.55 1.46 27.39
N LYS L 57 22.97 0.46 28.06
CA LYS L 57 22.41 0.62 29.40
C LYS L 57 23.46 0.77 30.49
N VAL L 58 23.08 1.36 31.60
CA VAL L 58 23.86 1.41 32.84
C VAL L 58 23.09 0.70 33.92
N THR L 59 23.73 -0.05 34.82
CA THR L 59 23.02 -0.75 35.91
C THR L 59 23.71 -0.68 37.26
N MET L 60 22.89 -0.80 38.30
CA MET L 60 23.28 -1.10 39.66
C MET L 60 22.48 -2.31 40.15
N SER L 61 23.11 -3.32 40.74
CA SER L 61 22.42 -4.55 41.17
C SER L 61 21.55 -5.20 40.08
N GLY L 62 21.85 -4.95 38.81
CA GLY L 62 21.06 -5.44 37.67
C GLY L 62 19.80 -4.64 37.35
N VAL L 63 19.53 -3.54 38.05
CA VAL L 63 18.42 -2.69 37.78
C VAL L 63 18.83 -1.62 36.79
N THR L 64 18.07 -1.38 35.73
CA THR L 64 18.49 -0.33 34.80
C THR L 64 18.51 0.97 35.57
N ILE L 65 19.62 1.70 35.53
CA ILE L 65 19.67 2.91 36.30
C ILE L 65 20.00 4.15 35.47
N GLY L 66 20.56 3.95 34.25
CA GLY L 66 20.97 5.08 33.38
C GLY L 66 21.47 4.70 31.97
N ARG L 67 22.06 5.68 31.26
CA ARG L 67 22.53 5.51 29.88
C ARG L 67 23.97 5.97 29.62
N VAL L 68 24.67 5.30 28.71
CA VAL L 68 25.97 5.72 28.19
C VAL L 68 25.73 6.70 27.06
N ASP L 69 26.07 7.98 27.25
CA ASP L 69 25.76 8.97 26.21
C ASP L 69 26.88 9.20 25.21
N SER L 70 28.12 9.29 25.66
CA SER L 70 29.15 9.54 24.65
C SER L 70 30.46 8.88 25.00
N ILE L 71 31.23 8.57 23.96
CA ILE L 71 32.52 7.93 24.14
C ILE L 71 33.59 8.72 23.39
N THR L 72 34.68 9.07 24.06
CA THR L 72 35.73 9.78 23.34
C THR L 72 37.13 9.42 23.79
N LEU L 73 38.11 9.57 22.91
CA LEU L 73 39.49 9.23 23.26
C LEU L 73 40.44 10.38 23.41
N ASP L 74 41.17 10.38 24.52
CA ASP L 74 42.19 11.37 24.78
C ASP L 74 43.53 10.88 24.19
N PRO L 75 44.04 11.48 23.11
CA PRO L 75 45.19 11.04 22.35
C PRO L 75 46.51 11.11 23.05
N VAL L 76 46.57 11.78 24.19
CA VAL L 76 47.87 11.86 24.83
C VAL L 76 47.90 11.14 26.16
N THR L 77 46.80 10.45 26.52
CA THR L 77 46.79 9.72 27.77
C THR L 77 46.45 8.31 27.42
N ARG L 78 45.88 8.20 26.23
CA ARG L 78 45.42 6.95 25.64
C ARG L 78 44.23 6.35 26.36
N LEU L 79 43.56 7.14 27.18
CA LEU L 79 42.39 6.66 27.90
C LEU L 79 41.09 7.04 27.24
N ALA L 80 40.08 6.21 27.42
CA ALA L 80 38.78 6.59 26.93
C ALA L 80 38.07 7.31 28.01
N THR L 81 37.23 8.25 27.64
CA THR L 81 36.36 8.94 28.57
C THR L 81 34.95 8.62 28.18
N VAL L 82 34.15 8.12 29.13
CA VAL L 82 32.76 7.79 28.87
C VAL L 82 31.90 8.69 29.71
N THR L 83 30.84 9.26 29.15
CA THR L 83 29.94 10.09 29.94
C THR L 83 28.61 9.38 30.14
N PHE L 84 28.17 9.37 31.40
CA PHE L 84 26.92 8.81 31.91
C PHE L 84 25.77 9.83 32.02
N ASP L 85 24.56 9.29 31.99
CA ASP L 85 23.31 9.93 32.33
C ASP L 85 22.51 9.07 33.34
N LEU L 86 22.50 9.45 34.62
CA LEU L 86 21.86 8.65 35.66
C LEU L 86 20.57 9.24 36.16
N ASP L 87 19.62 8.38 36.47
CA ASP L 87 18.33 8.88 36.94
C ASP L 87 18.22 9.13 38.43
N GLY L 88 18.09 10.39 38.80
CA GLY L 88 18.02 10.82 40.18
C GLY L 88 16.92 10.14 40.96
N LYS L 89 15.81 9.77 40.32
CA LYS L 89 14.79 9.12 41.13
C LYS L 89 15.29 7.81 41.72
N LEU L 90 16.28 7.19 41.11
CA LEU L 90 16.78 5.96 41.61
C LEU L 90 18.09 6.14 42.33
N THR L 91 18.85 7.16 41.96
CA THR L 91 20.16 7.31 42.58
C THR L 91 20.22 8.28 43.74
N SER L 92 19.25 9.18 43.87
CA SER L 92 19.28 10.12 44.98
C SER L 92 18.69 9.48 46.20
N PHE L 93 18.85 10.08 47.35
CA PHE L 93 18.22 9.53 48.53
C PHE L 93 16.91 10.24 48.75
N ASN L 94 15.91 9.54 49.27
CA ASN L 94 14.71 10.24 49.65
C ASN L 94 15.11 11.11 50.78
N ALA L 95 14.52 12.27 50.95
CA ALA L 95 14.94 13.10 52.05
C ALA L 95 14.86 12.39 53.41
N GLU L 96 13.89 11.51 53.62
CA GLU L 96 13.83 10.87 54.93
C GLU L 96 14.99 9.90 55.06
N GLN L 97 15.29 9.23 53.97
CA GLN L 97 16.38 8.29 53.95
C GLN L 97 17.66 9.04 54.12
N LEU L 98 17.72 10.24 53.57
CA LEU L 98 18.89 11.07 53.63
C LEU L 98 19.14 11.41 55.06
N LYS L 99 18.10 11.74 55.83
CA LYS L 99 18.38 12.05 57.22
C LYS L 99 19.14 10.91 57.88
N GLU L 100 18.71 9.66 57.61
CA GLU L 100 19.43 8.51 58.17
C GLU L 100 20.86 8.44 57.67
N VAL L 101 21.05 8.66 56.38
CA VAL L 101 22.36 8.56 55.78
C VAL L 101 23.29 9.60 56.37
N GLN L 102 22.80 10.81 56.53
CA GLN L 102 23.59 11.89 57.06
C GLN L 102 24.02 11.60 58.48
N LYS L 103 23.11 11.07 59.27
CA LYS L 103 23.43 10.82 60.63
C LYS L 103 24.30 9.61 60.84
N ASN L 104 24.11 8.53 60.07
CA ASN L 104 24.94 7.40 60.36
C ASN L 104 26.32 7.63 59.80
N ALA L 105 26.42 8.46 58.75
CA ALA L 105 27.71 8.76 58.21
C ALA L 105 28.49 9.54 59.25
N LEU L 106 27.83 10.48 59.93
CA LEU L 106 28.55 11.24 60.93
C LEU L 106 28.86 10.40 62.13
N ASP L 107 28.01 9.47 62.53
CA ASP L 107 28.41 8.70 63.69
C ASP L 107 29.71 7.97 63.44
N GLU L 108 29.88 7.42 62.23
CA GLU L 108 31.15 6.75 62.02
C GLU L 108 32.31 7.75 61.97
N LEU L 109 32.08 8.89 61.34
CA LEU L 109 33.12 9.88 61.18
C LEU L 109 33.54 10.56 62.49
N ARG L 110 32.63 10.72 63.42
CA ARG L 110 33.03 11.35 64.65
C ARG L 110 33.49 10.34 65.70
N TYR L 111 32.94 9.11 65.74
CA TYR L 111 33.30 8.16 66.79
C TYR L 111 34.29 7.05 66.41
N SER L 112 34.23 6.53 65.17
CA SER L 112 35.14 5.44 64.79
C SER L 112 36.43 6.11 64.35
N SER L 113 36.22 7.27 63.75
CA SER L 113 37.23 8.19 63.27
C SER L 113 37.34 9.25 64.36
N ASP L 114 38.12 10.30 64.15
CA ASP L 114 38.40 11.28 65.19
C ASP L 114 37.70 12.66 65.20
N TYR L 115 36.50 12.86 64.64
CA TYR L 115 36.00 14.23 64.75
C TYR L 115 35.72 14.62 66.19
N THR L 116 35.39 13.69 67.09
CA THR L 116 35.09 14.13 68.45
C THR L 116 36.32 14.67 69.19
N GLN L 117 37.51 14.48 68.61
CA GLN L 117 38.74 14.95 69.21
C GLN L 117 39.10 16.34 68.69
N ALA L 118 38.32 16.84 67.73
CA ALA L 118 38.52 18.13 67.11
C ALA L 118 37.99 19.22 68.03
N THR L 119 38.46 20.44 67.85
CA THR L 119 37.92 21.53 68.66
C THR L 119 36.43 21.49 68.37
N PRO L 120 35.52 21.58 69.35
CA PRO L 120 34.08 21.57 69.11
C PRO L 120 33.67 22.51 67.97
N ALA L 121 34.34 23.66 67.82
CA ALA L 121 34.02 24.56 66.72
C ALA L 121 34.31 23.89 65.37
N GLN L 122 35.39 23.10 65.33
CA GLN L 122 35.82 22.37 64.14
C GLN L 122 34.86 21.24 63.90
N GLN L 123 34.37 20.65 64.99
CA GLN L 123 33.46 19.53 64.84
C GLN L 123 32.18 19.99 64.19
N LYS L 124 31.69 21.15 64.63
CA LYS L 124 30.47 21.67 64.07
C LYS L 124 30.67 22.07 62.63
N THR L 125 31.82 22.67 62.32
CA THR L 125 32.08 23.09 60.95
C THR L 125 32.08 21.87 60.04
N MET L 126 32.76 20.80 60.46
CA MET L 126 32.81 19.62 59.62
C MET L 126 31.43 19.07 59.42
N GLU L 127 30.63 18.98 60.48
CA GLU L 127 29.31 18.40 60.32
C GLU L 127 28.46 19.25 59.38
N GLN L 128 28.56 20.57 59.50
CA GLN L 128 27.75 21.46 58.70
C GLN L 128 28.01 21.36 57.22
N GLN L 129 29.28 21.26 56.81
CA GLN L 129 29.52 21.21 55.38
C GLN L 129 29.54 19.79 54.87
N LEU L 130 29.91 18.83 55.69
CA LEU L 130 29.88 17.47 55.19
C LEU L 130 28.46 17.14 54.84
N ILE L 131 27.53 17.64 55.64
CA ILE L 131 26.13 17.39 55.40
C ILE L 131 25.50 18.33 54.37
N SER L 132 25.79 19.63 54.37
CA SER L 132 25.12 20.45 53.36
C SER L 132 25.60 20.07 51.96
N ASN L 133 26.79 19.46 51.87
CA ASN L 133 27.35 18.98 50.62
C ASN L 133 26.53 17.82 50.09
N MET L 134 25.75 17.19 50.92
CA MET L 134 25.02 16.02 50.52
C MET L 134 23.78 16.40 49.76
N ASN L 135 23.53 17.68 49.64
CA ASN L 135 22.39 18.10 48.86
C ASN L 135 22.75 17.94 47.38
N SER L 136 24.04 17.69 47.13
CA SER L 136 24.59 17.51 45.81
C SER L 136 24.91 16.06 45.49
N ILE L 137 24.51 15.08 46.33
CA ILE L 137 24.96 13.71 46.06
C ILE L 137 23.94 12.70 45.69
N THR L 138 24.50 11.60 45.20
CA THR L 138 23.77 10.40 44.87
C THR L 138 24.35 9.27 45.71
N SER L 139 23.72 8.10 45.63
CA SER L 139 24.05 6.91 46.40
C SER L 139 25.37 6.22 46.10
N ILE L 140 26.00 6.55 45.01
CA ILE L 140 27.23 5.87 44.69
C ILE L 140 28.30 6.40 45.61
N ASP L 141 28.97 5.50 46.31
CA ASP L 141 29.95 5.92 47.28
C ASP L 141 31.36 5.99 46.73
N GLU L 142 32.26 6.28 47.64
CA GLU L 142 33.67 6.48 47.42
C GLU L 142 34.39 5.34 46.79
N ASP L 143 33.99 4.12 47.08
CA ASP L 143 34.73 2.99 46.58
C ASP L 143 34.04 2.29 45.45
N ALA L 144 33.00 2.89 44.93
CA ALA L 144 32.26 2.20 43.90
C ALA L 144 33.09 1.95 42.67
N TYR L 145 33.03 0.76 42.10
CA TYR L 145 33.71 0.44 40.86
C TYR L 145 32.82 0.82 39.68
N ILE L 146 33.43 1.05 38.54
CA ILE L 146 32.76 0.85 37.26
C ILE L 146 33.54 -0.20 36.49
N MET L 147 32.83 -1.05 35.75
CA MET L 147 33.40 -1.90 34.70
C MET L 147 32.43 -2.03 33.51
N VAL L 148 32.91 -2.19 32.28
CA VAL L 148 32.06 -2.54 31.12
C VAL L 148 31.53 -3.97 31.23
N ALA L 149 30.36 -4.22 30.66
CA ALA L 149 29.58 -5.45 30.78
C ALA L 149 28.99 -5.85 29.42
N THR L 150 28.56 -7.11 29.28
CA THR L 150 28.47 -7.76 27.96
C THR L 150 27.05 -7.91 27.42
N ASN L 151 26.03 -7.77 28.27
CA ASN L 151 24.66 -8.23 28.01
C ASN L 151 24.58 -9.76 27.86
N GLY L 152 23.92 -10.31 26.83
CA GLY L 152 23.84 -11.76 26.58
C GLY L 152 25.11 -12.40 26.00
N LEU L 153 25.05 -13.68 25.64
CA LEU L 153 26.16 -14.38 24.95
C LEU L 153 26.30 -14.00 23.48
N LEU L 154 25.39 -13.19 22.96
CA LEU L 154 25.65 -12.26 21.87
C LEU L 154 24.75 -11.03 22.07
N GLY L 155 25.22 -9.85 21.70
CA GLY L 155 24.59 -8.58 22.03
C GLY L 155 25.60 -7.47 22.30
N GLU L 156 25.09 -6.28 22.54
CA GLU L 156 25.91 -5.08 22.76
C GLU L 156 26.42 -4.88 24.18
N LYS L 157 27.54 -4.18 24.30
CA LYS L 157 28.22 -3.99 25.58
C LYS L 157 27.63 -2.77 26.29
N TYR L 158 27.53 -2.82 27.62
CA TYR L 158 26.88 -1.84 28.50
C TYR L 158 27.76 -1.55 29.74
N LEU L 159 27.37 -0.69 30.67
CA LEU L 159 28.22 -0.25 31.79
C LEU L 159 27.74 -0.64 33.20
N LYS L 160 28.56 -1.27 34.09
CA LYS L 160 28.08 -1.74 35.40
C LYS L 160 28.69 -0.98 36.57
N ILE L 161 27.87 -0.53 37.52
CA ILE L 161 28.27 0.17 38.74
C ILE L 161 28.19 -0.80 39.90
N VAL L 162 29.25 -0.92 40.70
CA VAL L 162 29.34 -1.87 41.80
C VAL L 162 29.59 -1.11 43.12
N PRO L 163 28.53 -0.69 43.83
CA PRO L 163 28.64 0.11 45.02
C PRO L 163 28.99 -0.69 46.25
N GLY L 164 29.28 0.03 47.32
CA GLY L 164 29.38 -0.56 48.65
C GLY L 164 30.73 -0.50 49.35
N GLY L 165 30.65 -0.29 50.67
CA GLY L 165 31.79 -0.22 51.57
C GLY L 165 32.26 1.18 51.97
N GLY L 166 31.78 2.23 51.29
CA GLY L 166 32.27 3.57 51.66
C GLY L 166 31.39 4.29 52.67
N LEU L 167 31.76 5.54 52.98
CA LEU L 167 30.98 6.34 53.91
C LEU L 167 30.41 7.56 53.25
N ASN L 168 31.24 8.24 52.46
CA ASN L 168 30.83 9.47 51.83
C ASN L 168 30.27 9.18 50.49
N TYR L 169 29.82 10.22 49.82
CA TYR L 169 29.21 10.07 48.52
C TYR L 169 29.78 11.01 47.50
N LEU L 170 29.64 10.62 46.25
CA LEU L 170 30.12 11.45 45.18
C LEU L 170 29.04 12.40 44.75
N LYS L 171 29.46 13.60 44.41
CA LYS L 171 28.55 14.62 43.93
C LYS L 171 28.21 14.45 42.47
N ARG L 172 27.00 14.78 42.13
CA ARG L 172 26.65 14.69 40.74
C ARG L 172 27.52 15.65 39.99
N GLY L 173 28.03 15.22 38.84
CA GLY L 173 28.93 16.02 38.03
C GLY L 173 30.40 15.63 38.24
N ASP L 174 30.68 14.81 39.25
CA ASP L 174 32.07 14.43 39.48
C ASP L 174 32.46 13.20 38.66
N THR L 175 33.72 12.78 38.82
CA THR L 175 34.26 11.61 38.16
C THR L 175 34.54 10.45 39.11
N ILE L 176 34.05 9.28 38.75
CA ILE L 176 34.29 8.09 39.57
C ILE L 176 35.67 7.61 39.24
N SER L 177 36.51 7.43 40.25
CA SER L 177 37.90 7.07 40.01
C SER L 177 38.25 5.61 39.81
N ASN L 178 37.50 4.72 40.40
CA ASN L 178 37.92 3.33 40.30
C ASN L 178 37.23 2.58 39.21
N THR L 179 38.01 2.23 38.19
CA THR L 179 37.53 1.59 36.99
C THR L 179 38.43 0.44 36.56
N GLN L 180 37.85 -0.49 35.80
CA GLN L 180 38.49 -1.68 35.29
C GLN L 180 38.03 -1.95 33.87
N GLY L 181 38.93 -2.31 32.96
CA GLY L 181 38.63 -2.49 31.55
C GLY L 181 38.17 -3.88 31.17
N THR L 182 37.59 -4.01 29.98
CA THR L 182 37.22 -5.32 29.40
C THR L 182 38.44 -6.17 29.02
N MET L 183 38.20 -7.42 28.61
CA MET L 183 39.18 -8.31 27.99
C MET L 183 38.78 -8.63 26.55
N ASP L 184 39.72 -8.47 25.62
CA ASP L 184 39.61 -8.92 24.24
C ASP L 184 39.93 -10.43 24.11
N LEU L 185 39.39 -11.06 23.06
CA LEU L 185 39.39 -12.52 22.92
C LEU L 185 40.81 -13.09 22.74
N GLU L 186 41.64 -12.47 21.89
CA GLU L 186 43.03 -12.90 21.70
C GLU L 186 43.88 -12.79 22.98
N ASP L 187 43.43 -12.05 24.00
CA ASP L 187 44.14 -11.85 25.26
C ASP L 187 43.58 -12.61 26.48
N LEU L 188 42.33 -13.08 26.46
CA LEU L 188 41.96 -14.20 27.29
C LEU L 188 42.79 -15.39 26.87
N ILE L 189 42.98 -15.58 25.56
CA ILE L 189 43.80 -16.67 25.02
C ILE L 189 45.25 -16.50 25.46
N SER L 190 45.85 -15.31 25.29
CA SER L 190 47.25 -15.17 25.65
C SER L 190 47.49 -15.29 27.14
N LYS L 191 46.48 -14.99 27.97
CA LYS L 191 46.63 -15.10 29.40
C LYS L 191 46.36 -16.49 29.98
N PHE L 192 45.34 -17.20 29.47
CA PHE L 192 44.99 -18.48 30.07
C PHE L 192 45.26 -19.74 29.23
N ILE L 193 45.43 -19.61 27.92
CA ILE L 193 45.62 -20.80 27.07
C ILE L 193 47.05 -21.03 26.55
N THR L 194 47.68 -19.96 25.99
CA THR L 194 49.03 -20.03 25.37
C THR L 194 50.12 -19.44 26.30
PG ANP M . -29.90 31.78 -16.31
O1G ANP M . -29.53 32.46 -17.58
O2G ANP M . -30.54 30.35 -16.46
O3G ANP M . -30.99 32.70 -15.72
PB ANP M . -28.94 31.34 -13.83
O1B ANP M . -29.86 32.27 -13.20
O2B ANP M . -29.59 29.84 -13.79
N3B ANP M . -28.70 31.78 -15.32
PA ANP M . -26.70 32.63 -12.81
O1A ANP M . -25.26 32.52 -13.06
O2A ANP M . -27.23 33.93 -13.50
O3A ANP M . -27.53 31.43 -13.32
O5' ANP M . -26.84 32.77 -11.23
C5' ANP M . -26.27 31.86 -10.24
C4' ANP M . -24.78 32.11 -9.80
O4' ANP M . -24.51 31.19 -8.72
C3' ANP M . -23.57 31.81 -10.77
O3' ANP M . -23.12 33.02 -11.41
C2' ANP M . -22.46 31.16 -9.80
O2' ANP M . -21.17 31.83 -9.72
C1' ANP M . -23.10 31.28 -8.38
N9 ANP M . -22.64 30.21 -7.43
C8 ANP M . -23.51 29.68 -6.50
N7 ANP M . -22.98 29.55 -5.33
C5 ANP M . -21.71 29.96 -5.38
C6 ANP M . -20.58 30.08 -4.44
N6 ANP M . -20.74 29.73 -3.18
N1 ANP M . -19.36 30.55 -4.82
C2 ANP M . -19.15 30.94 -6.15
N3 ANP M . -20.17 30.87 -7.11
C4 ANP M . -21.45 30.39 -6.75
MG MG N . -30.86 28.87 -15.16
MG MG O . -29.49 17.18 -29.89
PG ANP P . -31.45 15.79 -27.68
O1G ANP P . -31.59 15.87 -26.21
O2G ANP P . -30.55 16.96 -28.21
O3G ANP P . -32.89 15.85 -28.30
PB ANP P . -30.75 14.09 -29.61
O1B ANP P . -32.07 13.94 -30.18
O2B ANP P . -29.97 15.22 -30.43
N3B ANP P . -30.77 14.43 -28.09
PA ANP P . -30.08 11.63 -30.36
O1A ANP P . -31.36 10.92 -30.14
O2A ANP P . -29.97 12.04 -31.87
O3A ANP P . -29.98 12.83 -29.47
O5' ANP P . -28.83 10.64 -30.25
C5' ANP P . -28.36 9.70 -29.25
C4' ANP P . -29.33 8.51 -28.94
O4' ANP P . -28.68 7.25 -28.66
C3' ANP P . -30.28 8.70 -27.72
O3' ANP P . -31.46 7.88 -27.83
C2' ANP P . -29.33 8.23 -26.55
O2' ANP P . -30.04 7.64 -25.43
C1' ANP P . -28.40 7.13 -27.21
N9 ANP P . -26.92 7.19 -26.87
C8 ANP P . -26.13 8.26 -27.28
N7 ANP P . -25.04 7.90 -27.88
C5 ANP P . -24.97 6.57 -27.90
C6 ANP P . -24.03 5.53 -28.38
N6 ANP P . -22.91 5.85 -29.00
N1 ANP P . -24.26 4.20 -28.22
C2 ANP P . -25.40 3.75 -27.57
N3 ANP P . -26.35 4.67 -27.06
C4 ANP P . -26.16 6.07 -27.23
#